data_8T8A
#
_entry.id   8T8A
#
_cell.length_a   168.274
_cell.length_b   200.219
_cell.length_c   168.542
_cell.angle_alpha   90.00
_cell.angle_beta   90.00
_cell.angle_gamma   90.00
#
_symmetry.space_group_name_H-M   'C 2 2 21'
#
loop_
_entity.id
_entity.type
_entity.pdbx_description
1 polymer 'Amine oxidoreductase'
2 non-polymer 'FLAVIN-ADENINE DINUCLEOTIDE'
3 water water
#
_entity_poly.entity_id   1
_entity_poly.type   'polypeptide(L)'
_entity_poly.pdbx_seq_one_letter_code
;MHHHHHHMSQTQPLDVAIIGGGVSGTYSAWRLQEAQGDHQRIQLFEYSDRIGGRLFSINLPGLPNVVAEVGGMRWMPATK
DNTGGHVMVDKLVGELKLESKNFPMGSNLPDKDPVGAKDNLFYLRGERFRLRDFTEAPDKIPYKLAWSERGYGPEDLQVK
VMHNIYPGFDKLSLAEQMQVKVFGKEIWRYGFWDLLYRVLSNEGYQFMKDAGGYEANVANASAVTQLPATEYSDKTVFLT
LKKGFQALPLTLAKRFAEVPGGLIAGEQRIRMNRRLASVQFSDDTEYPYRLHFQATRTVDGKTSDVPGAEEIIHARQVIL
ALPRRSLELIQSPLFDDPWLKENIDSVLVQSAFKLFLAYEQPWWRSQGLVAGRSVTDLPIRQCYYMGTECEQDGGEKTLN
SLLMASYNDIGTVPFWKGLEDGAPFEGYQPKSLQGRIDANEVVPKMQYQISEEMVRIAQRQVTSLHDQIELPAPYSAVYH
AWDADPFGGGWHEWKANYRLDLIIQRMRHPVQEQEVYIVGEAYSYGQGWVEGALTTAESTLQDFFGLPRPAWLPEAYQLL
PAPAPVDIDNPPALACTDCKKTLTEVTEFAYTGIKA
;
_entity_poly.pdbx_strand_id   A,B,C,D
#
loop_
_chem_comp.id
_chem_comp.type
_chem_comp.name
_chem_comp.formula
FAD non-polymer 'FLAVIN-ADENINE DINUCLEOTIDE' 'C27 H33 N9 O15 P2'
#
# COMPACT_ATOMS: atom_id res chain seq x y z
N GLN A 12 47.06 38.04 -12.78
CA GLN A 12 46.85 37.49 -14.16
C GLN A 12 45.41 36.98 -14.25
N PRO A 13 44.71 37.14 -15.41
CA PRO A 13 43.30 36.74 -15.54
C PRO A 13 43.09 35.28 -15.98
N LEU A 14 41.83 34.82 -15.91
CA LEU A 14 41.42 33.40 -16.15
C LEU A 14 40.58 33.29 -17.43
N ASP A 15 40.86 32.30 -18.25
CA ASP A 15 40.07 32.10 -19.45
C ASP A 15 38.75 31.44 -19.09
N VAL A 16 38.75 30.59 -18.08
CA VAL A 16 37.53 29.93 -17.67
C VAL A 16 37.46 29.79 -16.17
N ALA A 17 36.25 29.84 -15.63
CA ALA A 17 36.08 29.72 -14.19
C ALA A 17 34.92 28.81 -13.84
N ILE A 18 35.19 27.51 -13.79
CA ILE A 18 34.12 26.51 -13.45
C ILE A 18 33.75 26.71 -11.97
N ILE A 19 32.71 27.51 -11.69
CA ILE A 19 32.24 27.85 -10.30
C ILE A 19 31.33 26.72 -9.82
N GLY A 20 31.50 26.27 -8.56
CA GLY A 20 30.76 25.13 -7.98
C GLY A 20 31.49 23.81 -8.19
N GLY A 21 31.81 23.11 -7.10
CA GLY A 21 32.67 21.90 -7.09
C GLY A 21 31.87 20.61 -7.10
N GLY A 22 30.61 20.67 -7.57
CA GLY A 22 29.74 19.49 -7.75
C GLY A 22 30.38 18.50 -8.71
N VAL A 23 29.79 17.32 -8.84
CA VAL A 23 30.24 16.28 -9.81
C VAL A 23 30.31 16.94 -11.21
N SER A 24 29.40 17.87 -11.52
CA SER A 24 29.35 18.64 -12.80
C SER A 24 30.63 19.44 -12.98
N GLY A 25 30.90 20.36 -12.05
CA GLY A 25 32.10 21.22 -12.06
C GLY A 25 33.36 20.40 -12.24
N THR A 26 33.58 19.46 -11.32
CA THR A 26 34.80 18.61 -11.20
C THR A 26 35.09 17.86 -12.51
N TYR A 27 34.04 17.44 -13.22
CA TYR A 27 34.13 16.78 -14.55
C TYR A 27 34.51 17.81 -15.61
N SER A 28 33.82 18.96 -15.58
CA SER A 28 34.02 20.13 -16.48
C SER A 28 35.51 20.53 -16.51
N ALA A 29 36.07 20.94 -15.37
CA ALA A 29 37.46 21.40 -15.34
C ALA A 29 38.45 20.33 -15.73
N TRP A 30 38.15 19.08 -15.43
CA TRP A 30 39.07 18.02 -15.74
C TRP A 30 39.28 17.96 -17.24
N ARG A 31 38.27 17.48 -17.95
CA ARG A 31 38.44 17.31 -19.39
C ARG A 31 39.09 18.52 -20.01
N LEU A 32 38.67 19.71 -19.59
CA LEU A 32 39.21 20.89 -20.20
C LEU A 32 40.71 20.89 -20.05
N GLN A 33 41.18 21.05 -18.83
CA GLN A 33 42.62 21.14 -18.62
C GLN A 33 43.26 20.01 -19.36
N GLU A 34 42.67 18.83 -19.23
CA GLU A 34 43.21 17.64 -19.95
C GLU A 34 43.54 17.99 -21.40
N ALA A 35 42.65 18.73 -22.06
CA ALA A 35 42.69 19.03 -23.51
C ALA A 35 43.13 20.49 -23.76
N GLN A 36 42.32 21.48 -23.35
CA GLN A 36 42.53 22.93 -23.62
C GLN A 36 43.01 23.66 -22.35
N GLY A 37 43.95 23.07 -21.59
CA GLY A 37 44.44 23.55 -20.28
C GLY A 37 45.81 24.19 -20.36
N ASP A 38 46.71 23.64 -21.20
CA ASP A 38 47.95 24.31 -21.65
C ASP A 38 47.54 25.47 -22.57
N HIS A 39 46.36 25.38 -23.21
CA HIS A 39 45.80 26.36 -24.19
C HIS A 39 45.04 27.50 -23.49
N GLN A 40 44.46 27.30 -22.29
CA GLN A 40 43.74 28.34 -21.52
C GLN A 40 43.96 28.15 -20.01
N ARG A 41 43.74 29.21 -19.23
CA ARG A 41 43.85 29.25 -17.75
C ARG A 41 42.54 28.77 -17.11
N ILE A 42 42.46 27.49 -16.72
CA ILE A 42 41.25 26.84 -16.12
C ILE A 42 41.45 26.76 -14.59
N GLN A 43 40.39 27.09 -13.83
CA GLN A 43 40.34 27.12 -12.35
C GLN A 43 38.93 26.77 -11.86
N LEU A 44 38.79 25.79 -10.95
CA LEU A 44 37.52 25.40 -10.28
C LEU A 44 37.41 26.16 -8.94
N PHE A 45 36.22 26.65 -8.59
CA PHE A 45 35.94 27.46 -7.37
C PHE A 45 34.91 26.76 -6.48
N GLU A 46 35.30 26.42 -5.25
CA GLU A 46 34.43 25.71 -4.27
C GLU A 46 34.05 26.65 -3.11
N TYR A 47 32.80 26.51 -2.65
CA TYR A 47 32.19 27.22 -1.51
C TYR A 47 32.92 26.85 -0.22
N SER A 48 33.24 25.56 -0.05
CA SER A 48 33.42 24.88 1.26
C SER A 48 34.82 24.27 1.40
N ASP A 49 35.01 23.46 2.46
CA ASP A 49 36.26 22.69 2.73
C ASP A 49 36.21 21.30 2.05
N ARG A 50 35.16 20.99 1.27
CA ARG A 50 34.89 19.61 0.75
C ARG A 50 34.48 19.67 -0.72
N ILE A 51 35.14 18.88 -1.59
CA ILE A 51 34.71 18.62 -2.99
C ILE A 51 33.61 17.55 -2.98
N GLY A 52 32.93 17.31 -4.09
CA GLY A 52 31.93 16.26 -4.14
C GLY A 52 30.51 16.74 -4.11
N GLY A 53 30.31 17.92 -3.56
CA GLY A 53 28.98 18.47 -3.49
C GLY A 53 28.02 17.48 -2.88
N ARG A 54 26.85 17.39 -3.46
CA ARG A 54 25.83 16.53 -2.89
C ARG A 54 26.38 15.15 -2.68
N LEU A 55 27.30 14.72 -3.52
CA LEU A 55 27.91 13.44 -3.28
C LEU A 55 28.70 13.58 -2.00
N PHE A 56 28.30 12.85 -0.97
CA PHE A 56 29.01 12.90 0.29
C PHE A 56 29.17 11.49 0.79
N SER A 57 30.37 11.15 1.24
CA SER A 57 30.68 9.76 1.69
C SER A 57 31.48 9.82 3.00
N ILE A 58 30.79 9.69 4.14
CA ILE A 58 31.40 9.50 5.49
C ILE A 58 31.43 8.01 5.82
N ASN A 59 32.48 7.59 6.53
CA ASN A 59 32.58 6.26 7.19
C ASN A 59 32.31 6.46 8.69
N LEU A 60 31.13 6.08 9.18
CA LEU A 60 30.84 6.15 10.64
C LEU A 60 31.86 5.28 11.37
N PRO A 61 32.38 5.72 12.54
CA PRO A 61 33.34 4.93 13.31
C PRO A 61 32.78 3.53 13.63
N GLY A 62 33.62 2.50 13.56
CA GLY A 62 33.21 1.09 13.78
C GLY A 62 32.70 0.47 12.49
N LEU A 63 32.18 1.30 11.58
CA LEU A 63 31.76 0.91 10.22
C LEU A 63 32.68 1.61 9.22
N PRO A 64 34.00 1.31 9.24
CA PRO A 64 34.95 1.87 8.26
C PRO A 64 34.80 1.33 6.83
N ASN A 65 34.04 0.26 6.62
CA ASN A 65 33.83 -0.33 5.27
C ASN A 65 32.33 -0.34 4.92
N VAL A 66 31.47 0.32 5.72
CA VAL A 66 30.03 0.52 5.40
C VAL A 66 29.78 2.02 5.21
N VAL A 67 29.96 2.46 3.96
CA VAL A 67 29.86 3.88 3.54
C VAL A 67 28.43 4.35 3.82
N ALA A 68 28.29 5.52 4.42
CA ALA A 68 26.99 6.06 4.74
C ALA A 68 26.72 7.22 3.84
N GLU A 69 26.65 6.97 2.55
CA GLU A 69 26.49 8.06 1.62
C GLU A 69 25.34 8.98 1.98
N VAL A 70 25.66 10.12 2.54
CA VAL A 70 24.64 11.09 2.89
C VAL A 70 23.97 11.61 1.65
N GLY A 71 24.74 11.92 0.63
CA GLY A 71 24.21 12.36 -0.66
C GLY A 71 23.95 11.18 -1.58
N GLY A 72 24.54 11.20 -2.76
CA GLY A 72 24.35 10.17 -3.80
C GLY A 72 24.84 8.82 -3.31
N MET A 73 24.27 7.77 -3.88
CA MET A 73 24.66 6.44 -3.51
C MET A 73 24.89 5.57 -4.72
N ARG A 74 23.89 5.38 -5.56
CA ARG A 74 24.03 4.41 -6.65
C ARG A 74 23.91 4.87 -8.08
N TRP A 75 24.13 3.94 -9.01
CA TRP A 75 24.00 4.25 -10.43
C TRP A 75 23.56 3.04 -11.24
N MET A 76 22.66 3.23 -12.19
CA MET A 76 22.18 2.12 -13.04
C MET A 76 23.31 1.72 -13.98
N PRO A 77 23.66 0.42 -14.12
CA PRO A 77 24.72 0.01 -15.02
C PRO A 77 24.28 0.28 -16.47
N ALA A 78 25.25 0.45 -17.39
CA ALA A 78 24.98 0.67 -18.83
C ALA A 78 24.48 -0.64 -19.45
N THR A 79 23.59 -0.54 -20.43
CA THR A 79 23.10 -1.66 -21.26
C THR A 79 24.18 -2.02 -22.29
N LYS A 80 24.01 -3.12 -23.03
CA LYS A 80 24.99 -3.61 -24.04
C LYS A 80 24.86 -2.78 -25.33
N ASP A 81 23.68 -2.21 -25.64
CA ASP A 81 23.53 -1.22 -26.74
C ASP A 81 24.09 0.15 -26.30
N ASN A 82 24.18 0.39 -24.99
CA ASN A 82 24.85 1.57 -24.36
C ASN A 82 24.01 2.84 -24.51
N THR A 83 22.85 2.76 -25.18
CA THR A 83 21.86 3.87 -25.34
C THR A 83 20.98 3.98 -24.08
N GLY A 84 20.99 2.94 -23.25
CA GLY A 84 20.22 2.85 -21.98
C GLY A 84 21.14 2.58 -20.80
N GLY A 85 20.73 3.04 -19.62
CA GLY A 85 21.55 2.98 -18.39
C GLY A 85 22.38 4.24 -18.20
N HIS A 86 22.80 4.51 -16.96
CA HIS A 86 23.68 5.65 -16.58
C HIS A 86 25.04 5.47 -17.26
N VAL A 87 25.06 5.57 -18.59
CA VAL A 87 26.23 5.28 -19.48
C VAL A 87 27.41 6.15 -19.01
N MET A 88 27.20 7.45 -18.90
CA MET A 88 28.29 8.39 -18.54
C MET A 88 28.97 7.91 -17.25
N VAL A 89 28.21 7.73 -16.18
CA VAL A 89 28.80 7.38 -14.86
C VAL A 89 29.63 6.11 -15.04
N ASP A 90 29.03 5.06 -15.62
CA ASP A 90 29.49 3.64 -15.58
C ASP A 90 30.72 3.41 -16.48
N LYS A 91 31.16 4.41 -17.27
CA LYS A 91 32.36 4.30 -18.14
C LYS A 91 33.53 5.11 -17.56
N LEU A 92 33.26 6.18 -16.80
CA LEU A 92 34.29 7.02 -16.11
C LEU A 92 34.74 6.30 -14.82
N VAL A 93 33.85 5.52 -14.22
CA VAL A 93 34.09 4.61 -13.06
C VAL A 93 35.13 3.55 -13.46
N GLY A 94 35.20 3.22 -14.76
CA GLY A 94 36.25 2.36 -15.34
C GLY A 94 37.48 3.16 -15.73
N GLU A 95 37.29 4.33 -16.35
CA GLU A 95 38.37 5.17 -16.94
C GLU A 95 39.25 5.72 -15.83
N LEU A 96 38.66 6.39 -14.84
CA LEU A 96 39.38 6.89 -13.63
C LEU A 96 39.76 5.69 -12.75
N LYS A 97 39.30 4.48 -13.11
CA LYS A 97 39.52 3.17 -12.42
C LYS A 97 39.08 3.30 -10.95
N LEU A 98 37.79 3.19 -10.69
CA LEU A 98 37.21 3.30 -9.32
C LEU A 98 36.45 2.01 -9.00
N GLU A 99 36.61 1.52 -7.77
CA GLU A 99 36.05 0.22 -7.29
C GLU A 99 34.53 0.34 -7.19
N SER A 100 33.80 -0.65 -7.72
CA SER A 100 32.31 -0.71 -7.78
C SER A 100 31.82 -2.06 -7.26
N LYS A 101 30.89 -2.01 -6.30
CA LYS A 101 30.21 -3.18 -5.69
C LYS A 101 28.73 -3.10 -6.05
N ASN A 102 28.00 -4.21 -6.03
CA ASN A 102 26.51 -4.17 -6.22
C ASN A 102 25.88 -3.41 -5.05
N PHE A 103 24.97 -2.50 -5.35
CA PHE A 103 24.01 -1.90 -4.39
C PHE A 103 22.78 -2.80 -4.32
N PRO A 104 22.60 -3.59 -3.24
CA PRO A 104 21.48 -4.54 -3.17
C PRO A 104 20.22 -3.80 -2.73
N MET A 105 19.11 -4.11 -3.37
CA MET A 105 17.75 -3.66 -3.00
C MET A 105 16.98 -4.85 -2.40
N GLY A 106 17.43 -6.08 -2.69
CA GLY A 106 16.81 -7.33 -2.21
C GLY A 106 17.80 -8.19 -1.44
N SER A 107 17.32 -9.32 -0.89
CA SER A 107 18.14 -10.37 -0.22
C SER A 107 18.48 -11.48 -1.23
N ASN A 108 19.77 -11.77 -1.38
CA ASN A 108 20.33 -12.85 -2.25
C ASN A 108 19.96 -14.21 -1.65
N LEU A 109 19.85 -14.32 -0.32
CA LEU A 109 19.43 -15.55 0.42
C LEU A 109 17.90 -15.64 0.36
N PRO A 110 17.30 -16.86 0.17
CA PRO A 110 18.01 -18.10 -0.09
C PRO A 110 18.59 -18.20 -1.52
N ASP A 111 19.85 -18.66 -1.64
CA ASP A 111 20.58 -18.81 -2.93
C ASP A 111 19.67 -19.48 -3.97
N LYS A 112 18.90 -20.51 -3.56
CA LYS A 112 18.05 -21.34 -4.44
C LYS A 112 16.95 -20.48 -5.05
N ASP A 113 16.13 -19.88 -4.17
CA ASP A 113 14.90 -19.10 -4.51
C ASP A 113 15.00 -17.74 -3.81
N PRO A 114 15.78 -16.77 -4.36
CA PRO A 114 16.02 -15.50 -3.67
C PRO A 114 14.71 -14.70 -3.57
N VAL A 115 14.26 -14.43 -2.34
CA VAL A 115 12.96 -13.71 -2.08
C VAL A 115 13.10 -12.25 -2.55
N GLY A 116 14.34 -11.74 -2.61
CA GLY A 116 14.62 -10.33 -2.96
C GLY A 116 13.88 -9.40 -2.01
N ALA A 117 13.21 -8.38 -2.55
CA ALA A 117 12.50 -7.38 -1.73
C ALA A 117 11.10 -7.87 -1.35
N LYS A 118 10.67 -9.04 -1.87
CA LYS A 118 9.30 -9.57 -1.67
C LYS A 118 8.94 -9.52 -0.17
N ASP A 119 9.89 -9.91 0.68
CA ASP A 119 9.64 -10.09 2.14
C ASP A 119 9.82 -8.75 2.87
N ASN A 120 10.39 -7.72 2.24
CA ASN A 120 10.62 -6.40 2.88
C ASN A 120 9.30 -5.83 3.40
N LEU A 121 9.36 -5.03 4.47
CA LEU A 121 8.19 -4.75 5.34
C LEU A 121 7.39 -3.55 4.81
N PHE A 122 6.10 -3.54 5.16
CA PHE A 122 5.11 -2.45 4.93
C PHE A 122 4.26 -2.27 6.21
N TYR A 123 4.11 -1.04 6.69
CA TYR A 123 3.31 -0.71 7.90
C TYR A 123 2.46 0.55 7.67
N LEU A 124 1.43 0.43 6.84
CA LEU A 124 0.54 1.56 6.43
C LEU A 124 -0.81 1.40 7.14
N ARG A 125 -1.35 2.49 7.68
CA ARG A 125 -2.72 2.56 8.27
C ARG A 125 -2.82 1.57 9.43
N GLY A 126 -1.72 1.41 10.18
CA GLY A 126 -1.64 0.51 11.35
C GLY A 126 -1.90 -0.96 11.00
N GLU A 127 -1.47 -1.42 9.83
CA GLU A 127 -1.58 -2.84 9.39
C GLU A 127 -0.25 -3.22 8.75
N ARG A 128 0.27 -4.42 9.01
CA ARG A 128 1.64 -4.82 8.59
C ARG A 128 1.58 -5.92 7.52
N PHE A 129 2.30 -5.74 6.41
CA PHE A 129 2.39 -6.70 5.29
C PHE A 129 3.78 -6.62 4.63
N ARG A 130 3.92 -7.22 3.45
CA ARG A 130 5.18 -7.25 2.66
C ARG A 130 4.86 -7.08 1.18
N LEU A 131 5.88 -6.78 0.35
CA LEU A 131 5.77 -6.54 -1.11
C LEU A 131 5.11 -7.74 -1.79
N ARG A 132 5.33 -8.95 -1.26
CA ARG A 132 4.71 -10.18 -1.80
C ARG A 132 3.21 -10.13 -1.54
N ASP A 133 2.77 -9.61 -0.39
CA ASP A 133 1.33 -9.61 0.02
C ASP A 133 0.48 -8.77 -0.95
N PHE A 134 1.10 -8.02 -1.87
CA PHE A 134 0.38 -7.33 -2.97
C PHE A 134 -0.16 -8.42 -3.92
N THR A 135 0.73 -9.21 -4.53
CA THR A 135 0.39 -10.22 -5.58
C THR A 135 0.01 -11.55 -4.93
N GLU A 136 0.25 -11.72 -3.62
CA GLU A 136 -0.02 -13.00 -2.90
C GLU A 136 -1.37 -12.91 -2.18
N ALA A 137 -1.62 -11.83 -1.45
CA ALA A 137 -2.85 -11.72 -0.70
C ALA A 137 -3.29 -10.28 -0.53
N PRO A 138 -3.87 -9.72 -1.57
CA PRO A 138 -4.28 -8.33 -1.53
C PRO A 138 -5.25 -8.09 -0.41
N ASP A 139 -5.84 -9.16 0.07
CA ASP A 139 -6.82 -9.03 1.11
C ASP A 139 -6.25 -8.21 2.23
N LYS A 140 -4.93 -8.24 2.38
CA LYS A 140 -4.32 -7.55 3.51
C LYS A 140 -3.97 -6.07 3.29
N ILE A 141 -4.14 -5.57 2.08
CA ILE A 141 -3.90 -4.16 1.84
C ILE A 141 -5.07 -3.40 2.41
N PRO A 142 -4.82 -2.46 3.32
CA PRO A 142 -5.92 -1.79 4.02
C PRO A 142 -6.30 -0.49 3.30
N TYR A 143 -6.51 -0.58 1.97
CA TYR A 143 -6.88 0.53 1.05
C TYR A 143 -8.09 0.08 0.22
N LYS A 144 -9.05 0.99 -0.04
CA LYS A 144 -10.29 0.66 -0.81
C LYS A 144 -10.03 0.86 -2.30
N LEU A 145 -8.95 0.24 -2.81
CA LEU A 145 -8.61 0.17 -4.25
C LEU A 145 -9.79 -0.48 -4.96
N ALA A 146 -10.31 0.14 -6.01
CA ALA A 146 -11.43 -0.42 -6.80
C ALA A 146 -10.97 -1.71 -7.47
N TRP A 147 -11.93 -2.58 -7.74
CA TRP A 147 -11.78 -3.90 -8.38
C TRP A 147 -10.61 -3.88 -9.37
N SER A 148 -10.75 -3.07 -10.40
CA SER A 148 -9.78 -2.92 -11.51
C SER A 148 -8.35 -2.84 -10.95
N GLU A 149 -8.17 -2.07 -9.86
CA GLU A 149 -6.85 -1.65 -9.32
C GLU A 149 -6.36 -2.69 -8.30
N ARG A 150 -7.29 -3.35 -7.60
CA ARG A 150 -6.98 -4.38 -6.56
C ARG A 150 -6.11 -5.48 -7.21
N GLY A 151 -4.85 -5.63 -6.76
CA GLY A 151 -3.97 -6.74 -7.15
C GLY A 151 -2.69 -6.32 -7.84
N TYR A 152 -2.37 -5.02 -7.89
CA TYR A 152 -1.13 -4.47 -8.51
C TYR A 152 -0.25 -3.89 -7.41
N GLY A 153 1.07 -4.09 -7.49
CA GLY A 153 2.07 -3.46 -6.60
C GLY A 153 2.31 -2.01 -6.98
N PRO A 154 2.83 -1.15 -6.06
CA PRO A 154 2.94 0.27 -6.36
C PRO A 154 3.56 0.47 -7.75
N GLU A 155 4.77 -0.08 -7.95
CA GLU A 155 5.49 -0.06 -9.26
C GLU A 155 4.49 -0.49 -10.34
N ASP A 156 4.11 -1.76 -10.35
CA ASP A 156 3.16 -2.39 -11.31
C ASP A 156 1.99 -1.43 -11.63
N LEU A 157 1.41 -0.77 -10.61
CA LEU A 157 0.21 0.09 -10.81
C LEU A 157 0.58 1.24 -11.75
N GLN A 158 1.62 1.99 -11.40
CA GLN A 158 2.13 3.15 -12.18
C GLN A 158 2.23 2.77 -13.66
N VAL A 159 2.67 1.54 -13.96
CA VAL A 159 2.87 1.04 -15.34
C VAL A 159 1.50 0.76 -15.98
N LYS A 160 0.55 0.21 -15.21
CA LYS A 160 -0.86 0.01 -15.65
C LYS A 160 -1.44 1.37 -16.09
N VAL A 161 -1.19 2.39 -15.29
CA VAL A 161 -1.66 3.72 -15.61
C VAL A 161 -0.95 4.21 -16.84
N MET A 162 0.36 4.11 -16.84
CA MET A 162 1.11 4.62 -17.95
C MET A 162 0.52 4.04 -19.20
N HIS A 163 0.45 2.73 -19.23
CA HIS A 163 -0.05 2.08 -20.40
C HIS A 163 -1.43 2.59 -20.69
N ASN A 164 -2.25 2.67 -19.65
CA ASN A 164 -3.60 3.10 -19.84
C ASN A 164 -3.62 4.38 -20.65
N ILE A 165 -2.62 5.23 -20.44
CA ILE A 165 -2.54 6.47 -21.22
C ILE A 165 -2.20 6.13 -22.66
N TYR A 166 -0.94 6.32 -23.04
CA TYR A 166 -0.53 5.95 -24.39
C TYR A 166 0.34 4.75 -24.30
N PRO A 167 -0.24 3.60 -24.57
CA PRO A 167 0.55 2.37 -24.57
C PRO A 167 1.94 2.58 -25.13
N GLY A 168 2.96 2.29 -24.33
CA GLY A 168 4.34 2.37 -24.81
C GLY A 168 5.00 3.66 -24.42
N PHE A 169 4.32 4.44 -23.62
CA PHE A 169 4.85 5.78 -23.25
C PHE A 169 6.33 5.65 -22.86
N ASP A 170 6.71 4.52 -22.25
CA ASP A 170 8.10 4.23 -21.79
C ASP A 170 9.03 4.03 -22.98
N LYS A 171 8.48 3.74 -24.16
CA LYS A 171 9.25 3.40 -25.39
C LYS A 171 9.51 4.66 -26.22
N LEU A 172 8.71 5.71 -26.05
CA LEU A 172 8.78 6.97 -26.87
C LEU A 172 10.03 7.78 -26.46
N SER A 173 10.70 8.41 -27.44
CA SER A 173 11.74 9.44 -27.21
C SER A 173 11.02 10.68 -26.64
N LEU A 174 11.72 11.50 -25.85
CA LEU A 174 11.14 12.67 -25.15
C LEU A 174 10.27 13.45 -26.15
N ALA A 175 10.81 13.69 -27.35
CA ALA A 175 10.15 14.38 -28.48
C ALA A 175 8.71 13.88 -28.64
N GLU A 176 8.53 12.59 -28.87
CA GLU A 176 7.21 11.96 -29.11
C GLU A 176 6.37 12.03 -27.82
N GLN A 177 7.00 11.77 -26.67
CA GLN A 177 6.35 11.76 -25.34
C GLN A 177 5.62 13.09 -25.13
N MET A 178 6.30 14.21 -25.38
CA MET A 178 5.79 15.59 -25.11
C MET A 178 4.46 15.79 -25.86
N GLN A 179 4.33 15.18 -27.04
CA GLN A 179 3.19 15.36 -27.98
C GLN A 179 2.00 14.50 -27.52
N VAL A 180 2.23 13.46 -26.73
CA VAL A 180 1.18 12.57 -26.16
C VAL A 180 0.31 13.40 -25.20
N LYS A 181 -0.94 13.67 -25.60
CA LYS A 181 -1.98 14.29 -24.73
C LYS A 181 -2.76 13.16 -24.04
N VAL A 182 -3.49 13.54 -22.98
CA VAL A 182 -4.32 12.63 -22.25
C VAL A 182 -5.55 13.43 -21.85
N PHE A 183 -6.74 12.94 -22.14
CA PHE A 183 -8.03 13.63 -21.84
C PHE A 183 -8.04 15.05 -22.41
N GLY A 184 -7.35 15.28 -23.53
CA GLY A 184 -7.30 16.56 -24.27
C GLY A 184 -6.39 17.60 -23.64
N LYS A 185 -5.17 17.20 -23.29
CA LYS A 185 -4.16 18.05 -22.63
C LYS A 185 -2.81 17.38 -22.88
N GLU A 186 -1.71 18.14 -22.95
CA GLU A 186 -0.35 17.58 -23.13
C GLU A 186 0.00 16.89 -21.81
N ILE A 187 0.64 15.72 -21.84
CA ILE A 187 1.02 14.95 -20.62
C ILE A 187 1.85 15.86 -19.70
N TRP A 188 2.68 16.75 -20.26
CA TRP A 188 3.61 17.63 -19.49
C TRP A 188 2.87 18.84 -18.91
N ARG A 189 1.62 19.07 -19.33
CA ARG A 189 0.73 20.13 -18.79
C ARG A 189 0.14 19.67 -17.45
N TYR A 190 -0.17 18.38 -17.31
CA TYR A 190 -0.57 17.75 -16.02
C TYR A 190 0.64 17.71 -15.08
N GLY A 191 0.42 17.54 -13.79
CA GLY A 191 1.53 17.36 -12.88
C GLY A 191 1.76 15.87 -12.83
N PHE A 192 1.76 15.28 -11.64
CA PHE A 192 1.87 13.85 -11.53
C PHE A 192 0.65 13.37 -10.82
N TRP A 193 0.37 14.00 -9.70
CA TRP A 193 -0.79 13.63 -8.96
C TRP A 193 -2.02 14.11 -9.69
N ASP A 194 -2.02 15.36 -10.09
CA ASP A 194 -3.17 15.91 -10.79
C ASP A 194 -3.63 14.89 -11.81
N LEU A 195 -2.71 14.25 -12.48
CA LEU A 195 -3.03 13.17 -13.46
C LEU A 195 -3.67 11.98 -12.72
N LEU A 196 -2.91 11.33 -11.84
CA LEU A 196 -3.28 10.05 -11.15
C LEU A 196 -4.65 10.18 -10.44
N TYR A 197 -5.00 11.36 -9.90
CA TYR A 197 -6.32 11.64 -9.29
C TYR A 197 -7.40 11.79 -10.36
N ARG A 198 -7.13 11.32 -11.58
CA ARG A 198 -8.14 11.16 -12.68
C ARG A 198 -8.08 9.76 -13.29
N VAL A 199 -7.07 8.95 -12.95
CA VAL A 199 -6.91 7.57 -13.50
C VAL A 199 -7.04 6.55 -12.37
N LEU A 200 -6.89 6.98 -11.11
CA LEU A 200 -6.93 6.12 -9.90
C LEU A 200 -8.13 6.49 -9.03
N SER A 201 -8.65 5.53 -8.27
CA SER A 201 -9.60 5.76 -7.15
C SER A 201 -8.87 6.56 -6.06
N ASN A 202 -9.56 7.46 -5.36
CA ASN A 202 -8.94 8.41 -4.40
C ASN A 202 -8.17 7.65 -3.31
N GLU A 203 -8.49 6.37 -3.08
CA GLU A 203 -7.69 5.49 -2.19
C GLU A 203 -6.40 5.09 -2.92
N GLY A 204 -6.53 4.41 -4.06
CA GLY A 204 -5.42 4.06 -4.98
C GLY A 204 -4.48 5.24 -5.25
N TYR A 205 -5.00 6.46 -5.25
CA TYR A 205 -4.22 7.73 -5.29
C TYR A 205 -3.43 7.82 -3.98
N GLN A 206 -4.14 7.98 -2.86
CA GLN A 206 -3.55 8.06 -1.51
C GLN A 206 -2.52 6.96 -1.38
N PHE A 207 -2.87 5.73 -1.80
CA PHE A 207 -2.06 4.50 -1.60
C PHE A 207 -0.68 4.69 -2.24
N MET A 208 -0.64 5.12 -3.50
CA MET A 208 0.63 5.32 -4.24
C MET A 208 1.43 6.46 -3.59
N LYS A 209 0.74 7.44 -3.03
CA LYS A 209 1.35 8.59 -2.30
C LYS A 209 1.96 8.11 -0.97
N ASP A 210 1.71 6.87 -0.59
CA ASP A 210 2.20 6.40 0.68
C ASP A 210 3.24 5.35 0.45
N ALA A 211 3.48 5.00 -0.81
CA ALA A 211 4.45 3.97 -1.12
C ALA A 211 4.86 3.97 -2.57
N GLY A 212 6.15 4.08 -2.86
CA GLY A 212 6.62 4.02 -4.21
C GLY A 212 7.81 4.93 -4.37
N GLY A 213 8.92 4.39 -4.86
CA GLY A 213 10.11 5.20 -5.09
C GLY A 213 10.66 5.92 -3.89
N TYR A 214 10.57 7.24 -3.88
CA TYR A 214 11.10 8.03 -2.78
C TYR A 214 10.13 8.08 -1.63
N GLU A 215 9.45 9.19 -1.46
CA GLU A 215 8.56 9.29 -0.33
C GLU A 215 7.53 10.37 -0.52
N ALA A 216 7.37 11.23 0.46
CA ALA A 216 6.41 12.32 0.37
C ALA A 216 6.76 13.11 -0.84
N ASN A 217 7.89 12.78 -1.45
CA ASN A 217 8.30 13.44 -2.66
C ASN A 217 7.37 13.04 -3.77
N VAL A 218 7.93 12.57 -4.87
CA VAL A 218 7.10 12.27 -5.99
C VAL A 218 6.17 13.47 -6.09
N ALA A 219 6.73 14.66 -5.99
CA ALA A 219 5.91 15.85 -6.00
C ALA A 219 5.29 16.08 -7.34
N ASN A 220 4.20 16.83 -7.37
CA ASN A 220 3.54 17.11 -8.63
C ASN A 220 4.57 17.63 -9.60
N ALA A 221 5.02 16.77 -10.50
CA ALA A 221 6.03 17.16 -11.45
C ALA A 221 5.64 16.74 -12.85
N SER A 222 6.25 17.34 -13.86
CA SER A 222 5.89 17.00 -15.26
C SER A 222 5.74 15.49 -15.34
N ALA A 223 4.57 15.03 -15.81
CA ALA A 223 4.22 13.59 -15.92
C ALA A 223 5.18 12.90 -16.90
N VAL A 224 5.80 13.66 -17.81
CA VAL A 224 6.70 13.11 -18.88
C VAL A 224 8.01 12.63 -18.26
N THR A 225 8.35 13.13 -17.06
CA THR A 225 9.54 12.74 -16.28
C THR A 225 9.17 11.67 -15.24
N GLN A 226 8.00 11.79 -14.59
CA GLN A 226 7.63 11.08 -13.34
C GLN A 226 6.73 9.86 -13.61
N LEU A 227 6.27 9.65 -14.84
CA LEU A 227 5.43 8.47 -15.19
C LEU A 227 6.30 7.29 -15.65
N PRO A 228 7.39 7.50 -16.42
CA PRO A 228 8.34 6.42 -16.66
C PRO A 228 9.36 6.28 -15.52
N ALA A 229 9.03 6.78 -14.33
CA ALA A 229 9.85 6.65 -13.09
C ALA A 229 9.45 5.37 -12.34
N THR A 230 9.54 4.22 -12.98
CA THR A 230 9.19 2.98 -12.33
C THR A 230 10.46 2.20 -12.15
N GLU A 231 11.54 2.69 -12.70
CA GLU A 231 12.82 2.00 -12.62
C GLU A 231 13.12 1.42 -11.25
N TYR A 232 12.72 2.12 -10.19
CA TYR A 232 13.06 1.65 -8.85
C TYR A 232 12.35 0.36 -8.47
N SER A 233 12.68 -0.73 -9.12
CA SER A 233 12.12 -2.05 -8.74
C SER A 233 13.23 -2.97 -8.19
N ASP A 234 12.89 -4.22 -7.83
CA ASP A 234 13.82 -5.23 -7.26
C ASP A 234 14.41 -6.14 -8.35
N LYS A 235 14.09 -5.89 -9.63
CA LYS A 235 14.69 -6.62 -10.78
C LYS A 235 15.84 -5.78 -11.34
N THR A 236 15.85 -4.48 -11.00
CA THR A 236 16.78 -3.44 -11.53
C THR A 236 18.15 -3.57 -10.83
N VAL A 237 19.21 -3.80 -11.60
CA VAL A 237 20.61 -3.88 -11.07
C VAL A 237 21.07 -2.45 -10.78
N PHE A 238 22.00 -2.29 -9.83
CA PHE A 238 22.52 -0.99 -9.36
C PHE A 238 23.88 -1.20 -8.67
N LEU A 239 24.78 -0.23 -8.78
CA LEU A 239 26.16 -0.28 -8.21
C LEU A 239 26.49 1.07 -7.54
N THR A 240 27.12 1.03 -6.36
CA THR A 240 27.72 2.20 -5.68
C THR A 240 29.24 1.99 -5.56
N LEU A 241 30.01 3.06 -5.67
CA LEU A 241 31.48 2.99 -5.58
C LEU A 241 31.85 2.44 -4.19
N LYS A 242 32.79 1.48 -4.15
CA LYS A 242 33.31 0.88 -2.88
C LYS A 242 33.70 2.01 -1.94
N LYS A 243 34.47 2.98 -2.45
CA LYS A 243 35.06 4.10 -1.67
C LYS A 243 33.98 5.16 -1.34
N GLY A 244 32.71 4.93 -1.71
CA GLY A 244 31.61 5.89 -1.51
C GLY A 244 31.53 6.88 -2.67
N PHE A 245 30.30 7.28 -3.06
CA PHE A 245 30.03 7.96 -4.36
C PHE A 245 30.86 9.25 -4.46
N GLN A 246 31.19 9.86 -3.33
CA GLN A 246 32.05 11.06 -3.28
C GLN A 246 33.43 10.77 -3.90
N ALA A 247 33.81 9.50 -4.01
CA ALA A 247 35.09 9.06 -4.61
C ALA A 247 35.26 9.67 -6.01
N LEU A 248 34.25 9.51 -6.87
CA LEU A 248 34.30 9.99 -8.28
C LEU A 248 34.64 11.49 -8.30
N PRO A 249 33.78 12.40 -7.77
CA PRO A 249 34.07 13.84 -7.83
C PRO A 249 35.20 14.33 -6.90
N LEU A 250 36.05 13.41 -6.45
CA LEU A 250 37.32 13.73 -5.75
C LEU A 250 38.47 13.28 -6.65
N THR A 251 38.46 12.04 -7.14
CA THR A 251 39.44 11.54 -8.13
C THR A 251 39.48 12.51 -9.31
N LEU A 252 38.31 13.05 -9.69
CA LEU A 252 38.20 14.14 -10.68
C LEU A 252 38.92 15.38 -10.14
N ALA A 253 38.53 15.86 -8.96
CA ALA A 253 39.12 17.05 -8.30
C ALA A 253 40.64 16.90 -8.21
N LYS A 254 41.13 15.72 -7.81
CA LYS A 254 42.58 15.38 -7.80
C LYS A 254 43.08 15.40 -9.24
N ARG A 255 42.57 14.49 -10.08
CA ARG A 255 42.97 14.31 -11.50
C ARG A 255 43.06 15.67 -12.21
N PHE A 256 42.09 16.56 -11.99
CA PHE A 256 42.09 17.95 -12.54
C PHE A 256 43.47 18.59 -12.29
N ALA A 257 43.84 18.76 -11.02
CA ALA A 257 45.10 19.41 -10.61
C ALA A 257 46.32 18.54 -10.98
N GLU A 258 46.10 17.29 -11.42
CA GLU A 258 47.16 16.28 -11.72
C GLU A 258 47.46 16.24 -13.24
N VAL A 259 46.87 17.12 -14.05
CA VAL A 259 47.14 17.20 -15.52
C VAL A 259 48.51 17.86 -15.71
N PRO A 260 49.48 17.20 -16.39
CA PRO A 260 50.82 17.74 -16.53
C PRO A 260 50.84 19.09 -17.28
N GLY A 261 50.34 19.08 -18.52
CA GLY A 261 50.29 20.26 -19.41
C GLY A 261 49.29 21.29 -18.89
N GLY A 262 49.79 22.37 -18.27
CA GLY A 262 48.97 23.44 -17.70
C GLY A 262 49.76 24.74 -17.56
N LEU A 263 49.14 25.86 -17.96
CA LEU A 263 49.64 27.23 -17.68
C LEU A 263 49.78 27.40 -16.17
N ILE A 264 48.72 27.07 -15.42
CA ILE A 264 48.65 27.14 -13.93
C ILE A 264 48.96 25.75 -13.34
N ALA A 265 49.78 25.68 -12.28
CA ALA A 265 50.16 24.45 -11.56
C ALA A 265 48.97 23.98 -10.70
N GLY A 266 49.00 22.72 -10.24
CA GLY A 266 47.92 22.06 -9.49
C GLY A 266 47.61 22.78 -8.19
N GLU A 267 48.58 23.47 -7.59
CA GLU A 267 48.49 24.13 -6.27
C GLU A 267 47.53 25.33 -6.29
N GLN A 268 47.34 25.97 -7.45
CA GLN A 268 46.49 27.18 -7.60
C GLN A 268 45.20 26.85 -8.38
N ARG A 269 45.10 25.66 -8.97
CA ARG A 269 44.00 25.24 -9.89
C ARG A 269 42.66 25.13 -9.13
N ILE A 270 42.60 24.34 -8.05
CA ILE A 270 41.36 24.06 -7.26
C ILE A 270 41.32 25.05 -6.08
N ARG A 271 40.62 26.18 -6.23
CA ARG A 271 40.50 27.28 -5.23
C ARG A 271 39.22 27.12 -4.39
N MET A 272 39.31 26.44 -3.24
CA MET A 272 38.16 26.18 -2.34
C MET A 272 37.87 27.44 -1.53
N ASN A 273 36.98 27.33 -0.53
CA ASN A 273 36.58 28.41 0.43
C ASN A 273 36.50 29.76 -0.31
N ARG A 274 35.86 29.73 -1.48
CA ARG A 274 35.58 30.90 -2.37
C ARG A 274 34.12 30.81 -2.83
N ARG A 275 33.23 31.65 -2.28
CA ARG A 275 31.78 31.70 -2.60
C ARG A 275 31.48 32.89 -3.51
N LEU A 276 31.01 32.63 -4.73
CA LEU A 276 30.67 33.70 -5.70
C LEU A 276 29.36 34.37 -5.27
N ALA A 277 29.38 35.69 -5.10
CA ALA A 277 28.21 36.53 -4.70
C ALA A 277 27.72 37.42 -5.86
N SER A 278 28.61 37.88 -6.75
CA SER A 278 28.27 38.75 -7.91
C SER A 278 29.03 38.34 -9.17
N VAL A 279 28.32 38.03 -10.25
CA VAL A 279 28.86 38.04 -11.63
C VAL A 279 28.49 39.38 -12.27
N GLN A 280 29.47 40.12 -12.77
CA GLN A 280 29.30 41.50 -13.28
C GLN A 280 29.98 41.62 -14.66
N PHE A 281 29.42 42.46 -15.54
CA PHE A 281 29.96 42.78 -16.89
C PHE A 281 31.06 43.83 -16.75
N SER A 282 32.32 43.40 -16.86
CA SER A 282 33.46 44.30 -16.69
C SER A 282 33.65 45.23 -17.83
N ASP A 283 34.87 45.76 -17.92
CA ASP A 283 35.18 46.67 -18.99
C ASP A 283 36.17 45.99 -19.92
N ASP A 284 36.90 45.01 -19.38
CA ASP A 284 37.83 44.28 -20.21
C ASP A 284 37.06 43.54 -21.25
N THR A 285 37.09 44.04 -22.48
CA THR A 285 36.36 43.41 -23.55
C THR A 285 36.81 41.98 -23.78
N GLU A 286 37.86 41.56 -23.11
CA GLU A 286 38.31 40.19 -23.24
C GLU A 286 37.88 39.39 -22.03
N TYR A 287 37.59 40.08 -20.94
CA TYR A 287 37.12 39.40 -19.74
C TYR A 287 35.96 40.17 -19.21
N PRO A 288 34.82 40.04 -19.88
CA PRO A 288 33.66 40.83 -19.47
C PRO A 288 33.08 40.32 -18.19
N TYR A 289 33.86 39.60 -17.40
CA TYR A 289 33.32 38.97 -16.16
C TYR A 289 34.22 39.31 -14.97
N ARG A 290 33.79 40.34 -14.22
CA ARG A 290 34.33 40.70 -12.89
C ARG A 290 33.55 39.89 -11.86
N LEU A 291 34.12 38.76 -11.43
CA LEU A 291 33.61 37.88 -10.34
C LEU A 291 34.11 38.43 -9.00
N HIS A 292 33.23 38.97 -8.16
CA HIS A 292 33.54 39.45 -6.78
C HIS A 292 33.20 38.35 -5.78
N PHE A 293 34.14 37.42 -5.50
CA PHE A 293 34.01 36.31 -4.52
C PHE A 293 33.94 36.86 -3.09
N GLN A 294 33.94 35.95 -2.11
CA GLN A 294 34.04 36.27 -0.65
C GLN A 294 34.64 35.05 0.08
N ALA A 295 35.47 35.31 1.09
CA ALA A 295 36.13 34.29 1.95
C ALA A 295 35.05 33.54 2.75
N THR A 296 35.12 32.20 2.77
CA THR A 296 34.17 31.29 3.46
C THR A 296 34.96 30.25 4.25
N ARG A 297 34.72 30.16 5.57
CA ARG A 297 35.42 29.24 6.50
C ARG A 297 34.49 28.07 6.87
N THR A 298 35.02 26.84 6.95
CA THR A 298 34.27 25.61 7.31
C THR A 298 34.78 25.04 8.64
N VAL A 299 34.00 25.21 9.70
CA VAL A 299 34.24 24.58 11.05
C VAL A 299 33.19 23.48 11.24
N ASP A 300 33.60 22.21 11.14
CA ASP A 300 32.74 21.05 11.44
C ASP A 300 31.50 21.16 10.53
N GLY A 301 31.70 21.16 9.21
CA GLY A 301 30.61 21.07 8.21
C GLY A 301 29.83 22.36 7.98
N LYS A 302 29.87 23.30 8.94
CA LYS A 302 29.14 24.60 8.92
C LYS A 302 30.07 25.68 8.35
N THR A 303 29.96 25.95 7.04
CA THR A 303 30.74 26.99 6.30
C THR A 303 29.96 28.31 6.39
N SER A 304 30.52 29.30 7.12
CA SER A 304 30.04 30.70 7.19
C SER A 304 31.11 31.65 6.61
N ASP A 305 30.73 32.90 6.36
CA ASP A 305 31.53 33.90 5.58
C ASP A 305 32.55 34.58 6.48
N VAL A 306 33.75 34.87 5.93
CA VAL A 306 34.84 35.69 6.56
C VAL A 306 34.78 37.09 5.96
N PRO A 307 34.21 38.10 6.66
CA PRO A 307 33.88 39.39 6.03
C PRO A 307 35.06 39.98 5.23
N GLY A 308 36.29 39.71 5.67
CA GLY A 308 37.55 40.08 4.99
C GLY A 308 37.28 41.03 3.84
N ALA A 309 37.54 40.59 2.61
CA ALA A 309 37.48 41.42 1.38
C ALA A 309 36.98 40.57 0.21
N GLU A 310 36.08 41.13 -0.61
CA GLU A 310 35.52 40.46 -1.81
C GLU A 310 36.61 40.39 -2.89
N GLU A 311 37.39 39.30 -2.92
CA GLU A 311 38.46 39.02 -3.92
C GLU A 311 37.83 38.93 -5.32
N ILE A 312 38.32 39.72 -6.28
CA ILE A 312 37.79 39.81 -7.68
C ILE A 312 38.80 39.16 -8.64
N ILE A 313 38.40 38.19 -9.45
CA ILE A 313 39.29 37.55 -10.47
C ILE A 313 38.63 37.66 -11.85
N HIS A 314 39.39 38.12 -12.86
CA HIS A 314 38.90 38.41 -14.24
C HIS A 314 38.80 37.11 -15.05
N ALA A 315 37.67 36.88 -15.70
CA ALA A 315 37.31 35.62 -16.38
C ALA A 315 36.81 35.88 -17.80
N ARG A 316 37.24 35.05 -18.76
CA ARG A 316 36.77 35.04 -20.17
C ARG A 316 35.39 34.35 -20.23
N GLN A 317 35.22 33.24 -19.50
CA GLN A 317 33.92 32.54 -19.35
C GLN A 317 33.87 31.81 -18.00
N VAL A 318 32.66 31.64 -17.46
CA VAL A 318 32.39 31.05 -16.12
C VAL A 318 31.37 29.91 -16.28
N ILE A 319 31.84 28.66 -16.40
CA ILE A 319 31.00 27.43 -16.49
C ILE A 319 30.40 27.16 -15.10
N LEU A 320 29.20 27.71 -14.82
CA LEU A 320 28.44 27.58 -13.54
C LEU A 320 27.91 26.15 -13.38
N ALA A 321 28.55 25.34 -12.54
CA ALA A 321 28.15 23.94 -12.22
C ALA A 321 27.27 23.96 -10.97
N LEU A 322 26.23 24.79 -10.98
CA LEU A 322 25.40 25.09 -9.80
C LEU A 322 23.97 24.61 -10.02
N PRO A 323 23.30 24.05 -8.99
CA PRO A 323 21.86 23.87 -8.99
C PRO A 323 21.11 25.18 -8.69
N ARG A 324 19.78 25.10 -8.64
CA ARG A 324 18.86 26.26 -8.75
C ARG A 324 19.15 27.28 -7.65
N ARG A 325 19.07 26.93 -6.38
CA ARG A 325 19.36 27.94 -5.39
C ARG A 325 20.75 28.48 -5.61
N SER A 326 21.72 27.60 -5.72
CA SER A 326 23.15 28.02 -5.86
C SER A 326 23.26 29.21 -6.82
N LEU A 327 22.68 29.05 -8.01
CA LEU A 327 22.55 30.13 -9.04
C LEU A 327 21.79 31.31 -8.40
N GLU A 328 20.53 31.11 -8.04
CA GLU A 328 19.63 32.13 -7.45
C GLU A 328 20.39 32.98 -6.42
N LEU A 329 21.49 32.47 -5.91
CA LEU A 329 22.24 33.15 -4.86
C LEU A 329 23.26 34.15 -5.38
N ILE A 330 23.50 34.17 -6.67
CA ILE A 330 24.44 35.16 -7.29
C ILE A 330 23.62 36.36 -7.81
N GLN A 331 24.11 37.57 -7.49
CA GLN A 331 23.59 38.87 -7.98
C GLN A 331 24.35 39.22 -9.25
N SER A 332 23.65 39.25 -10.38
CA SER A 332 24.21 39.43 -11.75
C SER A 332 23.12 40.01 -12.64
N PRO A 333 23.45 40.92 -13.59
CA PRO A 333 22.46 41.39 -14.55
C PRO A 333 22.09 40.26 -15.52
N LEU A 334 22.86 39.16 -15.53
CA LEU A 334 22.71 38.01 -16.47
C LEU A 334 21.37 37.28 -16.24
N PHE A 335 20.89 37.25 -15.00
CA PHE A 335 19.64 36.56 -14.58
C PHE A 335 18.40 37.39 -14.95
N ASP A 336 18.61 38.67 -15.33
CA ASP A 336 17.54 39.61 -15.74
C ASP A 336 16.97 39.20 -17.11
N ASP A 337 17.79 38.57 -17.97
CA ASP A 337 17.37 38.02 -19.30
C ASP A 337 16.01 37.37 -19.13
N PRO A 338 14.94 37.87 -19.82
CA PRO A 338 13.57 37.42 -19.54
C PRO A 338 13.38 35.89 -19.55
N TRP A 339 14.03 35.21 -20.50
CA TRP A 339 14.05 33.73 -20.59
C TRP A 339 14.55 33.17 -19.27
N LEU A 340 15.80 33.49 -18.93
CA LEU A 340 16.51 32.96 -17.73
C LEU A 340 15.79 33.38 -16.44
N LYS A 341 15.06 34.51 -16.43
CA LYS A 341 14.23 34.92 -15.27
C LYS A 341 13.16 33.85 -15.02
N GLU A 342 12.43 33.44 -16.05
CA GLU A 342 11.19 32.60 -15.94
C GLU A 342 11.52 31.12 -16.15
N ASN A 343 12.77 30.77 -16.50
CA ASN A 343 13.19 29.37 -16.77
C ASN A 343 14.16 28.88 -15.69
N ILE A 344 14.33 29.65 -14.61
CA ILE A 344 15.04 29.19 -13.38
C ILE A 344 14.01 28.59 -12.42
N ASP A 345 12.71 28.78 -12.72
CA ASP A 345 11.55 28.29 -11.94
C ASP A 345 10.90 27.12 -12.67
N SER A 346 11.57 26.62 -13.71
CA SER A 346 11.17 25.44 -14.51
C SER A 346 11.23 24.16 -13.66
N VAL A 347 11.93 24.21 -12.52
CA VAL A 347 12.17 23.05 -11.61
C VAL A 347 11.71 23.40 -10.18
N LEU A 348 11.01 22.46 -9.53
CA LEU A 348 10.56 22.52 -8.11
C LEU A 348 11.72 22.10 -7.20
N VAL A 349 12.19 23.01 -6.35
CA VAL A 349 13.09 22.71 -5.20
C VAL A 349 12.31 21.83 -4.23
N GLN A 350 12.88 20.70 -3.80
CA GLN A 350 12.30 19.78 -2.77
C GLN A 350 13.43 19.35 -1.82
N SER A 351 13.29 19.70 -0.53
CA SER A 351 14.28 19.42 0.54
C SER A 351 14.49 17.90 0.65
N ALA A 352 15.58 17.49 1.31
CA ALA A 352 15.94 16.08 1.57
C ALA A 352 16.60 15.95 2.94
N PHE A 353 16.10 15.00 3.75
CA PHE A 353 16.66 14.72 5.05
C PHE A 353 17.13 13.28 5.04
N LYS A 354 17.86 12.86 6.05
CA LYS A 354 18.46 11.51 6.10
C LYS A 354 19.04 11.30 7.50
N LEU A 355 18.71 10.17 8.14
CA LEU A 355 19.31 9.70 9.41
C LEU A 355 20.02 8.37 9.15
N PHE A 356 21.24 8.25 9.68
CA PHE A 356 21.98 6.96 9.82
C PHE A 356 22.04 6.58 11.31
N LEU A 357 21.90 5.29 11.59
CA LEU A 357 22.04 4.71 12.96
C LEU A 357 22.92 3.47 12.88
N ALA A 358 24.00 3.43 13.66
CA ALA A 358 24.96 2.31 13.68
C ALA A 358 24.65 1.38 14.85
N TYR A 359 24.54 0.08 14.57
CA TYR A 359 24.26 -0.98 15.55
C TYR A 359 25.41 -2.00 15.55
N GLU A 360 25.65 -2.65 16.70
CA GLU A 360 26.66 -3.72 16.87
C GLU A 360 26.08 -5.04 16.36
N GLN A 361 24.77 -5.11 16.08
CA GLN A 361 24.05 -6.30 15.54
C GLN A 361 23.11 -5.83 14.43
N PRO A 362 23.10 -6.49 13.24
CA PRO A 362 22.09 -6.20 12.23
C PRO A 362 20.82 -6.98 12.59
N TRP A 363 20.15 -6.58 13.67
CA TRP A 363 18.93 -7.22 14.23
C TRP A 363 17.91 -7.58 13.13
N TRP A 364 17.94 -6.87 11.99
CA TRP A 364 17.02 -7.09 10.85
C TRP A 364 17.18 -8.52 10.32
N ARG A 365 18.41 -9.04 10.25
CA ARG A 365 18.74 -10.38 9.69
C ARG A 365 17.93 -11.44 10.45
N SER A 366 17.91 -11.33 11.79
CA SER A 366 17.13 -12.18 12.73
C SER A 366 15.66 -12.21 12.29
N GLN A 367 15.22 -11.24 11.48
CA GLN A 367 13.81 -11.02 11.06
C GLN A 367 13.66 -11.19 9.54
N GLY A 368 14.64 -11.76 8.85
CA GLY A 368 14.54 -12.11 7.43
C GLY A 368 14.34 -10.90 6.53
N LEU A 369 15.03 -9.79 6.83
CA LEU A 369 15.21 -8.58 5.98
C LEU A 369 16.72 -8.31 5.86
N VAL A 370 17.24 -8.05 4.66
CA VAL A 370 18.72 -7.93 4.40
C VAL A 370 19.07 -6.53 3.90
N ALA A 371 18.57 -6.17 2.72
CA ALA A 371 18.79 -4.85 2.06
C ALA A 371 17.52 -4.43 1.34
N GLY A 372 17.43 -3.16 0.98
CA GLY A 372 16.21 -2.55 0.42
C GLY A 372 15.54 -1.61 1.41
N ARG A 373 14.25 -1.39 1.20
CA ARG A 373 13.55 -0.49 2.06
C ARG A 373 12.26 -1.02 2.59
N SER A 374 11.75 -0.34 3.57
CA SER A 374 10.45 -0.68 4.20
C SER A 374 9.66 0.62 4.36
N VAL A 375 8.35 0.57 4.12
CA VAL A 375 7.50 1.77 3.98
C VAL A 375 6.51 1.80 5.15
N THR A 376 6.10 2.99 5.58
CA THR A 376 5.22 3.17 6.77
C THR A 376 4.51 4.53 6.75
N ASP A 377 3.30 4.58 7.34
CA ASP A 377 2.53 5.81 7.63
C ASP A 377 3.16 6.53 8.83
N LEU A 378 4.22 5.99 9.47
CA LEU A 378 4.98 6.67 10.56
C LEU A 378 5.94 7.69 9.93
N PRO A 379 6.29 8.79 10.65
CA PRO A 379 7.15 9.85 10.11
C PRO A 379 8.48 9.41 9.48
N ILE A 380 9.17 8.41 10.04
CA ILE A 380 10.33 7.77 9.36
C ILE A 380 9.95 7.54 7.90
N ARG A 381 8.71 7.08 7.65
CA ARG A 381 8.14 6.85 6.30
C ARG A 381 8.96 5.77 5.57
N GLN A 382 10.27 5.97 5.60
CA GLN A 382 11.16 5.03 4.96
C GLN A 382 12.25 4.57 5.90
N CYS A 383 12.94 3.53 5.51
CA CYS A 383 14.06 2.92 6.28
C CYS A 383 14.78 1.98 5.32
N TYR A 384 16.11 2.03 5.30
CA TYR A 384 16.94 1.17 4.43
C TYR A 384 17.94 0.40 5.31
N TYR A 385 18.06 -0.90 5.05
CA TYR A 385 19.07 -1.80 5.65
C TYR A 385 20.29 -1.80 4.73
N MET A 386 21.44 -1.32 5.23
CA MET A 386 22.65 -1.11 4.40
C MET A 386 23.52 -2.37 4.45
N GLY A 387 24.25 -2.62 5.53
CA GLY A 387 25.12 -3.80 5.59
C GLY A 387 25.92 -3.89 6.88
N THR A 388 26.59 -5.03 7.06
CA THR A 388 27.37 -5.39 8.27
C THR A 388 28.87 -5.38 7.92
N GLU A 389 29.65 -4.64 8.70
CA GLU A 389 31.10 -4.34 8.48
C GLU A 389 31.86 -5.60 8.04
N CYS A 390 31.58 -6.74 8.67
CA CYS A 390 32.37 -7.99 8.49
C CYS A 390 31.87 -8.75 7.27
N GLU A 391 30.64 -8.48 6.81
CA GLU A 391 30.13 -9.05 5.54
C GLU A 391 30.91 -8.40 4.37
N GLN A 392 31.45 -7.20 4.57
CA GLN A 392 32.19 -6.43 3.53
C GLN A 392 33.51 -7.14 3.19
N ASP A 393 33.95 -7.05 1.93
CA ASP A 393 35.11 -7.79 1.37
C ASP A 393 36.39 -7.30 2.06
N GLY A 394 36.94 -8.12 2.97
CA GLY A 394 38.12 -7.77 3.79
C GLY A 394 37.82 -6.62 4.74
N GLY A 395 36.65 -6.66 5.38
CA GLY A 395 36.19 -5.66 6.38
C GLY A 395 36.73 -6.01 7.75
N GLU A 396 36.30 -5.28 8.79
CA GLU A 396 36.64 -5.59 10.22
C GLU A 396 35.99 -6.93 10.58
N LYS A 397 36.32 -7.47 11.75
CA LYS A 397 35.71 -8.70 12.33
C LYS A 397 34.69 -8.27 13.40
N THR A 398 33.88 -7.24 13.08
CA THR A 398 32.82 -6.67 13.97
C THR A 398 31.45 -6.96 13.35
N LEU A 399 30.40 -7.07 14.17
CA LEU A 399 29.00 -7.21 13.69
C LEU A 399 28.35 -5.83 13.60
N ASN A 400 29.17 -4.78 13.69
CA ASN A 400 28.76 -3.37 13.44
C ASN A 400 28.08 -3.33 12.07
N SER A 401 26.96 -2.61 11.99
CA SER A 401 26.09 -2.49 10.79
C SER A 401 25.47 -1.09 10.74
N LEU A 402 24.76 -0.77 9.65
CA LEU A 402 24.21 0.58 9.35
C LEU A 402 22.76 0.50 8.86
N LEU A 403 21.88 1.27 9.50
CA LEU A 403 20.48 1.49 9.08
C LEU A 403 20.34 2.94 8.59
N MET A 404 19.92 3.15 7.35
CA MET A 404 19.75 4.49 6.83
C MET A 404 18.29 4.86 6.76
N ALA A 405 17.97 6.13 6.95
CA ALA A 405 16.57 6.47 7.00
C ALA A 405 16.27 7.94 6.86
N SER A 406 15.26 8.41 7.60
CA SER A 406 14.81 9.81 7.50
C SER A 406 14.73 10.22 6.06
N TYR A 407 14.62 9.21 5.21
CA TYR A 407 14.55 9.47 3.82
C TYR A 407 13.17 9.91 3.47
N ASN A 408 12.62 10.88 4.20
CA ASN A 408 11.34 11.43 3.79
C ASN A 408 11.77 12.41 2.72
N ASP A 409 10.93 13.35 2.35
CA ASP A 409 11.31 14.35 1.38
C ASP A 409 10.17 15.28 1.20
N ILE A 410 10.21 16.43 1.84
CA ILE A 410 9.08 17.32 1.77
C ILE A 410 9.44 18.79 1.87
N GLY A 411 8.46 19.65 1.73
CA GLY A 411 8.70 21.07 1.77
C GLY A 411 9.36 21.49 3.04
N THR A 412 8.59 21.76 4.08
CA THR A 412 9.24 22.27 5.27
C THR A 412 8.52 21.83 6.54
N VAL A 413 8.89 22.41 7.66
CA VAL A 413 8.29 22.03 8.96
C VAL A 413 7.63 20.66 9.00
N PRO A 414 8.41 19.59 8.82
CA PRO A 414 7.86 18.24 8.82
C PRO A 414 8.06 17.66 10.18
N PHE A 415 8.54 16.43 10.29
CA PHE A 415 8.89 15.91 11.60
C PHE A 415 10.35 15.49 11.71
N TRP A 416 11.16 15.87 10.75
CA TRP A 416 12.56 15.54 10.79
C TRP A 416 13.34 16.81 11.00
N LYS A 417 12.63 17.92 11.09
CA LYS A 417 13.28 19.19 11.38
C LYS A 417 12.70 19.63 12.70
N GLY A 418 11.69 18.94 13.16
CA GLY A 418 11.03 19.25 14.44
C GLY A 418 11.79 18.70 15.65
N LEU A 419 12.85 17.91 15.46
CA LEU A 419 13.65 17.34 16.58
C LEU A 419 15.14 17.71 16.44
N GLU A 420 15.47 18.78 15.70
CA GLU A 420 16.88 19.17 15.40
C GLU A 420 17.48 19.93 16.59
N ASP A 421 16.75 20.06 17.70
CA ASP A 421 17.12 20.92 18.86
C ASP A 421 16.85 20.17 20.16
N GLY A 422 17.60 20.52 21.22
CA GLY A 422 17.64 19.84 22.53
C GLY A 422 19.08 19.71 23.00
N ALA A 423 19.54 18.47 23.23
CA ALA A 423 20.94 18.12 23.56
C ALA A 423 21.45 17.15 22.50
N PRO A 424 22.77 17.08 22.26
CA PRO A 424 23.30 16.23 21.19
C PRO A 424 23.45 14.77 21.64
N PHE A 425 23.28 13.84 20.70
CA PHE A 425 23.54 12.39 20.90
C PHE A 425 25.06 12.18 20.95
N GLU A 426 25.58 11.65 22.05
CA GLU A 426 27.03 11.36 22.23
C GLU A 426 27.30 9.89 21.84
N GLY A 427 26.29 9.02 21.95
CA GLY A 427 26.41 7.58 21.63
C GLY A 427 27.17 6.81 22.71
N TYR A 428 27.65 5.61 22.39
CA TYR A 428 28.39 4.75 23.36
C TYR A 428 29.49 3.97 22.64
N GLN A 429 30.72 4.08 23.14
CA GLN A 429 31.91 3.27 22.73
C GLN A 429 31.48 1.82 22.57
N PRO A 430 31.46 1.23 21.35
CA PRO A 430 31.19 -0.20 21.22
C PRO A 430 32.41 -0.92 21.79
N LYS A 431 32.24 -2.20 22.13
CA LYS A 431 33.35 -3.10 22.53
C LYS A 431 34.36 -3.15 21.37
N SER A 432 33.87 -3.15 20.13
CA SER A 432 34.67 -3.28 18.88
C SER A 432 35.54 -2.05 18.60
N LEU A 433 35.33 -0.93 19.30
CA LEU A 433 36.12 0.33 19.17
C LEU A 433 36.59 0.80 20.55
N GLN A 434 36.90 -0.13 21.46
CA GLN A 434 37.42 0.17 22.83
C GLN A 434 38.88 0.64 22.67
N GLY A 435 39.21 1.83 23.19
CA GLY A 435 40.57 2.41 23.18
C GLY A 435 41.07 2.73 21.79
N ARG A 436 40.24 2.54 20.75
CA ARG A 436 40.56 2.85 19.32
C ARG A 436 39.97 4.22 18.96
N ILE A 437 38.94 4.67 19.71
CA ILE A 437 38.21 5.95 19.48
C ILE A 437 37.43 6.27 20.75
N ASP A 438 37.21 7.56 21.03
CA ASP A 438 36.67 8.03 22.34
C ASP A 438 35.18 8.38 22.17
N ALA A 439 34.39 8.19 23.23
CA ALA A 439 32.93 8.42 23.30
C ALA A 439 32.57 9.88 22.98
N ASN A 440 33.55 10.79 23.03
CA ASN A 440 33.37 12.19 22.51
C ASN A 440 33.53 12.18 20.98
N GLU A 441 34.17 11.14 20.41
CA GLU A 441 34.51 11.00 18.97
C GLU A 441 33.69 9.90 18.26
N VAL A 442 32.79 9.18 18.95
CA VAL A 442 31.97 8.08 18.35
C VAL A 442 30.96 8.69 17.37
N VAL A 443 30.18 9.68 17.83
CA VAL A 443 29.16 10.41 17.02
C VAL A 443 29.87 11.52 16.26
N PRO A 444 29.98 11.43 14.91
CA PRO A 444 30.71 12.42 14.13
C PRO A 444 30.12 13.82 14.33
N LYS A 445 30.96 14.85 14.42
CA LYS A 445 30.50 16.25 14.35
C LYS A 445 30.27 16.57 12.87
N MET A 446 29.00 16.73 12.45
CA MET A 446 28.57 17.15 11.10
C MET A 446 27.91 18.54 11.16
N GLN A 447 27.61 19.12 10.00
CA GLN A 447 26.92 20.44 9.87
C GLN A 447 25.74 20.45 10.84
N TYR A 448 24.96 19.37 10.84
CA TYR A 448 23.85 19.07 11.77
C TYR A 448 24.30 17.97 12.75
N GLN A 449 23.92 18.10 14.03
CA GLN A 449 24.23 17.11 15.10
C GLN A 449 22.93 16.49 15.58
N ILE A 450 22.64 15.26 15.17
CA ILE A 450 21.43 14.51 15.60
C ILE A 450 21.36 14.58 17.13
N SER A 451 20.16 14.85 17.68
CA SER A 451 19.93 15.15 19.12
C SER A 451 19.63 13.86 19.90
N GLU A 452 19.90 13.86 21.21
CA GLU A 452 19.49 12.77 22.16
C GLU A 452 18.01 12.48 21.93
N GLU A 453 17.23 13.51 21.56
CA GLU A 453 15.77 13.42 21.31
C GLU A 453 15.49 12.74 19.96
N MET A 454 16.12 13.17 18.86
CA MET A 454 15.78 12.69 17.50
C MET A 454 16.15 11.20 17.39
N VAL A 455 17.28 10.80 17.96
CA VAL A 455 17.71 9.37 18.04
C VAL A 455 16.61 8.58 18.75
N ARG A 456 16.19 9.02 19.95
CA ARG A 456 15.23 8.27 20.80
C ARG A 456 13.94 8.04 20.01
N ILE A 457 13.38 9.09 19.38
CA ILE A 457 12.10 9.00 18.62
C ILE A 457 12.33 8.08 17.42
N ALA A 458 13.38 8.31 16.65
CA ALA A 458 13.71 7.50 15.45
C ALA A 458 13.68 6.02 15.83
N GLN A 459 14.45 5.65 16.87
CA GLN A 459 14.56 4.26 17.38
C GLN A 459 13.16 3.80 17.77
N ARG A 460 12.51 4.53 18.67
CA ARG A 460 11.10 4.28 19.08
C ARG A 460 10.31 3.88 17.83
N GLN A 461 10.39 4.70 16.79
CA GLN A 461 9.62 4.51 15.52
C GLN A 461 10.13 3.26 14.80
N VAL A 462 11.45 3.10 14.70
CA VAL A 462 12.00 1.95 14.02
C VAL A 462 11.51 0.69 14.68
N THR A 463 11.52 0.68 15.99
CA THR A 463 11.02 -0.47 16.71
C THR A 463 9.68 -0.81 16.16
N SER A 464 8.73 0.10 16.37
CA SER A 464 7.37 -0.15 15.92
C SER A 464 7.31 -0.70 14.52
N LEU A 465 7.92 0.02 13.60
CA LEU A 465 7.90 -0.41 12.18
C LEU A 465 8.03 -1.94 12.10
N HIS A 466 9.05 -2.48 12.75
CA HIS A 466 9.48 -3.91 12.67
C HIS A 466 8.71 -4.80 13.64
N ASP A 467 7.61 -4.31 14.22
CA ASP A 467 6.79 -5.05 15.22
C ASP A 467 7.74 -5.64 16.25
N GLN A 468 8.45 -4.78 17.00
CA GLN A 468 9.41 -5.19 18.05
C GLN A 468 9.03 -4.51 19.36
N ILE A 469 9.60 -5.05 20.43
CA ILE A 469 9.33 -4.73 21.86
C ILE A 469 10.39 -3.74 22.32
N GLU A 470 11.59 -3.86 21.74
CA GLU A 470 12.83 -3.12 22.10
C GLU A 470 13.93 -3.62 21.17
N LEU A 471 14.70 -2.71 20.55
CA LEU A 471 15.89 -3.07 19.75
C LEU A 471 17.15 -2.59 20.46
N PRO A 472 18.32 -3.22 20.18
CA PRO A 472 19.60 -2.75 20.72
C PRO A 472 19.84 -1.29 20.32
N ALA A 473 20.14 -0.44 21.31
CA ALA A 473 20.41 1.01 21.12
C ALA A 473 21.60 1.18 20.17
N PRO A 474 21.58 2.21 19.29
CA PRO A 474 22.68 2.46 18.37
C PRO A 474 23.81 3.15 19.16
N TYR A 475 25.05 3.03 18.67
CA TYR A 475 26.24 3.66 19.30
C TYR A 475 26.58 4.98 18.62
N SER A 476 26.46 5.05 17.30
CA SER A 476 26.68 6.28 16.51
C SER A 476 25.43 6.60 15.69
N ALA A 477 25.30 7.85 15.26
CA ALA A 477 24.14 8.38 14.50
C ALA A 477 24.48 9.76 13.93
N VAL A 478 24.30 9.93 12.62
CA VAL A 478 24.43 11.25 11.93
C VAL A 478 23.10 11.55 11.23
N TYR A 479 22.66 12.82 11.38
CA TYR A 479 21.58 13.46 10.61
C TYR A 479 22.21 14.50 9.69
N HIS A 480 21.69 14.61 8.47
CA HIS A 480 22.05 15.68 7.52
C HIS A 480 20.78 16.12 6.81
N ALA A 481 20.82 17.32 6.23
CA ALA A 481 19.73 17.91 5.43
C ALA A 481 20.33 18.68 4.27
N TRP A 482 19.58 18.76 3.18
CA TRP A 482 19.85 19.64 2.02
C TRP A 482 18.68 20.61 1.88
N ASP A 483 18.45 21.40 2.90
CA ASP A 483 17.38 22.37 2.88
C ASP A 483 18.01 23.68 3.23
N ALA A 484 19.33 23.75 3.10
CA ALA A 484 20.03 24.97 3.44
C ALA A 484 20.75 25.55 2.24
N ASP A 485 20.80 26.87 2.18
CA ASP A 485 21.51 27.51 1.10
C ASP A 485 22.95 27.14 1.28
N PRO A 486 23.53 26.48 0.31
CA PRO A 486 23.47 26.94 -1.07
C PRO A 486 22.64 26.01 -1.92
N PHE A 487 21.76 25.24 -1.31
CA PHE A 487 20.99 24.26 -2.07
C PHE A 487 19.50 24.38 -1.85
N GLY A 488 19.09 24.75 -0.65
CA GLY A 488 17.68 24.93 -0.37
C GLY A 488 16.84 23.78 -0.87
N GLY A 489 17.46 22.64 -1.08
CA GLY A 489 16.75 21.47 -1.63
C GLY A 489 17.71 20.37 -2.06
N GLY A 490 17.30 19.11 -1.90
CA GLY A 490 18.10 17.93 -2.28
C GLY A 490 18.21 17.81 -3.78
N TRP A 491 17.17 17.22 -4.38
CA TRP A 491 17.12 17.06 -5.81
C TRP A 491 15.95 17.82 -6.43
N HIS A 492 16.10 18.21 -7.67
CA HIS A 492 15.12 19.04 -8.44
C HIS A 492 14.25 18.11 -9.29
N GLU A 493 12.98 18.49 -9.48
CA GLU A 493 12.01 17.79 -10.37
C GLU A 493 11.34 18.84 -11.27
N TRP A 494 11.33 18.60 -12.58
CA TRP A 494 10.69 19.44 -13.62
C TRP A 494 9.24 19.73 -13.25
N LYS A 495 8.85 21.00 -13.14
CA LYS A 495 7.43 21.45 -12.99
C LYS A 495 6.65 21.12 -14.28
N ALA A 496 5.34 21.37 -14.28
CA ALA A 496 4.44 21.11 -15.43
C ALA A 496 4.13 22.43 -16.14
N ASN A 497 3.51 22.35 -17.33
CA ASN A 497 3.34 23.46 -18.31
C ASN A 497 4.70 24.13 -18.50
N TYR A 498 5.73 23.32 -18.69
CA TYR A 498 7.10 23.74 -19.08
C TYR A 498 7.58 22.80 -20.18
N ARG A 499 8.52 23.25 -21.02
CA ARG A 499 9.09 22.49 -22.15
C ARG A 499 10.52 22.08 -21.80
N LEU A 500 10.65 21.15 -20.84
CA LEU A 500 11.96 20.58 -20.38
C LEU A 500 12.85 20.29 -21.59
N ASP A 501 12.28 19.63 -22.60
CA ASP A 501 12.99 19.23 -23.85
C ASP A 501 13.88 20.39 -24.32
N LEU A 502 13.30 21.59 -24.42
CA LEU A 502 13.99 22.80 -24.95
C LEU A 502 14.95 23.32 -23.88
N ILE A 503 14.47 23.46 -22.64
CA ILE A 503 15.25 24.10 -21.53
C ILE A 503 16.47 23.22 -21.26
N ILE A 504 16.31 21.89 -21.32
CA ILE A 504 17.44 20.90 -21.20
C ILE A 504 18.56 21.30 -22.16
N GLN A 505 18.21 21.93 -23.29
CA GLN A 505 19.19 22.37 -24.33
C GLN A 505 19.67 23.79 -23.98
N ARG A 506 18.74 24.69 -23.66
CA ARG A 506 19.03 26.14 -23.65
C ARG A 506 19.52 26.62 -22.28
N MET A 507 19.66 25.74 -21.29
CA MET A 507 20.22 26.09 -19.95
C MET A 507 21.74 25.91 -19.98
N ARG A 508 22.26 25.27 -21.02
CA ARG A 508 23.71 25.14 -21.32
C ARG A 508 24.26 26.52 -21.71
N HIS A 509 23.41 27.35 -22.33
CA HIS A 509 23.73 28.72 -22.83
C HIS A 509 22.45 29.57 -22.73
N PRO A 510 22.04 30.02 -21.53
CA PRO A 510 20.82 30.82 -21.40
C PRO A 510 20.91 32.08 -22.27
N VAL A 511 22.05 32.76 -22.23
CA VAL A 511 22.37 33.99 -23.01
C VAL A 511 23.56 33.69 -23.92
N GLN A 512 23.36 33.80 -25.25
CA GLN A 512 24.35 33.45 -26.30
C GLN A 512 25.46 34.51 -26.33
N GLU A 513 25.13 35.74 -26.73
CA GLU A 513 26.00 36.94 -26.68
C GLU A 513 26.99 36.84 -25.50
N GLN A 514 26.51 36.41 -24.33
CA GLN A 514 27.30 36.23 -23.09
C GLN A 514 27.84 34.79 -23.05
N GLU A 515 29.13 34.63 -22.70
CA GLU A 515 29.78 33.30 -22.64
C GLU A 515 29.69 32.65 -21.27
N VAL A 516 28.51 32.60 -20.72
CA VAL A 516 28.18 31.94 -19.42
C VAL A 516 27.43 30.65 -19.74
N TYR A 517 27.86 29.55 -19.12
CA TYR A 517 27.28 28.19 -19.27
C TYR A 517 26.94 27.65 -17.87
N ILE A 518 25.69 27.23 -17.66
CA ILE A 518 25.20 26.60 -16.40
C ILE A 518 25.13 25.08 -16.63
N VAL A 519 25.80 24.29 -15.78
CA VAL A 519 25.76 22.79 -15.83
C VAL A 519 25.35 22.27 -14.46
N GLY A 520 24.62 21.16 -14.43
CA GLY A 520 24.09 20.54 -13.20
C GLY A 520 22.88 19.67 -13.49
N GLU A 521 22.67 18.61 -12.69
CA GLU A 521 21.50 17.70 -12.77
C GLU A 521 20.20 18.51 -12.67
N ALA A 522 20.26 19.66 -11.99
CA ALA A 522 19.11 20.55 -11.65
C ALA A 522 18.30 20.90 -12.90
N TYR A 523 18.89 20.84 -14.10
CA TYR A 523 18.21 21.10 -15.39
C TYR A 523 18.61 20.04 -16.42
N SER A 524 18.67 18.77 -16.02
CA SER A 524 19.02 17.60 -16.89
C SER A 524 17.76 16.76 -17.13
N TYR A 525 17.90 15.62 -17.83
CA TYR A 525 16.84 14.57 -17.92
C TYR A 525 17.01 13.63 -16.72
N GLY A 526 18.26 13.35 -16.34
CA GLY A 526 18.61 12.59 -15.13
C GLY A 526 18.60 13.46 -13.89
N GLN A 527 17.43 14.00 -13.53
CA GLN A 527 17.24 14.82 -12.29
C GLN A 527 17.24 13.91 -11.07
N GLY A 528 18.05 14.24 -10.05
CA GLY A 528 18.31 13.38 -8.88
C GLY A 528 19.21 12.22 -9.22
N TRP A 529 19.95 12.31 -10.33
CA TRP A 529 20.95 11.31 -10.78
C TRP A 529 22.27 12.01 -11.12
N VAL A 530 23.38 11.35 -10.85
CA VAL A 530 24.76 11.84 -11.15
C VAL A 530 24.91 11.91 -12.68
N GLU A 531 24.29 10.97 -13.41
CA GLU A 531 24.25 10.96 -14.90
C GLU A 531 23.81 12.34 -15.41
N GLY A 532 22.75 12.90 -14.82
CA GLY A 532 22.13 14.18 -15.21
C GLY A 532 23.12 15.34 -15.21
N ALA A 533 24.08 15.34 -14.28
CA ALA A 533 25.11 16.41 -14.09
C ALA A 533 26.28 16.20 -15.06
N LEU A 534 26.74 14.94 -15.23
CA LEU A 534 27.78 14.55 -16.21
C LEU A 534 27.30 14.90 -17.61
N THR A 535 26.11 14.43 -17.98
CA THR A 535 25.51 14.63 -19.32
C THR A 535 25.48 16.13 -19.64
N THR A 536 24.90 16.95 -18.76
CA THR A 536 24.71 18.42 -19.00
C THR A 536 26.08 19.03 -19.29
N ALA A 537 27.10 18.70 -18.49
CA ALA A 537 28.49 19.17 -18.68
C ALA A 537 29.01 18.71 -20.05
N GLU A 538 29.06 17.40 -20.27
CA GLU A 538 29.67 16.78 -21.49
C GLU A 538 29.09 17.42 -22.76
N SER A 539 27.77 17.49 -22.88
CA SER A 539 27.05 18.04 -24.06
C SER A 539 27.29 19.55 -24.20
N THR A 540 27.75 20.23 -23.15
CA THR A 540 28.21 21.65 -23.19
C THR A 540 29.66 21.68 -23.70
N LEU A 541 30.57 20.94 -23.06
CA LEU A 541 31.99 20.83 -23.51
C LEU A 541 32.00 20.60 -25.02
N GLN A 542 31.20 19.65 -25.50
CA GLN A 542 31.18 19.23 -26.93
C GLN A 542 30.69 20.36 -27.83
N ASP A 543 29.54 20.96 -27.52
CA ASP A 543 28.86 21.93 -28.42
C ASP A 543 29.50 23.30 -28.31
N PHE A 544 29.76 23.79 -27.09
CA PHE A 544 30.15 25.20 -26.82
C PHE A 544 31.63 25.33 -26.44
N PHE A 545 32.35 24.22 -26.27
CA PHE A 545 33.82 24.22 -26.05
C PHE A 545 34.48 23.23 -27.01
N GLY A 546 33.70 22.70 -27.97
CA GLY A 546 34.22 21.92 -29.12
C GLY A 546 35.11 20.75 -28.71
N LEU A 547 35.14 20.39 -27.42
CA LEU A 547 35.73 19.11 -26.93
C LEU A 547 35.02 17.97 -27.65
N PRO A 548 35.73 16.89 -28.03
CA PRO A 548 35.10 15.78 -28.75
C PRO A 548 34.60 14.65 -27.83
N ARG A 549 33.91 13.66 -28.40
CA ARG A 549 33.52 12.41 -27.69
C ARG A 549 34.81 11.71 -27.28
N PRO A 550 35.10 11.52 -25.96
CA PRO A 550 36.27 10.77 -25.52
C PRO A 550 36.15 9.28 -25.86
N ALA A 551 37.20 8.49 -25.60
CA ALA A 551 37.29 7.06 -25.99
C ALA A 551 36.38 6.20 -25.11
N TRP A 552 36.21 6.59 -23.84
CA TRP A 552 35.51 5.82 -22.78
C TRP A 552 33.99 5.95 -22.92
N LEU A 553 33.51 6.96 -23.66
CA LEU A 553 32.07 7.22 -23.95
C LEU A 553 31.75 6.64 -25.32
N PRO A 554 30.73 5.77 -25.47
CA PRO A 554 30.28 5.35 -26.79
C PRO A 554 29.52 6.50 -27.46
N GLU A 555 29.48 6.51 -28.79
CA GLU A 555 28.67 7.45 -29.60
C GLU A 555 27.20 7.00 -29.53
N ALA A 556 27.01 5.70 -29.33
CA ALA A 556 25.69 5.04 -29.16
C ALA A 556 24.84 5.82 -28.15
N TYR A 557 25.36 6.05 -26.94
CA TYR A 557 24.66 6.83 -25.88
C TYR A 557 24.47 8.27 -26.37
N GLN A 558 23.25 8.59 -26.77
CA GLN A 558 22.81 9.99 -26.96
C GLN A 558 22.86 10.64 -25.57
N LEU A 559 23.67 11.69 -25.41
CA LEU A 559 23.90 12.35 -24.09
C LEU A 559 22.58 12.93 -23.58
N LEU A 560 21.95 13.79 -24.37
CA LEU A 560 20.65 14.45 -24.04
C LEU A 560 19.58 13.94 -24.99
N PRO A 561 18.29 14.09 -24.61
CA PRO A 561 17.17 13.65 -25.45
C PRO A 561 16.71 14.67 -26.50
N ALA A 562 16.21 14.13 -27.63
CA ALA A 562 15.63 14.85 -28.78
C ALA A 562 14.64 15.92 -28.31
N PRO A 563 14.91 17.22 -28.56
CA PRO A 563 13.91 18.26 -28.34
C PRO A 563 12.86 18.21 -29.45
N ALA A 564 11.58 18.07 -29.10
CA ALA A 564 10.45 18.18 -30.06
C ALA A 564 10.48 19.57 -30.68
N PRO A 565 9.80 19.79 -31.84
CA PRO A 565 9.68 21.13 -32.40
C PRO A 565 8.95 22.08 -31.43
N VAL A 566 9.21 23.39 -31.55
CA VAL A 566 8.48 24.46 -30.80
C VAL A 566 7.01 24.42 -31.23
N ASP A 567 6.76 23.92 -32.45
CA ASP A 567 5.40 23.80 -33.03
C ASP A 567 4.77 22.50 -32.52
N ILE A 568 4.39 22.47 -31.24
CA ILE A 568 3.42 21.49 -30.66
C ILE A 568 2.06 22.21 -30.66
N ASP A 569 1.49 22.40 -31.85
CA ASP A 569 0.29 23.27 -32.07
C ASP A 569 -0.83 22.39 -32.62
N ASN A 570 -0.51 21.57 -33.63
CA ASN A 570 -1.30 20.41 -34.14
C ASN A 570 -0.40 19.60 -35.05
N PRO A 571 0.69 18.99 -34.51
CA PRO A 571 1.75 18.43 -35.35
C PRO A 571 1.26 17.17 -36.05
N PRO A 572 2.04 16.57 -36.99
CA PRO A 572 1.69 15.26 -37.55
C PRO A 572 1.59 14.19 -36.45
N ALA A 573 0.61 13.28 -36.56
CA ALA A 573 0.31 12.19 -35.58
C ALA A 573 1.42 11.12 -35.61
N LEU A 574 1.84 10.63 -34.42
CA LEU A 574 2.99 9.68 -34.27
C LEU A 574 2.57 8.30 -34.81
N ALA A 575 3.05 7.94 -36.01
CA ALA A 575 2.80 6.63 -36.66
C ALA A 575 3.25 5.50 -35.74
N CYS A 576 2.30 4.83 -35.09
CA CYS A 576 2.63 3.77 -34.14
C CYS A 576 3.43 2.64 -34.74
N THR A 577 4.13 1.91 -33.89
CA THR A 577 4.99 0.84 -34.39
C THR A 577 4.37 -0.53 -34.24
N ASP A 578 5.05 -1.44 -33.57
CA ASP A 578 4.55 -2.81 -33.48
C ASP A 578 3.44 -2.91 -32.50
N CYS A 579 2.35 -2.23 -32.77
CA CYS A 579 1.18 -2.43 -31.86
C CYS A 579 0.99 -3.93 -31.64
N LYS A 580 1.00 -4.70 -32.73
CA LYS A 580 0.85 -6.18 -32.73
C LYS A 580 1.67 -6.74 -31.56
N LYS A 581 2.82 -6.10 -31.24
CA LYS A 581 3.62 -6.35 -30.01
C LYS A 581 3.04 -5.50 -28.87
N THR A 582 3.25 -4.18 -28.92
CA THR A 582 2.92 -3.21 -27.83
C THR A 582 1.66 -3.67 -27.10
N LEU A 583 0.51 -3.66 -27.78
CA LEU A 583 -0.82 -3.93 -27.19
C LEU A 583 -0.83 -5.31 -26.54
N THR A 584 -0.09 -6.26 -27.12
CA THR A 584 0.07 -7.66 -26.63
C THR A 584 0.80 -7.65 -25.27
N GLU A 585 1.92 -6.92 -25.15
CA GLU A 585 2.65 -6.81 -23.85
C GLU A 585 1.75 -6.08 -22.83
N VAL A 586 0.92 -5.15 -23.30
CA VAL A 586 0.03 -4.26 -22.49
C VAL A 586 -1.08 -5.11 -21.86
N THR A 587 -1.59 -6.10 -22.62
CA THR A 587 -2.69 -7.01 -22.21
C THR A 587 -2.17 -8.12 -21.30
N GLU A 588 -0.99 -8.68 -21.58
CA GLU A 588 -0.36 -9.73 -20.74
C GLU A 588 -0.05 -9.12 -19.38
N PHE A 589 0.35 -7.84 -19.37
CA PHE A 589 0.71 -7.07 -18.17
C PHE A 589 -0.49 -6.88 -17.24
N ALA A 590 -1.71 -6.99 -17.77
CA ALA A 590 -2.98 -6.86 -17.03
C ALA A 590 -3.51 -8.25 -16.59
N TYR A 591 -2.97 -9.34 -17.13
CA TYR A 591 -3.29 -10.71 -16.69
C TYR A 591 -2.55 -11.01 -15.39
N THR A 592 -1.39 -10.35 -15.19
CA THR A 592 -0.56 -10.44 -13.97
C THR A 592 -1.39 -10.05 -12.73
N GLY A 593 -2.07 -8.91 -12.78
CA GLY A 593 -2.87 -8.33 -11.67
C GLY A 593 -4.20 -9.02 -11.46
N ILE A 594 -4.63 -9.89 -12.40
CA ILE A 594 -5.88 -10.70 -12.31
C ILE A 594 -5.51 -12.10 -11.83
N PRO B 13 6.32 66.64 3.42
CA PRO B 13 6.88 65.56 4.25
C PRO B 13 5.76 64.76 4.92
N LEU B 14 6.07 63.99 5.96
CA LEU B 14 5.09 63.14 6.69
C LEU B 14 5.58 62.87 8.11
N ASP B 15 4.68 63.01 9.10
CA ASP B 15 4.91 62.60 10.52
C ASP B 15 4.70 61.08 10.64
N VAL B 16 3.54 60.60 10.17
CA VAL B 16 3.07 59.18 10.29
C VAL B 16 2.74 58.62 8.90
N ALA B 17 3.55 57.67 8.43
CA ALA B 17 3.42 56.99 7.11
C ALA B 17 2.98 55.54 7.33
N ILE B 18 1.69 55.33 7.59
CA ILE B 18 1.04 53.98 7.68
C ILE B 18 1.17 53.30 6.31
N ILE B 19 1.70 52.08 6.31
CA ILE B 19 1.83 51.22 5.10
C ILE B 19 0.97 49.99 5.36
N GLY B 20 -0.18 49.91 4.70
CA GLY B 20 -1.08 48.73 4.78
C GLY B 20 -2.54 49.13 4.73
N GLY B 21 -3.23 48.67 3.69
CA GLY B 21 -4.68 48.88 3.50
C GLY B 21 -5.47 47.73 4.07
N GLY B 22 -4.97 47.09 5.13
CA GLY B 22 -5.65 46.01 5.85
C GLY B 22 -6.37 46.55 7.08
N VAL B 23 -7.06 45.67 7.80
CA VAL B 23 -7.80 45.99 9.06
C VAL B 23 -6.86 46.77 9.99
N SER B 24 -5.60 46.32 10.07
CA SER B 24 -4.50 46.93 10.86
C SER B 24 -4.30 48.40 10.45
N GLY B 25 -3.94 48.62 9.19
CA GLY B 25 -3.50 49.92 8.65
C GLY B 25 -4.66 50.87 8.52
N THR B 26 -5.79 50.39 8.03
CA THR B 26 -7.08 51.14 7.99
C THR B 26 -7.48 51.57 9.41
N TYR B 27 -7.24 50.74 10.44
CA TYR B 27 -7.58 51.02 11.87
C TYR B 27 -6.60 52.03 12.45
N SER B 28 -5.31 51.81 12.24
CA SER B 28 -4.23 52.72 12.67
C SER B 28 -4.60 54.14 12.27
N ALA B 29 -4.80 54.38 10.98
CA ALA B 29 -5.12 55.68 10.37
C ALA B 29 -6.35 56.30 11.06
N TRP B 30 -7.50 55.66 10.97
CA TRP B 30 -8.70 56.24 11.52
C TRP B 30 -8.49 56.77 12.91
N ARG B 31 -7.92 55.95 13.78
CA ARG B 31 -7.77 56.36 15.18
C ARG B 31 -6.96 57.62 15.31
N LEU B 32 -5.79 57.66 14.71
CA LEU B 32 -4.93 58.81 14.84
C LEU B 32 -5.57 60.08 14.32
N GLN B 33 -5.87 60.11 13.04
CA GLN B 33 -6.45 61.34 12.41
C GLN B 33 -7.68 61.80 13.19
N GLU B 34 -8.60 60.89 13.52
CA GLU B 34 -9.83 61.18 14.33
C GLU B 34 -9.42 61.63 15.75
N ALA B 35 -8.11 61.74 16.03
CA ALA B 35 -7.53 62.18 17.33
C ALA B 35 -6.62 63.40 17.15
N GLN B 36 -5.51 63.26 16.42
CA GLN B 36 -4.45 64.29 16.32
C GLN B 36 -4.11 64.56 14.84
N GLY B 37 -5.06 64.30 13.94
CA GLY B 37 -4.92 64.57 12.50
C GLY B 37 -4.72 66.05 12.23
N ASP B 38 -5.37 66.90 13.04
CA ASP B 38 -5.26 68.38 13.03
C ASP B 38 -3.84 68.81 13.44
N HIS B 39 -3.13 67.96 14.20
CA HIS B 39 -1.78 68.21 14.77
C HIS B 39 -0.73 67.26 14.15
N GLN B 40 -1.10 66.42 13.18
CA GLN B 40 -0.16 65.41 12.58
C GLN B 40 -0.54 65.14 11.12
N ARG B 41 0.47 64.87 10.27
CA ARG B 41 0.34 64.54 8.82
C ARG B 41 0.37 63.03 8.62
N ILE B 42 -0.78 62.41 8.31
CA ILE B 42 -0.98 60.93 8.29
C ILE B 42 -1.50 60.50 6.90
N GLN B 43 -0.82 59.53 6.27
CA GLN B 43 -1.10 59.05 4.87
C GLN B 43 -0.95 57.52 4.77
N LEU B 44 -2.05 56.78 4.56
CA LEU B 44 -2.09 55.30 4.42
C LEU B 44 -1.74 54.92 2.98
N PHE B 45 -0.75 54.06 2.77
CA PHE B 45 -0.23 53.66 1.42
C PHE B 45 -0.59 52.19 1.12
N GLU B 46 -1.20 51.92 -0.03
CA GLU B 46 -1.72 50.56 -0.38
C GLU B 46 -1.10 50.12 -1.71
N TYR B 47 -0.86 48.83 -1.91
CA TYR B 47 -0.19 48.34 -3.10
C TYR B 47 -1.15 48.02 -4.21
N SER B 48 -2.38 47.71 -3.86
CA SER B 48 -3.43 47.36 -4.86
C SER B 48 -4.40 48.52 -5.08
N ASP B 49 -5.47 48.29 -5.86
CA ASP B 49 -6.59 49.26 -6.06
C ASP B 49 -7.73 48.95 -5.08
N ARG B 50 -7.50 48.04 -4.12
CA ARG B 50 -8.53 47.53 -3.17
C ARG B 50 -8.05 47.76 -1.73
N ILE B 51 -8.89 48.41 -0.93
CA ILE B 51 -8.78 48.44 0.57
C ILE B 51 -9.42 47.14 1.10
N GLY B 52 -8.74 46.49 2.04
CA GLY B 52 -9.19 45.26 2.76
C GLY B 52 -8.04 44.31 3.06
N GLY B 53 -7.08 44.22 2.14
CA GLY B 53 -5.99 43.24 2.18
C GLY B 53 -6.55 41.83 2.23
N ARG B 54 -6.20 41.06 3.25
CA ARG B 54 -6.63 39.65 3.41
C ARG B 54 -8.12 39.60 3.75
N LEU B 55 -8.72 40.73 4.14
CA LEU B 55 -10.19 40.90 4.12
C LEU B 55 -10.61 41.26 2.71
N PHE B 56 -11.66 40.59 2.20
CA PHE B 56 -12.13 40.68 0.80
C PHE B 56 -13.49 40.00 0.74
N SER B 57 -14.48 40.74 0.25
CA SER B 57 -15.88 40.29 0.10
C SER B 57 -16.41 40.73 -1.27
N ILE B 58 -17.02 39.80 -2.00
CA ILE B 58 -17.67 39.99 -3.33
C ILE B 58 -19.04 39.33 -3.28
N ASN B 59 -20.09 40.07 -3.64
CA ASN B 59 -21.41 39.49 -4.01
C ASN B 59 -21.27 38.99 -5.46
N LEU B 60 -21.74 37.77 -5.74
CA LEU B 60 -21.71 37.14 -7.10
C LEU B 60 -23.05 37.37 -7.80
N PRO B 61 -23.15 37.16 -9.13
CA PRO B 61 -24.43 37.27 -9.83
C PRO B 61 -25.48 36.27 -9.32
N GLY B 62 -26.71 36.73 -9.14
CA GLY B 62 -27.83 35.94 -8.59
C GLY B 62 -27.84 35.97 -7.07
N LEU B 63 -26.72 36.33 -6.47
CA LEU B 63 -26.62 36.32 -5.03
C LEU B 63 -26.26 37.70 -4.48
N PRO B 64 -27.21 38.63 -4.54
CA PRO B 64 -26.91 39.92 -3.92
C PRO B 64 -26.84 39.84 -2.42
N ASN B 65 -27.46 38.85 -1.81
CA ASN B 65 -27.49 38.78 -0.35
C ASN B 65 -26.70 37.59 0.19
N VAL B 66 -25.90 36.97 -0.65
CA VAL B 66 -25.01 35.84 -0.23
C VAL B 66 -23.57 36.23 -0.54
N VAL B 67 -22.85 36.74 0.48
CA VAL B 67 -21.51 37.37 0.35
C VAL B 67 -20.44 36.27 0.26
N ALA B 68 -19.70 36.23 -0.83
CA ALA B 68 -18.65 35.25 -0.98
C ALA B 68 -17.39 35.85 -0.45
N GLU B 69 -17.09 35.58 0.81
CA GLU B 69 -15.94 36.19 1.42
C GLU B 69 -14.68 35.45 1.04
N VAL B 70 -13.92 36.02 0.11
CA VAL B 70 -12.67 35.40 -0.30
C VAL B 70 -11.66 35.47 0.82
N GLY B 71 -11.86 36.39 1.74
CA GLY B 71 -10.98 36.52 2.91
C GLY B 71 -11.67 36.08 4.18
N GLY B 72 -11.49 36.85 5.25
CA GLY B 72 -12.14 36.63 6.55
C GLY B 72 -13.64 36.53 6.40
N MET B 73 -14.29 35.71 7.22
CA MET B 73 -15.76 35.49 7.22
C MET B 73 -16.33 35.94 8.57
N ARG B 74 -15.93 35.23 9.64
CA ARG B 74 -16.62 35.18 10.95
C ARG B 74 -15.73 35.82 12.01
N TRP B 75 -16.33 36.30 13.10
CA TRP B 75 -15.66 36.63 14.39
C TRP B 75 -16.47 36.04 15.53
N MET B 76 -15.85 35.87 16.69
CA MET B 76 -16.48 35.36 17.93
C MET B 76 -16.84 36.56 18.79
N PRO B 77 -18.14 36.84 19.04
CA PRO B 77 -18.53 38.05 19.74
C PRO B 77 -17.95 38.10 21.16
N ALA B 78 -18.12 39.23 21.84
CA ALA B 78 -17.68 39.44 23.23
C ALA B 78 -18.63 38.69 24.17
N THR B 79 -18.19 38.44 25.40
CA THR B 79 -19.02 37.86 26.49
C THR B 79 -19.70 39.02 27.25
N LYS B 80 -20.44 38.71 28.32
CA LYS B 80 -21.00 39.71 29.27
C LYS B 80 -19.82 40.35 30.01
N ASP B 81 -18.88 39.52 30.49
CA ASP B 81 -17.64 39.93 31.22
C ASP B 81 -16.77 40.81 30.31
N ASN B 82 -17.03 40.78 28.99
CA ASN B 82 -16.26 41.56 27.98
C ASN B 82 -14.76 41.35 28.26
N THR B 83 -14.40 40.13 28.68
CA THR B 83 -13.00 39.62 28.81
C THR B 83 -12.75 38.56 27.75
N GLY B 84 -13.79 37.82 27.36
CA GLY B 84 -13.72 36.72 26.39
C GLY B 84 -14.38 37.08 25.08
N GLY B 85 -13.94 36.45 23.99
CA GLY B 85 -14.42 36.68 22.62
C GLY B 85 -13.48 37.58 21.85
N HIS B 86 -13.78 37.85 20.57
CA HIS B 86 -13.08 38.88 19.75
C HIS B 86 -13.72 40.24 20.03
N VAL B 87 -13.46 40.80 21.22
CA VAL B 87 -14.14 42.01 21.76
C VAL B 87 -13.94 43.15 20.76
N MET B 88 -12.67 43.42 20.41
CA MET B 88 -12.31 44.54 19.50
C MET B 88 -13.23 44.53 18.28
N VAL B 89 -13.42 43.38 17.62
CA VAL B 89 -14.21 43.28 16.36
C VAL B 89 -15.70 43.48 16.65
N ASP B 90 -16.23 42.88 17.71
CA ASP B 90 -17.68 42.98 18.05
C ASP B 90 -18.04 44.43 18.39
N LYS B 91 -17.16 45.15 19.09
CA LYS B 91 -17.43 46.52 19.61
C LYS B 91 -17.08 47.58 18.54
N LEU B 92 -16.08 47.33 17.69
CA LEU B 92 -15.68 48.27 16.60
C LEU B 92 -16.82 48.34 15.59
N VAL B 93 -17.26 47.18 15.11
CA VAL B 93 -18.53 47.04 14.35
C VAL B 93 -19.64 47.76 15.14
N GLY B 94 -19.55 47.72 16.47
CA GLY B 94 -20.41 48.49 17.38
C GLY B 94 -20.42 49.96 17.00
N GLU B 95 -19.28 50.66 17.18
CA GLU B 95 -19.20 52.12 16.97
C GLU B 95 -19.49 52.45 15.51
N LEU B 96 -18.99 51.62 14.57
CA LEU B 96 -19.15 51.82 13.11
C LEU B 96 -20.58 51.45 12.63
N LYS B 97 -21.40 50.91 13.55
CA LYS B 97 -22.86 50.65 13.35
C LYS B 97 -23.09 49.82 12.09
N LEU B 98 -22.13 48.96 11.70
CA LEU B 98 -22.24 47.99 10.58
C LEU B 98 -23.08 46.81 11.06
N GLU B 99 -23.79 46.14 10.16
CA GLU B 99 -24.78 45.09 10.53
C GLU B 99 -24.06 43.75 10.70
N SER B 100 -24.65 42.87 11.53
CA SER B 100 -24.13 41.54 11.92
C SER B 100 -25.15 40.45 11.58
N LYS B 101 -24.70 39.28 11.11
CA LYS B 101 -25.55 38.07 10.98
C LYS B 101 -24.83 36.92 11.70
N ASN B 102 -25.58 35.92 12.21
CA ASN B 102 -25.05 34.70 12.87
C ASN B 102 -24.56 33.75 11.77
N PHE B 103 -23.25 33.81 11.47
CA PHE B 103 -22.52 32.92 10.53
C PHE B 103 -22.75 31.46 10.93
N PRO B 104 -23.67 30.72 10.27
CA PRO B 104 -24.15 29.44 10.79
C PRO B 104 -23.22 28.27 10.47
N MET B 105 -22.93 27.43 11.46
CA MET B 105 -22.00 26.27 11.38
C MET B 105 -22.77 24.95 11.31
N GLY B 106 -24.08 24.95 11.62
CA GLY B 106 -24.92 23.73 11.64
C GLY B 106 -26.34 23.99 11.15
N SER B 107 -27.20 22.96 11.17
CA SER B 107 -28.67 23.04 10.92
C SER B 107 -29.37 23.47 12.22
N ASN B 108 -30.28 24.44 12.12
CA ASN B 108 -31.24 24.82 13.19
C ASN B 108 -32.55 24.08 12.92
N LEU B 109 -32.54 23.11 12.01
CA LEU B 109 -33.71 22.27 11.65
C LEU B 109 -33.42 20.83 12.07
N PRO B 110 -34.33 20.13 12.80
CA PRO B 110 -35.50 20.74 13.44
C PRO B 110 -35.15 21.74 14.56
N ASP B 111 -36.12 22.54 15.03
CA ASP B 111 -35.94 23.53 16.14
C ASP B 111 -36.45 22.91 17.44
N LYS B 112 -37.22 21.83 17.36
CA LYS B 112 -37.43 20.86 18.46
C LYS B 112 -36.05 20.36 18.92
N ASP B 113 -35.32 19.69 18.04
CA ASP B 113 -33.92 19.20 18.25
C ASP B 113 -33.10 19.53 17.00
N PRO B 114 -32.42 20.68 16.95
CA PRO B 114 -31.47 20.94 15.86
C PRO B 114 -30.42 19.83 15.79
N VAL B 115 -30.19 19.29 14.60
CA VAL B 115 -29.18 18.27 14.43
C VAL B 115 -27.85 18.93 14.22
N GLY B 116 -27.76 20.20 14.57
CA GLY B 116 -26.51 20.91 14.41
C GLY B 116 -25.81 20.45 13.18
N ALA B 117 -24.59 19.93 13.35
CA ALA B 117 -23.85 19.43 12.23
C ALA B 117 -23.74 17.94 12.36
N LYS B 118 -24.36 17.42 13.40
CA LYS B 118 -24.26 16.01 13.63
C LYS B 118 -24.46 15.29 12.33
N ASP B 119 -25.43 15.73 11.56
CA ASP B 119 -25.77 15.01 10.30
C ASP B 119 -24.90 15.53 9.13
N ASN B 120 -23.86 16.33 9.38
CA ASN B 120 -22.90 16.80 8.33
C ASN B 120 -21.97 15.65 7.93
N LEU B 121 -21.46 15.73 6.69
CA LEU B 121 -20.81 14.62 5.95
C LEU B 121 -19.31 14.53 6.29
N PHE B 122 -18.74 13.33 6.09
CA PHE B 122 -17.31 12.95 6.24
C PHE B 122 -16.99 11.85 5.23
N TYR B 123 -15.90 11.95 4.46
CA TYR B 123 -15.58 10.99 3.37
C TYR B 123 -14.07 10.74 3.27
N LEU B 124 -13.53 10.00 4.22
CA LEU B 124 -12.08 9.66 4.30
C LEU B 124 -11.92 8.17 4.00
N ARG B 125 -10.70 7.76 3.64
CA ARG B 125 -10.30 6.35 3.44
C ARG B 125 -11.44 5.61 2.73
N GLY B 126 -11.91 6.16 1.61
CA GLY B 126 -13.01 5.59 0.83
C GLY B 126 -14.07 4.94 1.72
N GLU B 127 -14.53 5.65 2.75
CA GLU B 127 -15.73 5.27 3.54
C GLU B 127 -16.45 6.55 3.99
N ARG B 128 -17.76 6.62 3.77
CA ARG B 128 -18.60 7.77 4.15
C ARG B 128 -19.22 7.51 5.53
N PHE B 129 -19.38 8.56 6.33
CA PHE B 129 -20.12 8.55 7.62
C PHE B 129 -20.54 9.99 7.93
N ARG B 130 -20.81 10.29 9.20
CA ARG B 130 -21.32 11.60 9.67
C ARG B 130 -20.47 12.02 10.87
N LEU B 131 -20.76 13.19 11.45
CA LEU B 131 -20.11 13.67 12.69
C LEU B 131 -20.70 12.94 13.91
N ARG B 132 -21.93 12.45 13.78
CA ARG B 132 -22.64 11.69 14.86
C ARG B 132 -22.09 10.27 14.93
N ASP B 133 -21.65 9.71 13.80
CA ASP B 133 -21.10 8.34 13.73
C ASP B 133 -19.86 8.20 14.63
N PHE B 134 -19.07 9.26 14.81
CA PHE B 134 -17.82 9.23 15.62
C PHE B 134 -18.09 8.63 16.98
N THR B 135 -19.12 9.14 17.66
CA THR B 135 -19.56 8.69 19.01
C THR B 135 -20.61 7.58 18.85
N GLU B 136 -21.62 7.76 17.99
CA GLU B 136 -22.79 6.85 17.89
C GLU B 136 -22.39 5.48 17.32
N ALA B 137 -21.34 5.39 16.50
CA ALA B 137 -21.01 4.15 15.77
C ALA B 137 -19.52 4.10 15.39
N PRO B 138 -18.61 4.13 16.38
CA PRO B 138 -17.18 4.25 16.08
C PRO B 138 -16.62 3.09 15.23
N ASP B 139 -17.42 2.05 14.98
CA ASP B 139 -17.06 0.91 14.08
C ASP B 139 -17.01 1.44 12.65
N LYS B 140 -17.77 2.51 12.36
CA LYS B 140 -17.96 3.11 11.01
C LYS B 140 -16.73 3.92 10.59
N ILE B 141 -15.96 4.39 11.57
CA ILE B 141 -14.73 5.20 11.34
C ILE B 141 -13.64 4.26 10.84
N PRO B 142 -13.03 4.51 9.66
CA PRO B 142 -12.14 3.53 9.05
C PRO B 142 -10.67 3.76 9.43
N TYR B 143 -10.44 4.30 10.64
CA TYR B 143 -9.09 4.51 11.23
C TYR B 143 -8.85 3.46 12.32
N LYS B 144 -7.77 2.68 12.19
CA LYS B 144 -7.42 1.60 13.14
C LYS B 144 -6.85 2.24 14.41
N LEU B 145 -7.52 3.25 14.98
CA LEU B 145 -7.02 3.94 16.20
C LEU B 145 -7.15 3.00 17.40
N ALA B 146 -6.38 3.29 18.44
CA ALA B 146 -6.35 2.52 19.71
C ALA B 146 -7.72 2.53 20.40
N TRP B 147 -7.84 1.69 21.42
CA TRP B 147 -9.06 1.44 22.23
C TRP B 147 -9.35 2.66 23.12
N SER B 148 -8.29 3.30 23.61
CA SER B 148 -8.31 4.51 24.48
C SER B 148 -8.84 5.73 23.71
N GLU B 149 -8.65 5.75 22.38
CA GLU B 149 -9.00 6.89 21.48
C GLU B 149 -10.37 6.64 20.84
N ARG B 150 -10.76 5.38 20.62
CA ARG B 150 -12.08 5.02 20.03
C ARG B 150 -13.19 5.70 20.85
N GLY B 151 -14.19 6.27 20.16
CA GLY B 151 -15.41 6.80 20.78
C GLY B 151 -15.31 8.29 21.09
N TYR B 152 -14.34 9.00 20.51
CA TYR B 152 -14.25 10.48 20.56
C TYR B 152 -14.29 11.05 19.14
N GLY B 153 -15.06 12.12 18.90
CA GLY B 153 -14.88 12.95 17.70
C GLY B 153 -13.50 13.59 17.72
N PRO B 154 -12.92 13.99 16.57
CA PRO B 154 -11.58 14.58 16.56
C PRO B 154 -11.46 15.88 17.38
N GLU B 155 -12.51 16.71 17.39
CA GLU B 155 -12.53 17.99 18.16
C GLU B 155 -12.48 17.69 19.65
N ASP B 156 -13.09 16.57 20.06
CA ASP B 156 -13.18 16.10 21.46
C ASP B 156 -11.87 15.42 21.85
N LEU B 157 -11.19 14.81 20.87
CA LEU B 157 -9.93 14.04 21.09
C LEU B 157 -8.79 15.03 21.34
N GLN B 158 -8.83 16.20 20.70
CA GLN B 158 -7.83 17.28 20.92
C GLN B 158 -7.79 17.63 22.42
N VAL B 159 -8.97 17.70 23.05
CA VAL B 159 -9.14 18.13 24.47
C VAL B 159 -8.63 17.01 25.39
N LYS B 160 -8.83 15.75 25.00
CA LYS B 160 -8.29 14.56 25.71
C LYS B 160 -6.77 14.71 25.76
N VAL B 161 -6.15 14.92 24.59
CA VAL B 161 -4.67 15.10 24.46
C VAL B 161 -4.23 16.24 25.39
N MET B 162 -4.93 17.37 25.34
CA MET B 162 -4.55 18.56 26.12
C MET B 162 -4.49 18.17 27.60
N HIS B 163 -5.59 17.69 28.15
CA HIS B 163 -5.62 17.38 29.56
C HIS B 163 -4.61 16.29 29.85
N ASN B 164 -4.61 15.23 29.06
CA ASN B 164 -3.55 14.20 29.22
C ASN B 164 -2.22 14.91 29.46
N ILE B 165 -1.91 15.92 28.66
CA ILE B 165 -0.67 16.65 28.80
C ILE B 165 -0.66 17.40 30.10
N TYR B 166 -1.77 18.06 30.40
CA TYR B 166 -1.86 18.82 31.62
C TYR B 166 -3.29 19.25 31.78
N PRO B 167 -3.84 19.05 32.98
CA PRO B 167 -5.24 19.45 33.03
C PRO B 167 -5.41 20.93 33.28
N GLY B 168 -6.07 21.62 32.37
CA GLY B 168 -6.34 23.02 32.60
C GLY B 168 -5.61 23.96 31.70
N PHE B 169 -4.70 23.43 30.89
CA PHE B 169 -3.94 24.27 30.01
C PHE B 169 -4.82 25.38 29.52
N ASP B 170 -5.93 25.03 28.92
CA ASP B 170 -6.81 26.03 28.34
C ASP B 170 -7.07 27.17 29.27
N LYS B 171 -7.22 26.90 30.55
CA LYS B 171 -7.56 27.95 31.48
C LYS B 171 -6.34 28.60 32.09
N LEU B 172 -5.17 28.35 31.53
CA LEU B 172 -3.97 28.98 32.03
C LEU B 172 -3.69 30.25 31.28
N SER B 173 -2.76 31.03 31.76
CA SER B 173 -2.41 32.27 31.10
C SER B 173 -1.20 32.00 30.26
N LEU B 174 -1.06 32.70 29.15
CA LEU B 174 0.09 32.36 28.28
C LEU B 174 1.34 32.24 29.15
N ALA B 175 1.58 33.25 29.98
CA ALA B 175 2.74 33.33 30.90
C ALA B 175 2.99 31.95 31.53
N GLU B 176 1.92 31.30 31.98
CA GLU B 176 1.95 30.00 32.71
C GLU B 176 2.11 28.86 31.70
N GLN B 177 1.39 28.95 30.58
CA GLN B 177 1.35 27.94 29.50
C GLN B 177 2.73 27.78 28.87
N MET B 178 3.63 28.76 29.07
CA MET B 178 5.02 28.72 28.54
C MET B 178 5.89 27.88 29.46
N GLN B 179 5.56 27.81 30.76
CA GLN B 179 6.38 27.07 31.78
C GLN B 179 5.99 25.60 31.79
N VAL B 180 4.78 25.26 31.31
CA VAL B 180 4.23 23.89 31.16
C VAL B 180 5.20 23.07 30.31
N LYS B 181 5.58 21.87 30.76
CA LYS B 181 6.53 20.99 30.03
C LYS B 181 5.91 19.61 29.85
N VAL B 182 6.24 18.95 28.74
CA VAL B 182 5.79 17.59 28.34
C VAL B 182 7.03 16.75 28.06
N PHE B 183 7.13 15.56 28.66
CA PHE B 183 8.22 14.58 28.43
C PHE B 183 9.57 15.31 28.46
N GLY B 184 9.70 16.35 29.29
CA GLY B 184 10.97 17.04 29.54
C GLY B 184 10.98 18.46 29.00
N LYS B 185 10.65 18.63 27.72
CA LYS B 185 10.68 19.96 27.03
C LYS B 185 9.47 20.80 27.45
N GLU B 186 9.62 22.12 27.46
CA GLU B 186 8.46 23.05 27.45
C GLU B 186 7.63 22.72 26.21
N ILE B 187 6.34 23.01 26.27
CA ILE B 187 5.36 22.57 25.23
C ILE B 187 5.59 23.38 23.96
N TRP B 188 6.08 24.62 24.08
CA TRP B 188 6.29 25.55 22.93
C TRP B 188 7.56 25.19 22.15
N ARG B 189 8.37 24.26 22.67
CA ARG B 189 9.51 23.64 21.95
C ARG B 189 9.03 22.44 21.12
N TYR B 190 7.73 22.12 21.17
CA TYR B 190 7.09 21.03 20.38
C TYR B 190 6.33 21.62 19.17
N GLY B 191 6.49 21.00 18.02
CA GLY B 191 5.67 21.39 16.89
C GLY B 191 4.35 20.70 17.19
N PHE B 192 3.29 21.06 16.50
CA PHE B 192 1.98 20.50 16.83
C PHE B 192 1.87 19.04 16.52
N TRP B 193 2.83 18.51 15.77
CA TRP B 193 2.78 17.12 15.40
C TRP B 193 3.91 16.35 16.04
N ASP B 194 4.98 17.05 16.40
CA ASP B 194 6.07 16.40 17.11
C ASP B 194 5.56 16.09 18.49
N LEU B 195 4.36 16.56 18.81
CA LEU B 195 3.68 16.25 20.09
C LEU B 195 2.68 15.11 19.85
N LEU B 196 1.73 15.34 18.94
CA LEU B 196 0.65 14.38 18.60
C LEU B 196 1.25 12.97 18.43
N TYR B 197 2.38 12.81 17.75
CA TYR B 197 2.93 11.47 17.44
C TYR B 197 3.62 10.88 18.69
N ARG B 198 3.55 11.56 19.85
CA ARG B 198 4.09 11.06 21.13
C ARG B 198 2.96 10.71 22.10
N VAL B 199 1.79 11.36 22.00
CA VAL B 199 0.62 11.18 22.92
C VAL B 199 -0.55 10.47 22.20
N LEU B 200 -0.55 10.37 20.86
CA LEU B 200 -1.57 9.67 20.04
C LEU B 200 -0.93 8.50 19.25
N SER B 201 -1.77 7.58 18.80
CA SER B 201 -1.31 6.50 17.97
C SER B 201 -1.10 7.02 16.58
N ASN B 202 -0.39 6.28 15.76
CA ASN B 202 -0.08 6.81 14.41
C ASN B 202 -1.38 6.88 13.63
N GLU B 203 -2.30 5.97 13.95
CA GLU B 203 -3.65 5.90 13.36
C GLU B 203 -4.58 6.94 14.01
N GLY B 204 -4.17 7.55 15.11
CA GLY B 204 -4.77 8.77 15.66
C GLY B 204 -4.09 9.99 15.09
N TYR B 205 -2.77 9.90 14.89
CA TYR B 205 -1.93 10.96 14.31
C TYR B 205 -2.40 11.24 12.88
N GLN B 206 -2.41 10.20 12.03
CA GLN B 206 -2.85 10.28 10.62
C GLN B 206 -4.31 10.75 10.61
N PHE B 207 -5.10 10.30 11.58
CA PHE B 207 -6.51 10.64 11.62
C PHE B 207 -6.71 12.11 11.73
N MET B 208 -6.38 12.65 12.89
CA MET B 208 -6.59 14.07 13.11
C MET B 208 -6.16 14.86 11.88
N LYS B 209 -5.07 14.45 11.26
CA LYS B 209 -4.62 15.13 10.07
C LYS B 209 -5.73 15.15 9.07
N ASP B 210 -6.01 13.99 8.49
CA ASP B 210 -7.02 13.92 7.46
C ASP B 210 -8.27 14.65 7.86
N ALA B 211 -8.58 14.69 9.14
CA ALA B 211 -9.84 15.29 9.59
C ALA B 211 -9.67 16.40 10.60
N GLY B 212 -9.03 17.48 10.19
CA GLY B 212 -8.84 18.60 11.09
C GLY B 212 -10.16 19.21 11.52
N TYR B 214 -8.35 21.45 6.82
CA TYR B 214 -7.10 22.05 6.40
C TYR B 214 -5.97 21.13 6.73
N GLU B 215 -5.60 20.28 5.79
CA GLU B 215 -4.51 19.37 6.01
C GLU B 215 -3.49 20.11 6.81
N ALA B 216 -3.10 21.26 6.31
CA ALA B 216 -2.09 22.04 6.99
C ALA B 216 -2.38 22.05 8.47
N ASN B 217 -3.56 22.50 8.84
CA ASN B 217 -3.87 22.65 10.25
C ASN B 217 -2.85 23.50 10.94
N VAL B 218 -1.71 22.91 11.26
CA VAL B 218 -0.66 23.69 11.88
C VAL B 218 0.72 23.49 11.27
N ALA B 219 0.89 22.52 10.40
CA ALA B 219 2.23 22.24 9.87
C ALA B 219 3.27 22.45 10.94
N ASN B 220 3.04 21.91 12.11
CA ASN B 220 3.98 22.01 13.21
C ASN B 220 4.06 23.41 13.74
N ALA B 221 2.92 23.97 14.09
CA ALA B 221 2.93 25.28 14.71
C ALA B 221 3.16 25.07 16.18
N SER B 222 3.68 26.09 16.84
CA SER B 222 3.97 25.95 18.26
C SER B 222 2.77 25.34 18.89
N ALA B 223 2.99 24.42 19.81
CA ALA B 223 1.85 23.68 20.38
C ALA B 223 1.08 24.51 21.41
N VAL B 224 1.68 25.57 21.96
CA VAL B 224 1.06 26.43 23.02
C VAL B 224 -0.09 27.24 22.42
N THR B 225 0.00 27.55 21.13
CA THR B 225 -1.02 28.30 20.36
C THR B 225 -2.04 27.32 19.75
N GLN B 226 -1.57 26.22 19.16
CA GLN B 226 -2.41 25.35 18.28
C GLN B 226 -3.12 24.24 19.08
N LEU B 227 -2.80 24.04 20.36
CA LEU B 227 -3.42 22.95 21.17
C LEU B 227 -4.84 23.34 21.60
N PRO B 228 -5.06 24.45 22.35
CA PRO B 228 -6.43 24.90 22.63
C PRO B 228 -7.07 25.59 21.40
N ALA B 229 -7.01 24.94 20.24
CA ALA B 229 -7.72 25.34 19.01
C ALA B 229 -9.09 24.63 18.96
N THR B 230 -9.74 24.46 20.12
CA THR B 230 -11.00 23.69 20.31
C THR B 230 -12.20 24.65 20.36
N GLU B 231 -12.25 25.63 19.45
CA GLU B 231 -13.37 26.59 19.24
C GLU B 231 -13.95 26.42 17.83
N TYR B 232 -13.47 25.42 17.06
CA TYR B 232 -13.95 25.09 15.69
C TYR B 232 -15.37 24.52 15.76
N SER B 233 -15.83 24.14 16.96
CA SER B 233 -17.14 23.50 17.24
C SER B 233 -18.29 24.30 16.62
N ASP B 234 -19.44 23.65 16.42
CA ASP B 234 -20.74 24.30 16.09
C ASP B 234 -21.42 24.73 17.40
N LYS B 235 -20.79 24.45 18.54
CA LYS B 235 -21.27 24.77 19.91
C LYS B 235 -20.90 26.22 20.26
N THR B 236 -19.76 26.71 19.75
CA THR B 236 -19.30 28.12 19.87
C THR B 236 -20.14 28.99 18.92
N VAL B 237 -20.16 30.31 19.14
CA VAL B 237 -20.92 31.29 18.31
C VAL B 237 -19.98 31.91 17.28
N PHE B 238 -20.51 32.39 16.16
CA PHE B 238 -19.78 33.16 15.13
C PHE B 238 -20.74 34.13 14.44
N LEU B 239 -20.32 35.39 14.31
CA LEU B 239 -21.05 36.48 13.61
C LEU B 239 -20.28 36.87 12.35
N THR B 240 -21.00 37.19 11.28
CA THR B 240 -20.42 37.68 9.98
C THR B 240 -21.00 39.06 9.70
N LEU B 241 -20.25 39.91 8.99
CA LEU B 241 -20.77 41.22 8.50
C LEU B 241 -21.75 40.92 7.36
N LYS B 242 -22.89 41.62 7.33
CA LYS B 242 -23.95 41.43 6.31
C LYS B 242 -23.42 41.95 4.98
N LYS B 243 -22.77 43.12 5.00
CA LYS B 243 -22.20 43.79 3.79
C LYS B 243 -20.84 43.17 3.44
N GLY B 244 -20.47 42.04 4.04
CA GLY B 244 -19.16 41.38 3.87
C GLY B 244 -18.09 41.97 4.79
N PHE B 245 -17.23 41.12 5.36
CA PHE B 245 -16.20 41.48 6.36
C PHE B 245 -15.35 42.66 5.85
N GLN B 246 -15.12 42.75 4.53
CA GLN B 246 -14.27 43.80 3.87
C GLN B 246 -14.84 45.20 4.13
N ALA B 247 -16.11 45.28 4.55
CA ALA B 247 -16.84 46.52 4.91
C ALA B 247 -16.27 47.19 6.18
N LEU B 248 -15.59 46.44 7.07
CA LEU B 248 -14.95 47.01 8.29
C LEU B 248 -13.73 47.82 7.89
N PRO B 249 -12.74 47.26 7.15
CA PRO B 249 -11.56 48.01 6.71
C PRO B 249 -11.89 49.14 5.72
N LEU B 250 -12.87 48.93 4.84
CA LEU B 250 -13.37 49.98 3.93
C LEU B 250 -13.95 51.13 4.76
N THR B 251 -14.92 50.85 5.65
CA THR B 251 -15.56 51.82 6.58
C THR B 251 -14.50 52.49 7.46
N LEU B 252 -13.42 51.76 7.78
CA LEU B 252 -12.28 52.34 8.53
C LEU B 252 -11.53 53.34 7.64
N ALA B 253 -11.39 53.06 6.34
CA ALA B 253 -10.70 53.96 5.39
C ALA B 253 -11.53 55.25 5.20
N LYS B 254 -12.83 55.12 4.87
CA LYS B 254 -13.75 56.25 4.55
C LYS B 254 -13.76 57.26 5.71
N ARG B 255 -14.03 56.78 6.93
CA ARG B 255 -14.08 57.59 8.18
C ARG B 255 -12.72 58.25 8.44
N PHE B 256 -11.63 57.71 7.90
CA PHE B 256 -10.24 58.24 7.99
C PHE B 256 -10.15 59.58 7.25
N ALA B 257 -10.60 59.59 6.00
CA ALA B 257 -10.68 60.78 5.10
C ALA B 257 -11.78 61.74 5.55
N GLU B 258 -12.90 61.19 6.04
CA GLU B 258 -14.12 61.96 6.41
C GLU B 258 -13.87 62.83 7.64
N VAL B 259 -12.76 62.62 8.34
CA VAL B 259 -12.42 63.44 9.49
C VAL B 259 -12.48 64.87 9.04
N PRO B 260 -13.49 65.61 9.53
CA PRO B 260 -13.48 67.01 9.16
C PRO B 260 -12.22 67.61 9.69
N GLY B 261 -11.63 68.50 8.93
CA GLY B 261 -10.46 69.18 9.43
C GLY B 261 -9.28 68.28 9.32
N GLY B 262 -8.11 68.86 9.48
CA GLY B 262 -6.86 68.09 9.34
C GLY B 262 -5.81 68.79 8.51
N LEU B 263 -4.53 68.59 8.87
CA LEU B 263 -3.34 69.14 8.18
C LEU B 263 -3.22 68.55 6.77
N ILE B 264 -3.80 67.36 6.54
CA ILE B 264 -3.98 66.77 5.17
C ILE B 264 -5.49 66.57 4.93
N ALA B 265 -5.90 66.68 3.66
CA ALA B 265 -7.31 66.64 3.17
C ALA B 265 -7.71 65.21 2.81
N GLY B 266 -8.93 64.81 3.20
CA GLY B 266 -9.52 63.49 2.91
C GLY B 266 -9.06 62.95 1.58
N GLU B 267 -9.15 63.78 0.53
CA GLU B 267 -8.81 63.44 -0.89
C GLU B 267 -7.37 62.90 -1.00
N GLN B 268 -6.42 63.53 -0.28
CA GLN B 268 -4.98 63.20 -0.37
C GLN B 268 -4.53 62.42 0.88
N ARG B 269 -5.48 61.86 1.64
CA ARG B 269 -5.20 61.12 2.91
C ARG B 269 -4.85 59.66 2.62
N ILE B 270 -5.38 59.09 1.53
CA ILE B 270 -5.04 57.71 1.07
C ILE B 270 -4.33 57.82 -0.27
N ARG B 271 -3.48 56.84 -0.58
CA ARG B 271 -2.63 56.80 -1.80
C ARG B 271 -2.53 55.34 -2.25
N MET B 272 -3.38 54.93 -3.18
CA MET B 272 -3.50 53.52 -3.64
C MET B 272 -2.39 53.24 -4.66
N ASN B 273 -2.37 52.02 -5.22
CA ASN B 273 -1.35 51.52 -6.18
C ASN B 273 0.01 52.15 -5.85
N ARG B 274 0.52 51.89 -4.64
CA ARG B 274 1.84 52.32 -4.14
C ARG B 274 2.49 51.17 -3.35
N ARG B 275 3.58 50.62 -3.90
CA ARG B 275 4.38 49.52 -3.31
C ARG B 275 5.65 50.11 -2.68
N LEU B 276 5.64 50.30 -1.35
CA LEU B 276 6.84 50.74 -0.58
C LEU B 276 7.97 49.73 -0.80
N ALA B 277 8.96 50.09 -1.62
CA ALA B 277 10.06 49.22 -2.10
C ALA B 277 11.23 49.25 -1.10
N SER B 278 11.38 50.36 -0.38
CA SER B 278 12.56 50.58 0.50
C SER B 278 12.19 51.54 1.62
N VAL B 279 12.92 51.48 2.74
CA VAL B 279 12.87 52.44 3.88
C VAL B 279 14.32 52.85 4.19
N GLN B 280 14.92 53.67 3.32
CA GLN B 280 16.32 54.16 3.47
C GLN B 280 16.37 55.20 4.60
N PHE B 281 17.50 55.24 5.32
CA PHE B 281 17.74 56.15 6.46
C PHE B 281 18.29 57.48 5.95
N SER B 282 17.61 58.60 6.27
CA SER B 282 18.02 59.99 5.88
C SER B 282 18.68 60.69 7.07
N ASP B 283 19.34 61.80 6.84
CA ASP B 283 19.84 62.56 7.98
C ASP B 283 18.67 63.23 8.68
N ASP B 284 17.86 63.97 7.94
CA ASP B 284 16.75 64.72 8.52
C ASP B 284 16.27 64.21 9.84
N THR B 285 16.73 64.83 10.92
CA THR B 285 16.27 64.44 12.23
C THR B 285 14.76 64.30 12.21
N GLU B 286 14.07 65.35 11.80
CA GLU B 286 12.63 65.31 11.82
C GLU B 286 12.13 64.09 11.11
N TYR B 287 12.41 64.00 9.82
CA TYR B 287 11.96 62.86 9.05
C TYR B 287 13.19 62.13 8.60
N PRO B 288 13.59 61.12 9.36
CA PRO B 288 14.85 60.43 9.06
C PRO B 288 14.70 59.16 8.23
N TYR B 289 13.51 58.98 7.62
CA TYR B 289 13.12 57.76 6.87
C TYR B 289 12.75 58.15 5.43
N ARG B 290 13.64 57.87 4.47
CA ARG B 290 13.37 58.06 3.01
C ARG B 290 12.51 56.89 2.55
N LEU B 291 11.20 57.09 2.42
CA LEU B 291 10.24 56.03 2.01
C LEU B 291 10.14 55.99 0.48
N HIS B 292 11.04 55.24 -0.15
CA HIS B 292 11.00 54.90 -1.60
C HIS B 292 9.77 54.02 -1.82
N PHE B 293 8.68 54.61 -2.31
CA PHE B 293 7.50 53.90 -2.85
C PHE B 293 7.75 53.53 -4.33
N GLN B 294 6.72 53.04 -5.01
CA GLN B 294 6.79 52.59 -6.42
C GLN B 294 5.36 52.42 -6.95
N ALA B 295 5.08 53.00 -8.11
CA ALA B 295 3.76 52.95 -8.78
C ALA B 295 3.48 51.52 -9.21
N THR B 296 2.22 51.12 -9.10
CA THR B 296 1.70 49.83 -9.60
C THR B 296 0.39 50.12 -10.35
N ARG B 297 -0.19 49.08 -10.98
CA ARG B 297 -1.47 49.18 -11.73
C ARG B 297 -2.27 47.90 -11.47
N THR B 298 -3.55 48.03 -11.13
CA THR B 298 -4.47 46.88 -10.90
C THR B 298 -5.35 46.70 -12.15
N VAL B 299 -5.10 45.61 -12.90
CA VAL B 299 -5.84 45.19 -14.13
C VAL B 299 -6.61 43.90 -13.82
N ASP B 300 -7.90 44.02 -13.50
CA ASP B 300 -8.77 42.89 -13.04
C ASP B 300 -8.10 42.21 -11.84
N GLY B 301 -7.78 42.99 -10.80
CA GLY B 301 -7.20 42.48 -9.54
C GLY B 301 -5.71 42.18 -9.63
N LYS B 302 -5.19 41.79 -10.80
CA LYS B 302 -3.75 41.45 -11.03
C LYS B 302 -2.91 42.73 -10.96
N THR B 303 -2.19 42.97 -9.85
CA THR B 303 -1.35 44.19 -9.63
C THR B 303 0.07 43.90 -10.10
N SER B 304 0.63 44.81 -10.88
CA SER B 304 1.97 44.71 -11.53
C SER B 304 2.66 46.09 -11.50
N ASP B 305 3.98 46.10 -11.43
CA ASP B 305 4.81 47.33 -11.26
C ASP B 305 4.60 48.25 -12.46
N VAL B 306 4.89 49.54 -12.26
CA VAL B 306 4.95 50.61 -13.31
C VAL B 306 6.32 51.29 -13.22
N PRO B 307 7.07 51.31 -14.34
CA PRO B 307 8.42 51.84 -14.23
C PRO B 307 8.47 53.32 -13.94
N GLY B 308 9.68 53.85 -13.86
CA GLY B 308 9.83 55.27 -13.60
C GLY B 308 10.59 55.46 -12.31
N ALA B 309 10.40 54.51 -11.40
CA ALA B 309 11.11 54.56 -10.14
C ALA B 309 10.82 55.77 -9.28
N GLU B 310 11.45 55.82 -8.12
CA GLU B 310 11.34 56.98 -7.23
C GLU B 310 10.08 57.10 -6.41
N GLU B 311 9.59 58.31 -6.22
CA GLU B 311 8.45 58.58 -5.34
C GLU B 311 9.04 58.44 -3.94
N ILE B 312 9.88 59.38 -3.56
CA ILE B 312 10.53 59.27 -2.27
C ILE B 312 9.97 60.22 -1.23
N ILE B 313 8.88 59.82 -0.60
CA ILE B 313 8.25 60.59 0.50
C ILE B 313 9.15 60.41 1.74
N HIS B 314 9.20 61.40 2.63
CA HIS B 314 9.95 61.34 3.92
C HIS B 314 8.93 61.23 5.04
N ALA B 315 9.30 60.54 6.12
CA ALA B 315 8.44 60.28 7.29
C ALA B 315 9.26 60.32 8.59
N ARG B 316 8.58 60.65 9.68
CA ARG B 316 9.14 60.68 11.06
C ARG B 316 8.81 59.35 11.73
N GLN B 317 7.62 58.84 11.47
CA GLN B 317 7.11 57.57 12.03
C GLN B 317 6.51 56.72 10.93
N VAL B 318 6.83 55.43 10.92
CA VAL B 318 6.36 54.45 9.91
C VAL B 318 5.52 53.40 10.65
N ILE B 319 4.34 53.06 10.13
CA ILE B 319 3.47 51.98 10.64
C ILE B 319 3.29 50.95 9.52
N LEU B 320 3.78 49.72 9.72
CA LEU B 320 3.75 48.63 8.70
C LEU B 320 2.62 47.65 9.01
N ALA B 321 1.40 47.98 8.58
CA ALA B 321 0.20 47.13 8.75
C ALA B 321 0.34 45.91 7.83
N LEU B 322 1.49 45.21 7.92
CA LEU B 322 1.96 44.21 6.92
C LEU B 322 2.06 42.81 7.53
N PRO B 323 1.87 41.75 6.71
CA PRO B 323 2.36 40.41 7.04
C PRO B 323 3.85 40.24 6.76
N ARG B 324 4.37 39.07 7.15
CA ARG B 324 5.80 38.68 7.13
C ARG B 324 6.40 38.87 5.75
N ARG B 325 5.85 38.26 4.72
CA ARG B 325 6.47 38.38 3.41
C ARG B 325 6.57 39.83 3.05
N SER B 326 5.48 40.53 3.18
CA SER B 326 5.47 41.97 2.88
C SER B 326 6.72 42.60 3.50
N LEU B 327 6.95 42.33 4.79
CA LEU B 327 8.11 42.88 5.55
C LEU B 327 9.39 42.25 5.02
N GLU B 328 9.32 41.00 4.56
CA GLU B 328 10.44 40.35 3.84
C GLU B 328 10.80 41.24 2.64
N LEU B 329 9.85 41.47 1.75
CA LEU B 329 10.13 42.19 0.51
C LEU B 329 10.67 43.61 0.61
N ILE B 330 10.20 44.37 1.57
CA ILE B 330 10.76 45.74 1.74
C ILE B 330 12.23 45.56 2.11
N GLN B 331 13.13 46.31 1.45
CA GLN B 331 14.57 46.40 1.82
C GLN B 331 14.74 47.61 2.76
N SER B 332 15.33 47.37 3.93
CA SER B 332 15.79 48.39 4.90
C SER B 332 17.08 47.89 5.52
N PRO B 333 17.97 48.78 6.04
CA PRO B 333 19.05 48.34 6.93
C PRO B 333 18.48 48.03 8.32
N LEU B 334 17.37 48.67 8.68
CA LEU B 334 16.61 48.38 9.93
C LEU B 334 16.49 46.87 10.14
N PHE B 335 16.05 46.14 9.11
CA PHE B 335 15.84 44.68 9.13
C PHE B 335 17.17 43.96 9.43
N ASP B 336 18.32 44.62 9.28
CA ASP B 336 19.67 44.01 9.50
C ASP B 336 19.99 43.98 11.01
N ASP B 337 19.18 44.65 11.84
CA ASP B 337 19.14 44.51 13.32
C ASP B 337 18.90 43.03 13.65
N PRO B 338 19.85 42.31 14.28
CA PRO B 338 19.78 40.85 14.36
C PRO B 338 18.50 40.29 15.01
N TRP B 339 17.85 41.07 15.89
CA TRP B 339 16.59 40.66 16.57
C TRP B 339 15.49 40.51 15.53
N LEU B 340 15.27 41.59 14.77
CA LEU B 340 14.30 41.65 13.65
C LEU B 340 14.69 40.60 12.60
N LYS B 341 15.99 40.46 12.31
CA LYS B 341 16.51 39.47 11.33
C LYS B 341 16.07 38.07 11.75
N GLU B 342 16.25 37.72 13.03
CA GLU B 342 16.02 36.33 13.56
C GLU B 342 14.53 36.08 13.78
N ASN B 343 13.75 37.11 14.14
CA ASN B 343 12.34 36.97 14.60
C ASN B 343 11.32 37.33 13.51
N ILE B 344 11.79 37.82 12.36
CA ILE B 344 10.91 37.92 11.16
C ILE B 344 10.51 36.50 10.76
N ASP B 345 11.42 35.54 11.00
CA ASP B 345 11.27 34.10 10.65
C ASP B 345 10.35 33.39 11.64
N SER B 346 10.05 34.03 12.78
CA SER B 346 9.38 33.42 13.97
C SER B 346 8.05 32.74 13.58
N VAL B 347 7.40 33.20 12.50
CA VAL B 347 6.05 32.74 12.07
C VAL B 347 6.17 31.88 10.81
N LEU B 348 5.00 31.44 10.34
CA LEU B 348 4.97 30.56 9.20
C LEU B 348 3.93 30.89 8.14
N VAL B 349 4.34 31.47 7.03
CA VAL B 349 3.42 31.66 5.87
C VAL B 349 2.80 30.29 5.58
N GLN B 350 1.47 30.21 5.55
CA GLN B 350 0.71 29.04 5.02
C GLN B 350 -0.21 29.55 3.89
N SER B 351 0.03 29.06 2.69
CA SER B 351 -0.80 29.42 1.58
C SER B 351 -2.20 28.93 1.80
N ALA B 352 -3.17 29.75 1.49
CA ALA B 352 -4.60 29.41 1.58
C ALA B 352 -5.20 29.39 0.17
N PHE B 353 -6.17 28.50 -0.09
CA PHE B 353 -6.87 28.36 -1.39
C PHE B 353 -8.37 28.34 -1.11
N LYS B 354 -9.15 28.96 -1.99
CA LYS B 354 -10.62 29.16 -1.91
C LYS B 354 -11.22 29.01 -3.30
N LEU B 355 -12.34 28.30 -3.39
CA LEU B 355 -13.09 28.06 -4.64
C LEU B 355 -14.57 28.09 -4.27
N PHE B 356 -15.31 29.06 -4.80
CA PHE B 356 -16.79 29.15 -4.66
C PHE B 356 -17.42 28.58 -5.94
N LEU B 357 -18.56 27.91 -5.81
CA LEU B 357 -19.43 27.45 -6.93
C LEU B 357 -20.88 27.82 -6.61
N ALA B 358 -21.61 28.33 -7.61
CA ALA B 358 -22.96 28.91 -7.49
C ALA B 358 -23.97 28.13 -8.37
N TYR B 359 -25.02 27.63 -7.73
CA TYR B 359 -26.09 26.83 -8.35
C TYR B 359 -27.43 27.56 -8.21
N GLU B 360 -28.33 27.39 -9.18
CA GLU B 360 -29.76 27.81 -9.11
C GLU B 360 -30.45 27.02 -7.99
N GLN B 361 -29.74 26.13 -7.29
CA GLN B 361 -30.32 25.09 -6.40
C GLN B 361 -29.43 24.90 -5.16
N PRO B 362 -29.98 24.85 -3.92
CA PRO B 362 -29.27 24.33 -2.77
C PRO B 362 -29.59 22.84 -2.62
N TRP B 363 -29.12 22.04 -3.58
CA TRP B 363 -29.38 20.57 -3.67
C TRP B 363 -28.97 19.88 -2.37
N TRP B 364 -28.06 20.50 -1.59
CA TRP B 364 -27.53 19.92 -0.33
C TRP B 364 -28.67 19.78 0.69
N ARG B 365 -29.59 20.73 0.70
CA ARG B 365 -30.75 20.74 1.62
C ARG B 365 -31.56 19.45 1.41
N SER B 366 -31.59 18.92 0.18
CA SER B 366 -32.29 17.67 -0.21
C SER B 366 -31.65 16.45 0.46
N GLN B 367 -30.42 16.58 0.99
CA GLN B 367 -29.60 15.48 1.58
C GLN B 367 -29.19 15.82 3.02
N GLY B 368 -29.98 16.66 3.72
CA GLY B 368 -29.91 16.87 5.17
C GLY B 368 -28.96 17.99 5.59
N LEU B 369 -28.06 18.42 4.69
CA LEU B 369 -26.96 19.38 4.96
C LEU B 369 -27.48 20.79 4.70
N VAL B 370 -27.06 21.76 5.51
CA VAL B 370 -27.60 23.16 5.46
C VAL B 370 -26.43 24.14 5.47
N ALA B 371 -25.72 24.19 6.59
CA ALA B 371 -24.52 25.01 6.78
C ALA B 371 -23.45 24.16 7.48
N GLY B 372 -22.24 24.67 7.52
CA GLY B 372 -21.09 24.01 8.17
C GLY B 372 -20.17 23.39 7.16
N ARG B 373 -19.49 22.34 7.60
CA ARG B 373 -18.50 21.73 6.74
C ARG B 373 -18.45 20.24 6.68
N SER B 374 -18.15 19.73 5.51
CA SER B 374 -17.92 18.28 5.30
C SER B 374 -16.44 18.12 4.94
N VAL B 375 -15.82 17.02 5.34
CA VAL B 375 -14.35 16.79 5.16
C VAL B 375 -14.14 15.49 4.36
N THR B 376 -13.05 15.39 3.60
CA THR B 376 -12.73 14.22 2.75
C THR B 376 -11.24 14.11 2.48
N ASP B 377 -10.83 12.95 1.96
CA ASP B 377 -9.44 12.64 1.50
C ASP B 377 -9.32 12.97 0.01
N LEU B 378 -10.39 13.47 -0.63
CA LEU B 378 -10.36 14.02 -2.02
C LEU B 378 -9.76 15.42 -1.97
N PRO B 379 -9.00 15.85 -3.01
CA PRO B 379 -8.32 17.15 -3.01
C PRO B 379 -9.11 18.38 -2.54
N ILE B 380 -10.44 18.41 -2.73
CA ILE B 380 -11.36 19.50 -2.23
C ILE B 380 -11.26 19.59 -0.71
N ARG B 381 -11.00 18.47 -0.04
CA ARG B 381 -10.80 18.37 1.43
C ARG B 381 -12.02 18.91 2.16
N GLN B 382 -12.24 20.24 2.14
CA GLN B 382 -13.23 20.95 2.99
C GLN B 382 -14.29 21.63 2.12
N CYS B 383 -15.49 21.10 2.04
CA CYS B 383 -16.68 21.78 1.46
C CYS B 383 -17.42 22.50 2.60
N TYR B 384 -17.83 23.75 2.39
CA TYR B 384 -18.73 24.53 3.30
C TYR B 384 -20.04 24.82 2.56
N TYR B 385 -21.14 24.99 3.31
CA TYR B 385 -22.50 25.31 2.76
C TYR B 385 -22.90 26.73 3.19
N MET B 386 -22.99 27.67 2.24
CA MET B 386 -22.84 29.12 2.53
C MET B 386 -24.18 29.86 2.50
N GLY B 387 -25.18 29.40 1.74
CA GLY B 387 -26.55 29.94 1.86
C GLY B 387 -27.26 30.09 0.53
N THR B 388 -28.57 30.40 0.59
CA THR B 388 -29.46 30.61 -0.58
C THR B 388 -30.01 32.04 -0.49
N GLU B 389 -30.29 32.67 -1.63
CA GLU B 389 -30.66 34.10 -1.74
C GLU B 389 -32.06 34.33 -1.15
N CYS B 390 -33.05 33.56 -1.62
CA CYS B 390 -34.48 33.63 -1.23
C CYS B 390 -34.65 33.44 0.29
N GLU B 391 -33.68 32.80 0.93
CA GLU B 391 -33.62 32.68 2.40
C GLU B 391 -33.18 34.04 2.98
N GLN B 392 -32.11 34.61 2.45
CA GLN B 392 -31.47 35.83 3.01
C GLN B 392 -32.54 36.91 3.18
N ASP B 393 -32.55 37.58 4.34
CA ASP B 393 -33.54 38.60 4.78
C ASP B 393 -33.88 39.54 3.62
N GLY B 394 -35.16 39.59 3.23
CA GLY B 394 -35.70 40.47 2.17
C GLY B 394 -34.86 40.44 0.90
N GLY B 395 -34.12 39.36 0.64
CA GLY B 395 -33.27 39.19 -0.56
C GLY B 395 -34.13 38.93 -1.78
N GLU B 396 -33.51 38.73 -2.95
CA GLU B 396 -34.23 38.36 -4.20
C GLU B 396 -34.91 37.01 -3.97
N LYS B 397 -35.97 36.75 -4.72
CA LYS B 397 -36.80 35.52 -4.60
C LYS B 397 -36.27 34.49 -5.62
N THR B 398 -35.09 33.92 -5.35
CA THR B 398 -34.39 32.92 -6.20
C THR B 398 -33.74 31.86 -5.31
N LEU B 399 -33.72 30.60 -5.74
CA LEU B 399 -33.06 29.49 -5.02
C LEU B 399 -31.56 29.46 -5.36
N ASN B 400 -31.03 30.51 -5.97
CA ASN B 400 -29.58 30.65 -6.22
C ASN B 400 -28.89 30.63 -4.84
N SER B 401 -27.98 29.67 -4.65
CA SER B 401 -27.25 29.42 -3.38
C SER B 401 -25.76 29.23 -3.66
N LEU B 402 -24.93 29.26 -2.58
CA LEU B 402 -23.45 29.35 -2.62
C LEU B 402 -22.79 28.22 -1.83
N LEU B 403 -21.65 27.74 -2.35
CA LEU B 403 -20.84 26.59 -1.85
C LEU B 403 -19.36 26.98 -1.85
N MET B 404 -18.75 27.22 -0.69
CA MET B 404 -17.30 27.54 -0.55
C MET B 404 -16.53 26.22 -0.39
N ALA B 405 -16.46 25.45 -1.47
CA ALA B 405 -16.15 24.00 -1.49
C ALA B 405 -14.65 23.73 -1.26
N SER B 406 -13.78 24.71 -1.50
CA SER B 406 -12.35 24.70 -1.08
C SER B 406 -12.19 25.67 0.08
N TYR B 407 -11.62 25.20 1.19
CA TYR B 407 -10.94 26.03 2.20
C TYR B 407 -9.48 25.60 2.23
N ASN B 408 -9.17 24.45 1.60
CA ASN B 408 -7.85 23.77 1.66
C ASN B 408 -6.72 24.83 1.62
N ASP B 409 -5.79 24.73 2.55
CA ASP B 409 -4.65 25.61 2.61
C ASP B 409 -3.56 24.62 2.87
N ILE B 410 -2.47 24.72 2.12
CA ILE B 410 -1.31 23.87 2.32
C ILE B 410 -0.24 24.43 1.42
N GLY B 411 0.99 24.49 1.89
CA GLY B 411 2.07 25.07 1.10
C GLY B 411 2.43 24.32 -0.16
N THR B 412 3.26 24.92 -1.01
CA THR B 412 3.76 24.26 -2.24
C THR B 412 2.80 24.07 -3.39
N VAL B 413 3.08 23.10 -4.26
CA VAL B 413 2.26 22.85 -5.43
C VAL B 413 1.35 21.64 -5.29
N PRO B 414 0.07 21.87 -4.96
CA PRO B 414 -0.84 20.76 -4.75
C PRO B 414 -1.66 20.44 -5.98
N PHE B 415 -2.97 20.23 -5.82
CA PHE B 415 -3.86 19.99 -6.96
C PHE B 415 -4.70 21.23 -7.20
N TRP B 416 -4.66 22.17 -6.26
CA TRP B 416 -5.38 23.41 -6.42
C TRP B 416 -4.51 24.38 -7.15
N LYS B 417 -3.22 24.36 -6.84
CA LYS B 417 -2.31 25.21 -7.57
C LYS B 417 -1.77 24.45 -8.75
N GLY B 418 -2.65 23.77 -9.45
CA GLY B 418 -2.29 23.05 -10.65
C GLY B 418 -3.25 23.21 -11.81
N LEU B 419 -4.51 22.85 -11.61
CA LEU B 419 -5.49 22.89 -12.68
C LEU B 419 -5.95 24.29 -13.06
N GLU B 420 -5.28 25.30 -12.55
CA GLU B 420 -5.67 26.71 -12.82
C GLU B 420 -5.08 27.14 -14.18
N ASP B 421 -5.09 26.24 -15.18
CA ASP B 421 -4.65 26.53 -16.58
C ASP B 421 -5.40 25.61 -17.56
N GLY B 422 -5.37 25.96 -18.85
CA GLY B 422 -6.08 25.28 -19.94
C GLY B 422 -6.95 26.24 -20.74
N ALA B 423 -8.23 26.37 -20.35
CA ALA B 423 -9.20 27.35 -20.88
C ALA B 423 -9.93 28.00 -19.71
N PRO B 424 -10.38 29.27 -19.81
CA PRO B 424 -11.16 29.89 -18.75
C PRO B 424 -12.59 29.34 -18.70
N PHE B 425 -13.34 29.66 -17.63
CA PHE B 425 -14.75 29.23 -17.40
C PHE B 425 -15.69 30.41 -17.71
N GLU B 426 -16.63 30.21 -18.64
CA GLU B 426 -17.66 31.20 -19.04
C GLU B 426 -18.93 30.95 -18.19
N GLY B 427 -19.27 29.68 -17.94
CA GLY B 427 -20.45 29.31 -17.15
C GLY B 427 -21.70 29.30 -18.00
N TYR B 428 -22.84 29.68 -17.41
CA TYR B 428 -24.14 29.83 -18.11
C TYR B 428 -24.96 30.96 -17.46
N GLN B 429 -25.98 31.45 -18.16
CA GLN B 429 -26.81 32.51 -17.63
C GLN B 429 -28.01 31.96 -16.91
N PRO B 430 -28.16 32.30 -15.64
CA PRO B 430 -29.26 31.75 -14.85
C PRO B 430 -30.56 32.35 -15.31
N LYS B 431 -31.65 31.62 -15.16
CA LYS B 431 -32.94 32.14 -15.51
C LYS B 431 -33.06 33.50 -14.93
N SER B 432 -32.92 33.57 -13.62
CA SER B 432 -33.04 34.83 -12.95
C SER B 432 -32.35 35.93 -13.69
N LEU B 433 -31.18 35.63 -14.22
CA LEU B 433 -30.40 36.70 -14.83
C LEU B 433 -30.45 36.70 -16.35
N GLN B 434 -31.49 36.13 -16.92
CA GLN B 434 -31.60 36.07 -18.38
C GLN B 434 -32.10 37.38 -18.94
N GLY B 435 -32.65 38.23 -18.09
CA GLY B 435 -33.09 39.53 -18.54
C GLY B 435 -32.39 40.56 -17.70
N ARG B 436 -31.13 40.32 -17.34
CA ARG B 436 -30.46 41.24 -16.44
C ARG B 436 -28.95 41.35 -16.62
N ILE B 437 -28.29 40.29 -17.06
CA ILE B 437 -26.85 40.35 -17.18
C ILE B 437 -26.34 39.49 -18.33
N ASP B 438 -25.10 39.74 -18.75
CA ASP B 438 -24.56 39.01 -19.93
C ASP B 438 -23.61 37.90 -19.50
N ALA B 439 -23.43 36.89 -20.36
CA ALA B 439 -22.69 35.63 -20.10
C ALA B 439 -21.17 35.88 -20.06
N ASN B 440 -20.73 37.12 -20.32
CA ASN B 440 -19.30 37.53 -20.27
C ASN B 440 -18.98 38.08 -18.88
N GLU B 441 -20.00 38.23 -18.02
CA GLU B 441 -19.92 38.86 -16.68
C GLU B 441 -20.38 37.90 -15.57
N VAL B 442 -21.11 36.83 -15.90
CA VAL B 442 -21.65 35.82 -14.93
C VAL B 442 -20.50 35.29 -14.07
N VAL B 443 -19.44 34.78 -14.71
CA VAL B 443 -18.15 34.43 -14.05
C VAL B 443 -17.34 35.71 -13.92
N PRO B 444 -17.17 36.28 -12.70
CA PRO B 444 -16.49 37.57 -12.54
C PRO B 444 -14.99 37.56 -12.90
N LYS B 445 -14.39 38.76 -12.89
CA LYS B 445 -12.98 39.00 -13.28
C LYS B 445 -12.15 39.20 -12.00
N MET B 446 -11.56 38.12 -11.51
CA MET B 446 -10.67 38.09 -10.33
C MET B 446 -9.22 38.14 -10.79
N GLN B 447 -8.29 38.35 -9.85
CA GLN B 447 -6.82 38.17 -10.01
C GLN B 447 -6.54 36.78 -10.57
N TYR B 448 -7.32 35.78 -10.15
CA TYR B 448 -7.27 34.38 -10.60
C TYR B 448 -8.58 34.04 -11.33
N GLN B 449 -8.51 33.80 -12.64
CA GLN B 449 -9.65 33.34 -13.47
C GLN B 449 -9.70 31.81 -13.46
N ILE B 450 -10.62 31.26 -12.67
CA ILE B 450 -10.97 29.81 -12.63
C ILE B 450 -11.09 29.27 -14.07
N SER B 451 -10.72 27.99 -14.30
CA SER B 451 -10.73 27.31 -15.63
C SER B 451 -12.04 26.54 -15.84
N GLU B 452 -12.34 26.15 -17.09
CA GLU B 452 -13.34 25.10 -17.42
C GLU B 452 -12.92 23.85 -16.65
N GLU B 453 -11.65 23.46 -16.81
CA GLU B 453 -11.04 22.24 -16.21
C GLU B 453 -11.33 22.20 -14.71
N MET B 454 -10.78 23.13 -13.94
CA MET B 454 -10.89 23.11 -12.45
C MET B 454 -12.33 22.90 -12.04
N VAL B 455 -13.27 23.63 -12.63
CA VAL B 455 -14.71 23.59 -12.24
C VAL B 455 -15.24 22.18 -12.49
N ARG B 456 -14.93 21.59 -13.65
CA ARG B 456 -15.39 20.23 -14.04
C ARG B 456 -14.99 19.22 -12.94
N ILE B 457 -13.69 19.15 -12.65
CA ILE B 457 -13.07 18.28 -11.61
C ILE B 457 -13.67 18.64 -10.23
N ALA B 458 -13.63 19.92 -9.85
CA ALA B 458 -14.18 20.44 -8.57
C ALA B 458 -15.64 20.00 -8.41
N GLN B 459 -16.41 20.02 -9.49
CA GLN B 459 -17.81 19.50 -9.49
C GLN B 459 -17.74 17.99 -9.28
N ARG B 460 -16.96 17.28 -10.12
CA ARG B 460 -16.78 15.79 -10.05
C ARG B 460 -16.53 15.37 -8.60
N GLN B 461 -15.68 16.12 -7.88
CA GLN B 461 -15.25 15.83 -6.48
C GLN B 461 -16.40 16.06 -5.51
N VAL B 462 -17.07 17.22 -5.62
CA VAL B 462 -18.24 17.61 -4.77
C VAL B 462 -19.25 16.47 -4.78
N THR B 463 -19.56 15.96 -5.98
CA THR B 463 -20.56 14.91 -6.25
C THR B 463 -20.20 13.60 -5.52
N SER B 464 -18.94 13.17 -5.61
CA SER B 464 -18.41 12.00 -4.87
C SER B 464 -18.63 12.23 -3.37
N LEU B 465 -18.21 13.39 -2.86
CA LEU B 465 -18.33 13.74 -1.43
C LEU B 465 -19.79 13.56 -0.96
N HIS B 466 -20.75 13.93 -1.81
CA HIS B 466 -22.20 13.93 -1.47
C HIS B 466 -22.86 12.63 -1.94
N ASP B 467 -22.06 11.66 -2.41
CA ASP B 467 -22.51 10.30 -2.82
C ASP B 467 -23.71 10.44 -3.76
N GLN B 468 -23.56 11.27 -4.79
CA GLN B 468 -24.56 11.47 -5.88
C GLN B 468 -23.90 11.04 -7.19
N ILE B 469 -24.65 11.09 -8.29
CA ILE B 469 -24.20 10.57 -9.62
C ILE B 469 -23.99 11.75 -10.55
N GLU B 470 -24.93 12.71 -10.54
CA GLU B 470 -24.82 13.99 -11.29
C GLU B 470 -25.56 15.09 -10.53
N LEU B 471 -24.85 16.15 -10.15
CA LEU B 471 -25.43 17.30 -9.43
C LEU B 471 -25.68 18.43 -10.43
N PRO B 472 -26.70 19.27 -10.20
CA PRO B 472 -26.91 20.46 -11.02
C PRO B 472 -25.57 21.20 -11.21
N ALA B 473 -25.21 21.49 -12.46
CA ALA B 473 -23.96 22.21 -12.83
C ALA B 473 -24.00 23.63 -12.27
N PRO B 474 -22.82 24.24 -12.00
CA PRO B 474 -22.75 25.62 -11.55
C PRO B 474 -22.72 26.58 -12.74
N TYR B 475 -23.22 27.80 -12.54
CA TYR B 475 -23.27 28.87 -13.58
C TYR B 475 -22.12 29.84 -13.38
N SER B 476 -21.89 30.27 -12.13
CA SER B 476 -20.78 31.17 -11.73
C SER B 476 -19.89 30.45 -10.73
N ALA B 477 -18.64 30.91 -10.58
CA ALA B 477 -17.62 30.37 -9.67
C ALA B 477 -16.51 31.42 -9.50
N VAL B 478 -15.74 31.36 -8.41
CA VAL B 478 -14.53 32.20 -8.22
C VAL B 478 -13.46 31.39 -7.50
N TYR B 479 -12.33 31.20 -8.18
CA TYR B 479 -11.07 30.77 -7.57
C TYR B 479 -10.35 32.04 -7.06
N HIS B 480 -9.50 31.86 -6.05
CA HIS B 480 -8.55 32.88 -5.55
C HIS B 480 -7.38 32.08 -4.95
N ALA B 481 -6.31 32.74 -4.54
CA ALA B 481 -5.20 32.12 -3.79
C ALA B 481 -4.42 33.21 -3.08
N TRP B 482 -3.70 32.86 -2.02
CA TRP B 482 -2.93 33.82 -1.18
C TRP B 482 -1.47 33.38 -1.11
N ASP B 483 -1.01 32.62 -2.09
CA ASP B 483 0.36 32.19 -2.14
C ASP B 483 1.17 33.18 -2.92
N ALA B 484 0.58 34.31 -3.25
CA ALA B 484 1.28 35.25 -4.09
C ALA B 484 1.70 36.48 -3.36
N ASP B 485 2.94 36.88 -3.57
CA ASP B 485 3.39 38.08 -2.96
C ASP B 485 2.44 39.13 -3.44
N PRO B 486 1.87 39.89 -2.51
CA PRO B 486 2.66 40.42 -1.42
C PRO B 486 2.29 39.74 -0.14
N PHE B 487 1.70 38.56 -0.20
CA PHE B 487 1.23 37.93 1.01
C PHE B 487 1.92 36.65 1.35
N GLY B 488 2.44 35.96 0.34
CA GLY B 488 3.13 34.70 0.55
C GLY B 488 2.10 33.69 0.95
N GLY B 489 1.43 33.92 2.05
CA GLY B 489 0.32 33.04 2.45
C GLY B 489 -0.86 33.85 2.98
N GLY B 490 -1.88 33.18 3.48
CA GLY B 490 -3.00 33.88 4.05
C GLY B 490 -2.96 33.94 5.55
N TRP B 491 -2.36 32.94 6.16
CA TRP B 491 -2.31 32.91 7.61
C TRP B 491 -0.92 32.71 8.14
N HIS B 492 -0.71 33.14 9.38
CA HIS B 492 0.58 32.99 9.98
C HIS B 492 0.46 32.17 11.26
N GLU B 493 1.48 31.39 11.56
CA GLU B 493 1.43 30.46 12.72
C GLU B 493 2.82 30.40 13.35
N TRP B 494 2.92 30.78 14.63
CA TRP B 494 4.17 30.78 15.44
C TRP B 494 4.89 29.45 15.26
N LYS B 495 6.18 29.50 15.01
CA LYS B 495 7.01 28.26 14.95
C LYS B 495 7.29 27.77 16.37
N ALA B 496 7.69 26.50 16.48
CA ALA B 496 8.19 25.91 17.74
C ALA B 496 9.56 26.51 18.03
N ASN B 497 9.99 26.41 19.29
CA ASN B 497 11.31 26.91 19.76
C ASN B 497 11.35 28.42 19.58
N TYR B 498 10.18 29.07 19.56
CA TYR B 498 10.06 30.55 19.44
C TYR B 498 9.15 31.07 20.54
N ARG B 499 9.71 31.98 21.34
CA ARG B 499 9.12 32.65 22.52
C ARG B 499 8.03 33.61 22.04
N LEU B 500 6.96 33.09 21.44
CA LEU B 500 5.81 33.90 20.94
C LEU B 500 5.34 34.87 22.04
N ASP B 501 5.39 34.46 23.31
CA ASP B 501 4.97 35.27 24.48
C ASP B 501 5.59 36.67 24.38
N LEU B 502 6.89 36.76 24.07
CA LEU B 502 7.70 38.00 24.09
C LEU B 502 7.65 38.68 22.72
N ILE B 503 7.85 37.92 21.64
CA ILE B 503 7.90 38.47 20.25
C ILE B 503 6.62 39.26 20.01
N ILE B 504 5.47 38.75 20.44
CA ILE B 504 4.15 39.48 20.41
C ILE B 504 4.31 40.88 21.01
N GLN B 505 5.08 41.03 22.10
CA GLN B 505 5.22 42.31 22.83
C GLN B 505 6.18 43.24 22.05
N ARG B 506 7.27 42.70 21.48
CA ARG B 506 8.43 43.50 21.01
C ARG B 506 8.26 43.89 19.54
N MET B 507 7.72 43.02 18.69
CA MET B 507 7.63 43.22 17.21
C MET B 507 6.95 44.56 16.89
N ARG B 508 6.21 45.11 17.84
CA ARG B 508 5.52 46.41 17.72
C ARG B 508 6.57 47.54 17.61
N HIS B 509 7.66 47.48 18.38
CA HIS B 509 8.79 48.46 18.33
C HIS B 509 10.10 47.68 18.22
N PRO B 510 10.37 47.01 17.08
CA PRO B 510 11.35 45.93 17.01
C PRO B 510 12.77 46.40 17.35
N VAL B 511 13.10 47.63 16.96
CA VAL B 511 14.34 48.34 17.40
C VAL B 511 13.93 49.55 18.27
N GLN B 512 14.60 49.78 19.37
CA GLN B 512 14.19 50.86 20.24
C GLN B 512 14.45 52.17 19.59
N GLU B 513 15.71 52.43 19.29
CA GLU B 513 16.08 53.70 18.73
C GLU B 513 15.23 54.14 17.57
N GLN B 514 14.66 53.21 16.83
CA GLN B 514 13.93 53.61 15.64
C GLN B 514 12.44 53.69 15.79
N GLU B 515 11.86 54.76 15.28
CA GLU B 515 10.38 54.98 15.38
C GLU B 515 9.63 54.22 14.28
N VAL B 516 10.03 52.97 14.03
CA VAL B 516 9.43 52.06 13.01
C VAL B 516 8.55 51.07 13.76
N TYR B 517 7.31 50.89 13.32
CA TYR B 517 6.28 50.08 14.01
C TYR B 517 5.66 49.09 13.03
N ILE B 518 5.56 47.84 13.47
CA ILE B 518 4.80 46.76 12.77
C ILE B 518 3.56 46.43 13.60
N VAL B 519 2.48 46.04 12.92
CA VAL B 519 1.16 45.70 13.51
C VAL B 519 0.42 44.80 12.50
N GLY B 520 -0.05 43.62 12.93
CA GLY B 520 -0.74 42.66 12.05
C GLY B 520 -1.07 41.37 12.77
N GLU B 521 -1.89 40.51 12.13
CA GLU B 521 -2.33 39.18 12.67
C GLU B 521 -1.11 38.26 12.83
N ALA B 522 -0.11 38.41 11.95
CA ALA B 522 1.11 37.57 11.90
C ALA B 522 1.83 37.60 13.26
N TYR B 523 2.18 38.79 13.76
CA TYR B 523 2.89 38.98 15.05
C TYR B 523 1.89 39.37 16.14
N SER B 524 0.84 38.56 16.29
CA SER B 524 -0.25 38.72 17.28
C SER B 524 -0.65 37.35 17.84
N TYR B 525 -1.41 37.33 18.94
CA TYR B 525 -1.87 36.08 19.61
C TYR B 525 -3.01 35.47 18.79
N GLY B 526 -3.98 36.29 18.38
CA GLY B 526 -5.10 35.90 17.49
C GLY B 526 -4.65 35.73 16.05
N GLN B 527 -3.70 34.81 15.80
CA GLN B 527 -3.14 34.50 14.45
C GLN B 527 -4.25 33.90 13.59
N GLY B 528 -4.29 34.26 12.30
CA GLY B 528 -5.34 33.88 11.34
C GLY B 528 -6.71 34.47 11.71
N TRP B 529 -6.74 35.44 12.63
CA TRP B 529 -7.96 36.21 12.99
C TRP B 529 -7.70 37.70 12.77
N VAL B 530 -8.77 38.45 12.50
CA VAL B 530 -8.79 39.94 12.39
C VAL B 530 -8.61 40.53 13.79
N GLU B 531 -9.20 39.89 14.80
CA GLU B 531 -9.05 40.24 16.24
C GLU B 531 -7.56 40.41 16.57
N GLY B 532 -6.70 39.58 15.96
CA GLY B 532 -5.22 39.66 16.07
C GLY B 532 -4.69 40.99 15.57
N ALA B 533 -4.97 41.33 14.30
CA ALA B 533 -4.51 42.57 13.62
C ALA B 533 -4.95 43.79 14.43
N LEU B 534 -6.22 43.87 14.80
CA LEU B 534 -6.81 44.99 15.57
C LEU B 534 -6.06 45.17 16.89
N THR B 535 -5.96 44.10 17.68
CA THR B 535 -5.35 44.11 19.04
C THR B 535 -3.94 44.71 18.98
N THR B 536 -3.08 44.14 18.15
CA THR B 536 -1.71 44.66 17.89
C THR B 536 -1.80 46.16 17.62
N ALA B 537 -2.61 46.55 16.63
CA ALA B 537 -2.85 47.97 16.24
C ALA B 537 -3.18 48.78 17.49
N GLU B 538 -4.29 48.47 18.16
CA GLU B 538 -4.83 49.23 19.33
C GLU B 538 -3.79 49.26 20.46
N SER B 539 -3.22 48.11 20.81
CA SER B 539 -2.21 47.99 21.89
C SER B 539 -1.03 48.93 21.59
N THR B 540 -0.57 49.01 20.34
CA THR B 540 0.63 49.78 19.90
C THR B 540 0.34 51.29 19.91
N LEU B 541 -0.85 51.69 19.47
CA LEU B 541 -1.29 53.11 19.51
C LEU B 541 -1.30 53.60 20.96
N GLN B 542 -1.67 52.75 21.92
CA GLN B 542 -1.69 53.09 23.37
C GLN B 542 -0.25 53.14 23.91
N ASP B 543 0.44 52.00 23.93
CA ASP B 543 1.70 51.77 24.68
C ASP B 543 2.81 52.66 24.11
N PHE B 544 2.70 53.08 22.84
CA PHE B 544 3.73 53.89 22.14
C PHE B 544 3.15 55.24 21.71
N PHE B 545 2.28 55.27 20.69
CA PHE B 545 1.76 56.50 20.06
C PHE B 545 0.97 57.35 21.07
N GLY B 546 0.48 56.74 22.15
CA GLY B 546 -0.05 57.47 23.32
C GLY B 546 -1.54 57.70 23.26
N LEU B 547 -2.20 57.38 22.15
CA LEU B 547 -3.68 57.44 22.05
C LEU B 547 -4.29 56.69 23.24
N PRO B 548 -5.28 57.28 23.97
CA PRO B 548 -5.95 56.57 25.06
C PRO B 548 -6.99 55.55 24.57
N ARG B 549 -7.30 54.54 25.40
CA ARG B 549 -8.27 53.45 25.09
C ARG B 549 -9.62 54.06 24.70
N PRO B 550 -10.23 53.66 23.55
CA PRO B 550 -11.52 54.22 23.12
C PRO B 550 -12.67 54.03 24.11
N ALA B 551 -13.82 54.64 23.84
CA ALA B 551 -15.03 54.49 24.70
C ALA B 551 -15.68 53.13 24.45
N TRP B 552 -15.77 52.73 23.17
CA TRP B 552 -16.44 51.48 22.72
C TRP B 552 -15.66 50.24 23.19
N LEU B 553 -14.38 50.41 23.55
CA LEU B 553 -13.48 49.30 24.02
C LEU B 553 -13.48 49.22 25.54
N PRO B 554 -14.07 48.17 26.14
CA PRO B 554 -14.11 48.05 27.60
C PRO B 554 -12.73 48.10 28.27
N GLU B 555 -12.69 48.53 29.54
CA GLU B 555 -11.46 48.57 30.37
C GLU B 555 -10.93 47.15 30.48
N ALA B 556 -11.83 46.18 30.69
CA ALA B 556 -11.56 44.75 30.92
C ALA B 556 -10.64 44.20 29.82
N TYR B 557 -11.14 44.16 28.58
CA TYR B 557 -10.57 43.37 27.45
C TYR B 557 -9.07 43.61 27.35
N GLN B 558 -8.27 42.60 27.71
CA GLN B 558 -6.79 42.59 27.53
C GLN B 558 -6.50 42.46 26.04
N LEU B 559 -5.79 43.43 25.45
CA LEU B 559 -5.51 43.50 24.00
C LEU B 559 -4.54 42.39 23.62
N LEU B 560 -3.34 42.43 24.20
CA LEU B 560 -2.31 41.37 24.02
C LEU B 560 -2.03 40.75 25.39
N PRO B 561 -1.86 39.40 25.45
CA PRO B 561 -1.66 38.69 26.72
C PRO B 561 -0.31 39.02 27.36
N ALA B 562 -0.31 39.08 28.70
CA ALA B 562 0.89 39.30 29.52
C ALA B 562 1.90 38.21 29.21
N PRO B 563 3.17 38.53 28.87
CA PRO B 563 4.16 37.50 28.55
C PRO B 563 4.67 36.79 29.82
N ALA B 564 5.52 35.78 29.63
CA ALA B 564 6.31 35.16 30.71
C ALA B 564 7.57 35.99 30.92
N PRO B 565 8.40 35.68 31.94
CA PRO B 565 9.74 36.25 32.03
C PRO B 565 10.67 35.73 30.93
N VAL B 566 11.90 36.22 30.90
CA VAL B 566 12.96 35.88 29.91
C VAL B 566 13.68 34.60 30.40
N ASP B 567 13.90 34.51 31.72
CA ASP B 567 14.41 33.30 32.42
C ASP B 567 13.22 32.40 32.76
N ILE B 568 13.07 31.32 31.99
CA ILE B 568 12.15 30.19 32.30
C ILE B 568 13.03 28.94 32.45
N ASP B 569 14.33 29.15 32.74
CA ASP B 569 15.38 28.10 32.79
C ASP B 569 15.05 27.09 33.91
N ASN B 570 14.58 27.58 35.05
CA ASN B 570 14.11 26.75 36.19
C ASN B 570 13.07 27.57 36.96
N PRO B 571 11.83 27.69 36.43
CA PRO B 571 10.88 28.66 36.97
C PRO B 571 10.40 28.21 38.34
N PRO B 572 9.77 29.10 39.14
CA PRO B 572 8.98 28.67 40.31
C PRO B 572 7.73 27.90 39.86
N ALA B 573 7.43 26.78 40.51
CA ALA B 573 6.32 25.95 40.07
C ALA B 573 5.01 26.68 39.93
N LEU B 574 4.12 26.10 39.13
CA LEU B 574 2.82 26.69 38.95
C LEU B 574 1.92 26.22 40.07
N ALA B 575 1.45 27.14 40.89
CA ALA B 575 0.61 26.77 42.02
C ALA B 575 -0.83 26.59 41.62
N CYS B 576 -1.26 25.35 41.47
CA CYS B 576 -2.63 25.06 41.09
C CYS B 576 -3.57 25.61 42.13
N THR B 577 -4.78 25.94 41.70
CA THR B 577 -5.76 26.43 42.63
C THR B 577 -6.87 25.44 42.68
N ASP B 578 -7.81 25.57 41.76
CA ASP B 578 -8.95 24.68 41.77
C ASP B 578 -8.60 23.39 41.08
N CYS B 579 -7.49 22.80 41.48
CA CYS B 579 -7.18 21.46 40.90
C CYS B 579 -8.46 20.61 40.98
N LYS B 580 -9.18 20.70 42.10
CA LYS B 580 -10.43 19.93 42.36
C LYS B 580 -11.29 19.90 41.07
N LYS B 581 -12.02 20.97 40.80
CA LYS B 581 -12.89 21.01 39.62
C LYS B 581 -12.23 20.39 38.40
N THR B 582 -11.03 20.79 38.12
CA THR B 582 -10.37 20.30 36.95
C THR B 582 -10.41 18.80 36.82
N LEU B 583 -9.75 18.11 37.73
CA LEU B 583 -9.61 16.63 37.63
C LEU B 583 -10.99 15.97 37.58
N THR B 584 -11.91 16.44 38.41
CA THR B 584 -13.36 16.10 38.38
C THR B 584 -13.83 16.12 36.92
N GLU B 585 -13.58 17.25 36.24
CA GLU B 585 -14.00 17.50 34.83
C GLU B 585 -13.26 16.52 33.91
N VAL B 586 -11.93 16.55 33.96
CA VAL B 586 -11.03 15.78 33.05
C VAL B 586 -11.50 14.32 33.02
N THR B 587 -11.84 13.75 34.18
CA THR B 587 -12.41 12.38 34.29
C THR B 587 -13.74 12.38 33.56
N GLU B 588 -14.68 13.19 34.04
CA GLU B 588 -16.06 13.22 33.51
C GLU B 588 -16.01 13.28 31.99
N PHE B 589 -15.05 14.02 31.43
CA PHE B 589 -14.83 14.13 29.96
C PHE B 589 -14.59 12.75 29.36
N ALA B 590 -13.79 11.92 30.05
CA ALA B 590 -13.36 10.58 29.58
C ALA B 590 -14.55 9.62 29.45
N TYR B 591 -15.63 9.83 30.24
CA TYR B 591 -16.84 8.97 30.26
C TYR B 591 -17.72 9.26 29.03
N THR B 592 -17.43 10.36 28.31
CA THR B 592 -18.11 10.75 27.05
C THR B 592 -17.50 10.00 25.85
N GLY B 593 -16.43 9.22 26.07
CA GLY B 593 -15.86 8.28 25.08
C GLY B 593 -16.06 6.83 25.49
N ILE B 594 -16.51 6.60 26.73
CA ILE B 594 -16.57 5.27 27.42
C ILE B 594 -18.04 4.81 27.49
N GLN C 12 -43.30 -2.47 -69.10
CA GLN C 12 -42.63 -3.63 -69.78
C GLN C 12 -42.82 -4.89 -68.94
N PRO C 13 -43.38 -5.98 -69.52
CA PRO C 13 -43.45 -7.29 -68.86
C PRO C 13 -42.22 -7.64 -68.03
N LEU C 14 -42.44 -8.13 -66.81
CA LEU C 14 -41.41 -8.83 -65.99
C LEU C 14 -41.86 -10.29 -65.84
N ASP C 15 -40.98 -11.25 -66.15
CA ASP C 15 -41.18 -12.70 -65.90
C ASP C 15 -41.01 -12.98 -64.41
N VAL C 16 -40.04 -12.32 -63.75
CA VAL C 16 -39.77 -12.37 -62.28
C VAL C 16 -39.33 -10.98 -61.79
N ALA C 17 -39.98 -10.48 -60.72
CA ALA C 17 -39.63 -9.22 -60.03
C ALA C 17 -39.39 -9.51 -58.55
N ILE C 18 -38.19 -9.20 -58.06
CA ILE C 18 -37.78 -9.42 -56.64
C ILE C 18 -37.90 -8.08 -55.90
N ILE C 19 -38.65 -8.06 -54.81
CA ILE C 19 -38.90 -6.84 -53.99
C ILE C 19 -38.03 -6.94 -52.72
N GLY C 20 -36.99 -6.12 -52.65
CA GLY C 20 -36.07 -6.05 -51.49
C GLY C 20 -34.62 -6.32 -51.87
N GLY C 21 -33.72 -5.41 -51.47
CA GLY C 21 -32.26 -5.53 -51.71
C GLY C 21 -31.61 -6.46 -50.70
N GLY C 22 -32.41 -7.21 -49.94
CA GLY C 22 -31.94 -8.14 -48.90
C GLY C 22 -31.09 -9.23 -49.49
N VAL C 23 -30.22 -9.83 -48.68
CA VAL C 23 -29.33 -10.97 -49.09
C VAL C 23 -30.17 -11.99 -49.88
N SER C 24 -31.37 -12.32 -49.41
CA SER C 24 -32.31 -13.33 -49.99
C SER C 24 -32.85 -12.83 -51.36
N GLY C 25 -32.83 -11.51 -51.55
CA GLY C 25 -33.28 -10.83 -52.78
C GLY C 25 -32.14 -10.68 -53.76
N THR C 26 -30.95 -10.30 -53.30
CA THR C 26 -29.72 -10.19 -54.13
C THR C 26 -29.33 -11.60 -54.57
N TYR C 27 -29.32 -12.54 -53.63
CA TYR C 27 -29.46 -13.99 -53.94
C TYR C 27 -30.90 -14.19 -54.43
N SER C 28 -31.18 -15.31 -55.09
CA SER C 28 -32.45 -15.57 -55.81
C SER C 28 -32.39 -14.82 -57.15
N ALA C 29 -32.31 -13.48 -57.10
CA ALA C 29 -32.15 -12.57 -58.27
C ALA C 29 -30.85 -12.92 -59.01
N TRP C 30 -29.82 -13.32 -58.27
CA TRP C 30 -28.50 -13.71 -58.85
C TRP C 30 -28.61 -15.10 -59.48
N ARG C 31 -29.09 -16.11 -58.73
CA ARG C 31 -29.18 -17.52 -59.19
C ARG C 31 -30.24 -17.65 -60.29
N LEU C 32 -31.15 -16.68 -60.42
CA LEU C 32 -32.20 -16.65 -61.48
C LEU C 32 -31.61 -16.15 -62.80
N GLN C 33 -30.82 -15.05 -62.77
CA GLN C 33 -30.18 -14.42 -63.97
C GLN C 33 -28.92 -15.21 -64.37
N GLU C 34 -28.67 -16.37 -63.72
CA GLU C 34 -27.49 -17.23 -63.96
C GLU C 34 -27.91 -18.52 -64.66
N ALA C 35 -29.10 -18.48 -65.28
CA ALA C 35 -29.64 -19.61 -66.01
C ALA C 35 -30.68 -19.03 -66.96
N GLN C 36 -31.76 -18.49 -66.43
CA GLN C 36 -32.81 -17.80 -67.24
C GLN C 36 -32.46 -16.31 -67.34
N GLY C 37 -31.28 -15.99 -67.87
CA GLY C 37 -30.82 -14.59 -68.10
C GLY C 37 -31.42 -14.04 -69.38
N ASP C 38 -31.20 -14.73 -70.49
CA ASP C 38 -31.63 -14.33 -71.86
C ASP C 38 -32.94 -15.05 -72.21
N HIS C 39 -33.52 -15.80 -71.26
CA HIS C 39 -34.82 -16.52 -71.42
C HIS C 39 -35.90 -15.89 -70.53
N GLN C 40 -35.57 -15.55 -69.28
CA GLN C 40 -36.51 -14.91 -68.30
C GLN C 40 -36.06 -13.47 -68.01
N ARG C 41 -37.02 -12.55 -67.93
CA ARG C 41 -36.78 -11.10 -67.62
C ARG C 41 -36.90 -10.95 -66.09
N ILE C 42 -35.76 -10.87 -65.38
CA ILE C 42 -35.69 -10.75 -63.89
C ILE C 42 -35.16 -9.35 -63.53
N GLN C 43 -35.78 -8.68 -62.54
CA GLN C 43 -35.37 -7.34 -62.03
C GLN C 43 -35.37 -7.35 -60.49
N LEU C 44 -34.66 -6.39 -59.87
CA LEU C 44 -34.50 -6.23 -58.39
C LEU C 44 -34.96 -4.81 -57.97
N PHE C 45 -35.68 -4.69 -56.84
CA PHE C 45 -36.35 -3.43 -56.38
C PHE C 45 -36.01 -3.12 -54.91
N GLU C 46 -35.49 -1.92 -54.65
CA GLU C 46 -35.15 -1.51 -53.30
C GLU C 46 -35.74 -0.16 -52.95
N TYR C 47 -36.12 0.00 -51.70
CA TYR C 47 -36.75 1.21 -51.27
C TYR C 47 -35.73 2.27 -50.95
N SER C 48 -34.46 1.90 -50.91
CA SER C 48 -33.42 2.84 -50.52
C SER C 48 -32.41 3.05 -51.62
N ASP C 49 -31.25 3.55 -51.25
CA ASP C 49 -30.19 3.74 -52.22
C ASP C 49 -29.13 2.75 -51.90
N ARG C 50 -29.46 1.79 -51.03
CA ARG C 50 -28.44 0.86 -50.58
C ARG C 50 -28.78 -0.59 -50.81
N ILE C 51 -27.81 -1.45 -50.54
CA ILE C 51 -28.02 -2.86 -50.70
C ILE C 51 -27.68 -3.56 -49.39
N GLY C 52 -28.26 -4.71 -49.16
CA GLY C 52 -27.99 -5.50 -47.93
C GLY C 52 -29.20 -5.57 -47.02
N GLY C 53 -29.86 -4.43 -46.81
CA GLY C 53 -30.98 -4.25 -45.88
C GLY C 53 -30.49 -4.40 -44.44
N ARG C 54 -30.68 -5.57 -43.84
CA ARG C 54 -30.25 -5.80 -42.47
C ARG C 54 -28.75 -5.80 -42.42
N LEU C 55 -28.12 -6.27 -43.47
CA LEU C 55 -26.64 -6.20 -43.56
C LEU C 55 -26.25 -4.80 -44.01
N PHE C 56 -25.42 -4.11 -43.23
CA PHE C 56 -24.97 -2.76 -43.55
C PHE C 56 -23.61 -2.58 -42.92
N SER C 57 -22.59 -2.38 -43.75
CA SER C 57 -21.23 -2.26 -43.24
C SER C 57 -20.63 -0.90 -43.55
N ILE C 58 -20.00 -0.30 -42.58
CA ILE C 58 -19.37 1.06 -42.75
C ILE C 58 -18.00 1.05 -42.09
N ASN C 59 -17.07 1.79 -42.69
CA ASN C 59 -15.76 2.10 -42.10
C ASN C 59 -15.85 3.57 -41.69
N LEU C 60 -15.97 3.83 -40.39
CA LEU C 60 -16.00 5.21 -39.83
C LEU C 60 -14.72 5.93 -40.23
N PRO C 61 -14.72 7.28 -40.26
CA PRO C 61 -13.48 8.04 -40.43
C PRO C 61 -12.43 7.57 -39.42
N GLY C 62 -11.20 7.27 -39.90
CA GLY C 62 -10.07 6.83 -39.06
C GLY C 62 -9.98 5.32 -38.91
N LEU C 63 -11.06 4.57 -39.22
CA LEU C 63 -11.13 3.09 -39.07
C LEU C 63 -11.44 2.42 -40.40
N PRO C 64 -10.70 2.70 -41.51
CA PRO C 64 -11.02 2.13 -42.80
C PRO C 64 -11.01 0.60 -42.83
N ASN C 65 -10.17 -0.02 -41.99
CA ASN C 65 -9.99 -1.49 -41.96
C ASN C 65 -10.75 -2.08 -40.77
N VAL C 66 -11.55 -1.27 -40.10
CA VAL C 66 -12.38 -1.76 -39.02
C VAL C 66 -13.82 -1.59 -39.45
N VAL C 67 -14.42 -2.67 -39.93
CA VAL C 67 -15.80 -2.61 -40.38
C VAL C 67 -16.74 -2.56 -39.22
N ALA C 68 -17.67 -1.61 -39.22
CA ALA C 68 -18.60 -1.47 -38.12
C ALA C 68 -19.87 -2.19 -38.41
N GLU C 69 -19.77 -3.45 -38.80
CA GLU C 69 -20.95 -4.20 -39.18
C GLU C 69 -22.16 -3.72 -38.41
N VAL C 70 -22.96 -2.88 -39.05
CA VAL C 70 -24.13 -2.36 -38.41
C VAL C 70 -25.26 -3.30 -38.67
N GLY C 71 -25.12 -4.53 -38.21
CA GLY C 71 -26.12 -5.52 -38.48
C GLY C 71 -25.44 -6.85 -38.44
N GLY C 72 -25.44 -7.54 -39.56
CA GLY C 72 -24.87 -8.86 -39.56
C GLY C 72 -23.38 -8.77 -39.41
N MET C 73 -22.80 -9.76 -38.76
CA MET C 73 -21.37 -9.80 -38.61
C MET C 73 -20.87 -11.22 -38.61
N ARG C 74 -21.27 -12.01 -37.66
CA ARG C 74 -20.70 -13.32 -37.56
C ARG C 74 -21.40 -14.37 -38.37
N TRP C 75 -20.77 -15.51 -38.48
CA TRP C 75 -21.36 -16.67 -39.20
C TRP C 75 -20.51 -17.90 -38.91
N MET C 76 -21.15 -19.04 -38.59
CA MET C 76 -20.47 -20.31 -38.22
C MET C 76 -20.01 -21.03 -39.48
N PRO C 77 -18.70 -21.33 -39.62
CA PRO C 77 -18.22 -22.08 -40.78
C PRO C 77 -18.90 -23.45 -40.83
N ALA C 78 -19.11 -23.98 -42.04
CA ALA C 78 -19.64 -25.33 -42.26
C ALA C 78 -18.86 -26.31 -41.38
N THR C 79 -19.56 -27.23 -40.71
CA THR C 79 -18.95 -28.44 -40.11
C THR C 79 -18.28 -29.20 -41.25
N LYS C 80 -17.21 -29.95 -40.95
CA LYS C 80 -16.40 -30.72 -41.94
C LYS C 80 -17.33 -31.59 -42.79
N ASP C 81 -18.33 -32.25 -42.18
CA ASP C 81 -19.31 -33.16 -42.84
C ASP C 81 -20.26 -32.37 -43.75
N ASN C 82 -20.37 -31.06 -43.51
CA ASN C 82 -21.22 -30.08 -44.25
C ASN C 82 -22.65 -30.12 -43.71
N THR C 83 -22.96 -31.10 -42.84
CA THR C 83 -24.27 -31.26 -42.14
C THR C 83 -24.24 -30.44 -40.85
N GLY C 84 -24.28 -29.11 -40.96
CA GLY C 84 -24.22 -28.19 -39.81
C GLY C 84 -23.34 -26.98 -40.12
N GLY C 85 -23.24 -26.05 -39.17
CA GLY C 85 -22.64 -24.72 -39.38
C GLY C 85 -23.55 -23.90 -40.28
N HIS C 86 -23.04 -22.83 -40.88
CA HIS C 86 -23.76 -22.02 -41.91
C HIS C 86 -23.22 -22.43 -43.29
N VAL C 87 -23.40 -23.72 -43.63
CA VAL C 87 -22.95 -24.40 -44.87
C VAL C 87 -23.06 -23.44 -46.07
N MET C 88 -24.25 -22.89 -46.30
CA MET C 88 -24.49 -21.97 -47.44
C MET C 88 -23.50 -20.79 -47.36
N VAL C 89 -23.62 -19.92 -46.36
CA VAL C 89 -22.84 -18.65 -46.29
C VAL C 89 -21.35 -18.96 -46.52
N ASP C 90 -20.85 -20.03 -45.88
CA ASP C 90 -19.43 -20.48 -45.94
C ASP C 90 -19.10 -20.93 -47.37
N LYS C 91 -20.04 -21.58 -48.06
CA LYS C 91 -19.87 -22.10 -49.44
C LYS C 91 -20.06 -20.97 -50.48
N LEU C 92 -20.93 -19.98 -50.21
CA LEU C 92 -21.23 -18.84 -51.14
C LEU C 92 -20.08 -17.83 -51.13
N VAL C 93 -19.58 -17.46 -49.95
CA VAL C 93 -18.38 -16.58 -49.80
C VAL C 93 -17.25 -17.21 -50.62
N GLY C 94 -17.14 -18.55 -50.58
CA GLY C 94 -16.14 -19.32 -51.34
C GLY C 94 -16.23 -19.04 -52.82
N GLU C 95 -17.38 -19.39 -53.42
CA GLU C 95 -17.70 -19.17 -54.85
C GLU C 95 -17.35 -17.72 -55.24
N LEU C 96 -17.97 -16.74 -54.57
CA LEU C 96 -17.84 -15.29 -54.90
C LEU C 96 -16.39 -14.81 -54.68
N LYS C 97 -15.53 -15.64 -54.07
CA LYS C 97 -14.10 -15.35 -53.78
C LYS C 97 -14.01 -14.08 -52.91
N LEU C 98 -14.69 -14.09 -51.75
CA LEU C 98 -14.79 -12.96 -50.78
C LEU C 98 -13.97 -13.29 -49.52
N GLU C 99 -13.23 -12.30 -49.00
CA GLU C 99 -12.21 -12.48 -47.93
C GLU C 99 -12.89 -12.53 -46.56
N SER C 100 -12.70 -13.65 -45.84
CA SER C 100 -13.31 -13.94 -44.51
C SER C 100 -12.25 -13.85 -43.41
N LYS C 101 -12.27 -12.77 -42.62
CA LYS C 101 -11.47 -12.63 -41.37
C LYS C 101 -12.13 -13.50 -40.31
N ASN C 102 -11.35 -14.05 -39.36
CA ASN C 102 -11.88 -14.72 -38.15
C ASN C 102 -12.59 -13.71 -37.25
N PHE C 103 -13.75 -14.07 -36.71
CA PHE C 103 -14.45 -13.33 -35.65
C PHE C 103 -13.83 -13.75 -34.32
N PRO C 104 -13.20 -12.83 -33.55
CA PRO C 104 -12.72 -13.14 -32.20
C PRO C 104 -13.86 -12.92 -31.19
N MET C 105 -14.26 -13.99 -30.49
CA MET C 105 -15.23 -13.94 -29.36
C MET C 105 -14.45 -13.94 -28.03
N GLY C 106 -13.11 -14.05 -28.10
CA GLY C 106 -12.23 -14.09 -26.93
C GLY C 106 -10.89 -13.41 -27.18
N SER C 107 -10.11 -13.21 -26.11
CA SER C 107 -8.68 -12.81 -26.14
C SER C 107 -7.85 -14.07 -26.42
N ASN C 108 -7.02 -14.03 -27.46
CA ASN C 108 -6.10 -15.14 -27.81
C ASN C 108 -4.74 -14.89 -27.17
N LEU C 109 -4.73 -14.41 -25.92
CA LEU C 109 -3.51 -14.15 -25.12
C LEU C 109 -3.70 -14.72 -23.71
N PRO C 110 -2.63 -15.20 -23.03
CA PRO C 110 -1.36 -15.55 -23.66
C PRO C 110 -1.39 -16.63 -24.78
N ASP C 111 -0.35 -16.71 -25.59
CA ASP C 111 -0.36 -17.65 -26.70
C ASP C 111 -0.51 -19.04 -26.20
N LYS C 112 0.37 -19.42 -25.29
CA LYS C 112 0.31 -20.74 -24.73
C LYS C 112 -1.08 -21.00 -24.27
N ASP C 113 -1.51 -20.25 -23.29
CA ASP C 113 -2.84 -20.46 -22.74
C ASP C 113 -3.66 -19.23 -22.92
N PRO C 114 -4.35 -19.13 -24.04
CA PRO C 114 -5.28 -18.01 -24.20
C PRO C 114 -6.40 -17.96 -23.14
N VAL C 115 -6.75 -16.76 -22.66
CA VAL C 115 -7.79 -16.56 -21.62
C VAL C 115 -9.18 -16.49 -22.29
N GLY C 116 -9.23 -16.72 -23.61
CA GLY C 116 -10.49 -16.62 -24.39
C GLY C 116 -11.32 -15.46 -23.89
N ALA C 117 -12.49 -15.73 -23.34
CA ALA C 117 -13.41 -14.72 -22.75
C ALA C 117 -13.45 -14.86 -21.22
N LYS C 118 -12.62 -15.72 -20.65
CA LYS C 118 -12.70 -16.10 -19.21
C LYS C 118 -12.68 -14.84 -18.34
N ASP C 119 -11.96 -13.82 -18.77
CA ASP C 119 -11.75 -12.56 -17.99
C ASP C 119 -12.82 -11.52 -18.34
N ASN C 120 -13.53 -11.69 -19.46
CA ASN C 120 -14.53 -10.71 -19.93
C ASN C 120 -15.50 -10.38 -18.78
N LEU C 121 -15.68 -9.08 -18.54
CA LEU C 121 -16.33 -8.50 -17.33
C LEU C 121 -17.81 -8.86 -17.26
N PHE C 122 -18.38 -8.64 -16.08
CA PHE C 122 -19.83 -8.57 -15.73
C PHE C 122 -20.02 -7.47 -14.69
N TYR C 123 -21.22 -6.88 -14.59
CA TYR C 123 -21.53 -5.84 -13.58
C TYR C 123 -23.01 -5.92 -13.18
N LEU C 124 -23.43 -7.10 -12.79
CA LEU C 124 -24.82 -7.27 -12.48
C LEU C 124 -25.08 -7.08 -11.01
N ARG C 125 -26.33 -6.79 -10.70
CA ARG C 125 -26.72 -6.62 -9.33
C ARG C 125 -25.68 -5.91 -8.50
N GLY C 126 -25.09 -4.86 -9.06
CA GLY C 126 -24.18 -4.06 -8.28
C GLY C 126 -22.84 -4.63 -7.87
N GLU C 127 -22.46 -5.76 -8.43
CA GLU C 127 -21.10 -6.30 -8.12
C GLU C 127 -20.36 -6.52 -9.45
N ARG C 128 -19.03 -6.54 -9.40
CA ARG C 128 -18.18 -6.68 -10.61
C ARG C 128 -17.39 -7.99 -10.50
N PHE C 129 -17.48 -8.84 -11.52
CA PHE C 129 -16.78 -10.15 -11.61
C PHE C 129 -16.53 -10.51 -13.08
N ARG C 130 -15.92 -11.67 -13.34
CA ARG C 130 -15.54 -12.16 -14.70
C ARG C 130 -16.20 -13.51 -14.97
N LEU C 131 -16.03 -13.97 -16.21
CA LEU C 131 -16.73 -15.15 -16.77
C LEU C 131 -16.20 -16.41 -16.08
N ARG C 132 -14.91 -16.44 -15.72
CA ARG C 132 -14.32 -17.64 -15.07
C ARG C 132 -14.80 -17.71 -13.62
N ASP C 133 -15.17 -16.58 -13.02
CA ASP C 133 -15.65 -16.53 -11.61
C ASP C 133 -16.94 -17.36 -11.47
N PHE C 134 -17.59 -17.75 -12.56
CA PHE C 134 -18.79 -18.62 -12.56
C PHE C 134 -18.46 -20.03 -12.06
N THR C 135 -17.41 -20.63 -12.62
CA THR C 135 -17.02 -22.03 -12.34
C THR C 135 -15.84 -22.03 -11.36
N GLU C 136 -15.12 -20.91 -11.22
CA GLU C 136 -13.92 -20.81 -10.37
C GLU C 136 -14.34 -20.36 -8.97
N ALA C 137 -15.17 -19.32 -8.86
CA ALA C 137 -15.43 -18.60 -7.57
C ALA C 137 -16.91 -18.32 -7.36
N PRO C 138 -17.77 -19.35 -7.33
CA PRO C 138 -19.22 -19.14 -7.43
C PRO C 138 -19.80 -18.33 -6.25
N ASP C 139 -19.03 -18.17 -5.17
CA ASP C 139 -19.34 -17.25 -4.03
C ASP C 139 -19.51 -15.83 -4.58
N LYS C 140 -18.86 -15.53 -5.72
CA LYS C 140 -18.76 -14.18 -6.32
C LYS C 140 -20.07 -13.74 -6.99
N ILE C 141 -20.89 -14.68 -7.46
CA ILE C 141 -22.12 -14.40 -8.28
C ILE C 141 -23.23 -13.93 -7.33
N PRO C 142 -23.89 -12.75 -7.57
CA PRO C 142 -24.81 -12.17 -6.60
C PRO C 142 -26.27 -12.57 -6.83
N TYR C 143 -26.53 -13.80 -7.28
CA TYR C 143 -27.88 -14.40 -7.42
C TYR C 143 -27.98 -15.66 -6.54
N LYS C 144 -28.98 -15.69 -5.64
CA LYS C 144 -29.11 -16.72 -4.58
C LYS C 144 -29.64 -17.99 -5.25
N LEU C 145 -28.83 -18.57 -6.15
CA LEU C 145 -29.18 -19.73 -7.01
C LEU C 145 -29.41 -20.96 -6.13
N ALA C 146 -29.87 -22.06 -6.74
CA ALA C 146 -30.00 -23.39 -6.09
C ALA C 146 -28.63 -24.05 -6.02
N TRP C 147 -28.40 -24.80 -4.96
CA TRP C 147 -27.14 -25.55 -4.73
C TRP C 147 -26.83 -26.42 -5.97
N SER C 148 -27.84 -26.73 -6.79
CA SER C 148 -27.75 -27.54 -8.05
C SER C 148 -27.42 -26.67 -9.27
N GLU C 149 -27.81 -25.39 -9.21
CA GLU C 149 -27.59 -24.35 -10.25
C GLU C 149 -26.33 -23.54 -9.95
N ARG C 150 -25.58 -23.90 -8.89
CA ARG C 150 -24.26 -23.31 -8.57
C ARG C 150 -23.18 -24.03 -9.38
N GLY C 151 -22.10 -23.33 -9.76
CA GLY C 151 -20.92 -23.89 -10.44
C GLY C 151 -21.12 -24.03 -11.94
N TYR C 152 -22.06 -23.25 -12.50
CA TYR C 152 -22.49 -23.29 -13.93
C TYR C 152 -22.50 -21.87 -14.51
N GLY C 153 -22.07 -21.70 -15.76
CA GLY C 153 -22.17 -20.42 -16.50
C GLY C 153 -23.53 -20.28 -17.18
N PRO C 154 -23.90 -19.08 -17.71
CA PRO C 154 -25.15 -18.88 -18.43
C PRO C 154 -25.38 -19.98 -19.49
N GLU C 155 -24.43 -20.11 -20.44
CA GLU C 155 -24.46 -21.14 -21.50
C GLU C 155 -24.65 -22.52 -20.86
N ASP C 156 -23.66 -22.95 -20.06
CA ASP C 156 -23.56 -24.31 -19.49
C ASP C 156 -24.82 -24.65 -18.68
N LEU C 157 -25.42 -23.66 -18.00
CA LEU C 157 -26.67 -23.85 -17.22
C LEU C 157 -27.80 -24.28 -18.15
N GLN C 158 -28.01 -23.55 -19.25
CA GLN C 158 -29.05 -23.83 -20.27
C GLN C 158 -28.96 -25.29 -20.74
N VAL C 159 -27.74 -25.78 -20.97
CA VAL C 159 -27.50 -27.16 -21.47
C VAL C 159 -28.00 -28.14 -20.39
N LYS C 160 -27.77 -27.83 -19.11
CA LYS C 160 -28.30 -28.63 -17.98
C LYS C 160 -29.82 -28.67 -18.09
N VAL C 161 -30.45 -27.49 -18.16
CA VAL C 161 -31.94 -27.32 -18.27
C VAL C 161 -32.46 -28.24 -19.36
N MET C 162 -31.80 -28.20 -20.52
CA MET C 162 -32.13 -29.02 -21.70
C MET C 162 -32.18 -30.48 -21.29
N HIS C 163 -31.07 -31.02 -20.77
CA HIS C 163 -30.95 -32.46 -20.43
C HIS C 163 -31.85 -32.82 -19.24
N ASN C 164 -32.23 -31.81 -18.44
CA ASN C 164 -33.28 -31.96 -17.39
C ASN C 164 -34.63 -32.08 -18.11
N ILE C 165 -34.90 -31.19 -19.08
CA ILE C 165 -36.10 -31.21 -19.98
C ILE C 165 -36.15 -32.58 -20.67
N TYR C 166 -35.08 -32.96 -21.40
CA TYR C 166 -34.96 -34.27 -22.10
C TYR C 166 -33.49 -34.54 -22.45
N PRO C 167 -32.94 -35.74 -22.16
CA PRO C 167 -31.59 -36.10 -22.61
C PRO C 167 -31.47 -36.19 -24.13
N GLY C 168 -30.62 -35.35 -24.73
CA GLY C 168 -30.29 -35.37 -26.17
C GLY C 168 -31.35 -34.70 -27.03
N PHE C 169 -32.10 -33.75 -26.47
CA PHE C 169 -33.10 -32.88 -27.17
C PHE C 169 -32.43 -32.16 -28.35
N ASP C 170 -31.23 -31.63 -28.10
CA ASP C 170 -30.35 -30.93 -29.07
C ASP C 170 -29.99 -31.88 -30.22
N LYS C 171 -29.78 -33.17 -29.91
CA LYS C 171 -29.34 -34.22 -30.86
C LYS C 171 -30.51 -34.73 -31.73
N LEU C 172 -31.75 -34.28 -31.48
CA LEU C 172 -32.96 -34.65 -32.27
C LEU C 172 -33.13 -33.72 -33.48
N SER C 173 -33.88 -34.17 -34.48
CA SER C 173 -34.33 -33.37 -35.66
C SER C 173 -35.58 -32.59 -35.26
N LEU C 174 -35.83 -31.43 -35.87
CA LEU C 174 -36.96 -30.51 -35.52
C LEU C 174 -38.28 -31.30 -35.50
N ALA C 175 -38.39 -32.35 -36.33
CA ALA C 175 -39.54 -33.29 -36.38
C ALA C 175 -39.72 -33.99 -35.02
N GLU C 176 -38.65 -34.65 -34.54
CA GLU C 176 -38.63 -35.40 -33.26
C GLU C 176 -38.75 -34.42 -32.08
N GLN C 177 -38.00 -33.31 -32.15
CA GLN C 177 -37.96 -32.23 -31.11
C GLN C 177 -39.38 -31.74 -30.84
N MET C 178 -40.15 -31.47 -31.90
CA MET C 178 -41.50 -30.85 -31.82
C MET C 178 -42.53 -31.87 -31.30
N GLN C 179 -42.06 -33.00 -30.76
CA GLN C 179 -42.90 -34.04 -30.13
C GLN C 179 -42.42 -34.32 -28.70
N VAL C 180 -41.39 -33.61 -28.23
CA VAL C 180 -40.77 -33.75 -26.86
C VAL C 180 -41.62 -32.96 -25.85
N LYS C 181 -42.46 -33.68 -25.09
CA LYS C 181 -43.42 -33.13 -24.10
C LYS C 181 -42.72 -33.00 -22.74
N VAL C 182 -42.82 -31.81 -22.11
CA VAL C 182 -42.21 -31.47 -20.78
C VAL C 182 -43.36 -31.19 -19.81
N PHE C 183 -43.53 -32.05 -18.80
CA PHE C 183 -44.66 -31.96 -17.86
C PHE C 183 -45.96 -32.12 -18.66
N GLY C 184 -46.00 -33.17 -19.51
CA GLY C 184 -47.16 -33.58 -20.32
C GLY C 184 -47.67 -32.48 -21.25
N LYS C 185 -46.76 -31.75 -21.91
CA LYS C 185 -47.06 -30.65 -22.87
C LYS C 185 -45.85 -30.49 -23.80
N GLU C 186 -46.11 -30.27 -25.10
CA GLU C 186 -45.05 -30.13 -26.14
C GLU C 186 -44.20 -28.91 -25.81
N ILE C 187 -42.88 -28.99 -26.10
CA ILE C 187 -41.88 -27.91 -25.85
C ILE C 187 -42.27 -26.66 -26.64
N TRP C 188 -42.64 -26.82 -27.93
CA TRP C 188 -43.04 -25.70 -28.83
C TRP C 188 -44.26 -24.96 -28.27
N ARG C 189 -45.02 -25.63 -27.39
CA ARG C 189 -46.21 -25.06 -26.70
C ARG C 189 -45.73 -24.12 -25.59
N TYR C 190 -44.60 -24.42 -24.96
CA TYR C 190 -43.97 -23.53 -23.94
C TYR C 190 -43.21 -22.39 -24.63
N GLY C 191 -43.41 -21.16 -24.17
CA GLY C 191 -42.48 -20.03 -24.43
C GLY C 191 -41.24 -20.20 -23.57
N PHE C 192 -40.09 -19.68 -24.01
CA PHE C 192 -38.76 -19.92 -23.39
C PHE C 192 -38.76 -19.66 -21.88
N TRP C 193 -39.49 -18.63 -21.44
CA TRP C 193 -39.49 -18.13 -20.05
C TRP C 193 -40.50 -18.87 -19.17
N ASP C 194 -41.73 -19.11 -19.66
CA ASP C 194 -42.75 -19.92 -18.96
C ASP C 194 -42.25 -21.38 -18.80
N LEU C 195 -41.15 -21.76 -19.47
CA LEU C 195 -40.45 -23.08 -19.33
C LEU C 195 -39.39 -23.01 -18.21
N LEU C 196 -38.48 -22.02 -18.31
CA LEU C 196 -37.35 -21.81 -17.34
C LEU C 196 -37.93 -21.58 -15.93
N TYR C 197 -38.98 -20.74 -15.79
CA TYR C 197 -39.77 -20.51 -14.54
C TYR C 197 -40.04 -21.86 -13.84
N ARG C 198 -40.26 -22.94 -14.60
CA ARG C 198 -40.72 -24.27 -14.12
C ARG C 198 -39.54 -25.20 -13.80
N VAL C 199 -38.37 -25.05 -14.45
CA VAL C 199 -37.17 -25.94 -14.29
C VAL C 199 -36.04 -25.23 -13.52
N LEU C 200 -36.05 -23.89 -13.43
CA LEU C 200 -35.07 -23.11 -12.63
C LEU C 200 -35.74 -22.44 -11.43
N SER C 201 -34.93 -22.08 -10.44
CA SER C 201 -35.24 -21.06 -9.39
C SER C 201 -35.53 -19.70 -10.05
N ASN C 202 -36.35 -18.86 -9.41
CA ASN C 202 -36.55 -17.46 -9.87
C ASN C 202 -35.15 -16.86 -10.08
N GLU C 203 -34.33 -16.77 -9.03
CA GLU C 203 -32.97 -16.17 -9.10
C GLU C 203 -32.19 -16.80 -10.26
N GLY C 204 -32.50 -18.01 -10.63
CA GLY C 204 -31.84 -18.57 -11.78
C GLY C 204 -32.42 -17.91 -12.99
N TYR C 205 -33.74 -17.90 -13.07
CA TYR C 205 -34.40 -17.26 -14.18
C TYR C 205 -33.85 -15.88 -14.22
N GLN C 206 -34.16 -15.11 -13.19
CA GLN C 206 -33.65 -13.71 -13.11
C GLN C 206 -32.19 -13.65 -13.59
N PHE C 207 -31.38 -14.65 -13.23
CA PHE C 207 -29.94 -14.73 -13.64
C PHE C 207 -29.85 -14.68 -15.17
N MET C 208 -30.58 -15.59 -15.83
CA MET C 208 -30.50 -15.82 -17.30
C MET C 208 -30.94 -14.57 -18.07
N LYS C 209 -32.08 -13.97 -17.69
CA LYS C 209 -32.64 -12.74 -18.33
C LYS C 209 -31.75 -11.52 -18.01
N ASP C 210 -30.57 -11.77 -17.37
CA ASP C 210 -29.56 -10.74 -17.02
C ASP C 210 -28.19 -11.06 -17.64
N ALA C 211 -27.93 -12.32 -18.04
CA ALA C 211 -26.57 -12.89 -18.25
C ALA C 211 -26.19 -13.07 -19.72
N GLY C 212 -26.66 -14.12 -20.36
CA GLY C 212 -26.24 -14.38 -21.74
C GLY C 212 -27.23 -14.10 -22.82
N GLY C 213 -26.94 -14.60 -24.02
CA GLY C 213 -27.83 -14.39 -25.14
C GLY C 213 -27.45 -13.17 -25.93
N TYR C 214 -28.00 -13.04 -27.13
CA TYR C 214 -27.74 -11.87 -27.94
C TYR C 214 -27.64 -10.72 -27.00
N ASN C 217 -33.12 -9.51 -24.11
CA ASN C 217 -32.57 -10.08 -25.33
C ASN C 217 -33.42 -11.23 -25.82
N VAL C 218 -34.06 -11.93 -24.89
CA VAL C 218 -34.88 -13.06 -25.27
C VAL C 218 -36.33 -12.69 -25.38
N ALA C 219 -37.18 -13.68 -25.47
CA ALA C 219 -38.58 -13.41 -25.57
C ALA C 219 -39.20 -14.75 -25.41
N ASN C 220 -40.44 -14.76 -24.93
CA ASN C 220 -41.12 -16.01 -24.77
C ASN C 220 -41.28 -16.56 -26.17
N ALA C 221 -40.22 -17.15 -26.69
CA ALA C 221 -40.26 -17.68 -28.04
C ALA C 221 -40.31 -19.18 -27.99
N SER C 222 -40.93 -19.77 -28.98
CA SER C 222 -41.12 -21.25 -28.99
C SER C 222 -39.84 -21.91 -28.46
N ALA C 223 -39.86 -22.37 -27.20
CA ALA C 223 -38.73 -23.01 -26.47
C ALA C 223 -37.96 -23.94 -27.41
N VAL C 224 -38.66 -24.63 -28.30
CA VAL C 224 -38.12 -25.66 -29.24
C VAL C 224 -37.08 -25.04 -30.18
N THR C 225 -37.12 -23.72 -30.40
CA THR C 225 -36.13 -22.94 -31.19
C THR C 225 -35.03 -22.42 -30.26
N GLN C 226 -35.42 -21.80 -29.14
CA GLN C 226 -34.54 -20.99 -28.26
C GLN C 226 -33.89 -21.88 -27.19
N LEU C 227 -34.34 -23.13 -27.01
CA LEU C 227 -33.75 -24.04 -26.00
C LEU C 227 -32.38 -24.54 -26.49
N PRO C 228 -32.28 -25.24 -27.65
CA PRO C 228 -31.01 -25.82 -28.05
C PRO C 228 -29.98 -24.79 -28.54
N ALA C 229 -30.32 -23.49 -28.54
CA ALA C 229 -29.51 -22.38 -29.09
C ALA C 229 -28.50 -21.86 -28.06
N THR C 230 -27.28 -22.37 -28.08
CA THR C 230 -26.28 -21.96 -27.10
C THR C 230 -24.97 -21.61 -27.77
N GLU C 231 -25.00 -21.39 -29.08
CA GLU C 231 -23.78 -21.06 -29.82
C GLU C 231 -23.31 -19.67 -29.52
N TYR C 232 -22.90 -19.44 -28.27
CA TYR C 232 -22.41 -18.13 -27.91
C TYR C 232 -21.17 -18.34 -27.10
N SER C 233 -20.94 -19.57 -26.68
CA SER C 233 -19.72 -19.91 -25.89
C SER C 233 -18.50 -19.33 -26.62
N ASP C 234 -17.46 -18.94 -25.87
CA ASP C 234 -16.22 -18.35 -26.45
C ASP C 234 -15.61 -19.33 -27.46
N LYS C 235 -15.63 -20.64 -27.17
CA LYS C 235 -14.99 -21.74 -27.96
C LYS C 235 -15.81 -22.12 -29.20
N THR C 236 -16.91 -21.40 -29.51
CA THR C 236 -17.67 -21.51 -30.79
C THR C 236 -16.91 -20.76 -31.89
N VAL C 237 -16.68 -21.41 -33.04
CA VAL C 237 -15.97 -20.83 -34.22
C VAL C 237 -16.89 -19.77 -34.85
N PHE C 238 -16.36 -18.57 -35.15
CA PHE C 238 -17.14 -17.46 -35.77
C PHE C 238 -16.28 -16.69 -36.77
N LEU C 239 -16.90 -16.29 -37.90
CA LEU C 239 -16.28 -15.59 -39.06
C LEU C 239 -17.18 -14.43 -39.53
N THR C 240 -16.56 -13.45 -40.18
CA THR C 240 -17.31 -12.36 -40.80
C THR C 240 -16.54 -12.05 -42.08
N LEU C 241 -16.70 -10.85 -42.61
CA LEU C 241 -16.02 -10.49 -43.86
C LEU C 241 -15.08 -9.31 -43.66
N LYS C 242 -14.11 -9.13 -44.54
CA LYS C 242 -13.08 -8.09 -44.32
C LYS C 242 -13.64 -6.71 -44.68
N LYS C 243 -14.21 -6.57 -45.88
CA LYS C 243 -14.80 -5.30 -46.40
C LYS C 243 -16.18 -5.11 -45.77
N GLY C 244 -16.81 -6.19 -45.32
CA GLY C 244 -18.09 -6.07 -44.66
C GLY C 244 -18.97 -7.24 -44.96
N PHE C 245 -19.91 -7.53 -44.08
CA PHE C 245 -20.83 -8.59 -44.37
C PHE C 245 -21.70 -8.10 -45.51
N GLN C 246 -22.06 -6.82 -45.47
CA GLN C 246 -22.88 -6.26 -46.51
C GLN C 246 -22.26 -6.56 -47.84
N ALA C 247 -21.00 -6.93 -47.83
CA ALA C 247 -20.32 -7.31 -49.10
C ALA C 247 -21.15 -8.39 -49.81
N LEU C 248 -21.51 -9.48 -49.13
CA LEU C 248 -22.23 -10.65 -49.74
C LEU C 248 -23.39 -10.13 -50.57
N PRO C 249 -24.32 -9.33 -50.00
CA PRO C 249 -25.37 -8.69 -50.78
C PRO C 249 -24.89 -7.76 -51.91
N LEU C 250 -24.13 -6.71 -51.56
CA LEU C 250 -23.65 -5.70 -52.54
C LEU C 250 -22.93 -6.41 -53.69
N THR C 251 -22.20 -7.50 -53.40
CA THR C 251 -21.52 -8.37 -54.40
C THR C 251 -22.59 -9.04 -55.28
N LEU C 252 -23.46 -9.87 -54.70
CA LEU C 252 -24.59 -10.56 -55.39
C LEU C 252 -25.28 -9.57 -56.33
N ALA C 253 -25.65 -8.39 -55.81
CA ALA C 253 -26.32 -7.28 -56.54
C ALA C 253 -25.53 -6.96 -57.82
N LYS C 254 -24.24 -6.68 -57.68
CA LYS C 254 -23.31 -6.41 -58.82
C LYS C 254 -23.35 -7.60 -59.78
N ARG C 255 -22.92 -8.78 -59.32
CA ARG C 255 -22.82 -10.04 -60.10
C ARG C 255 -24.07 -10.25 -60.96
N PHE C 256 -25.25 -10.05 -60.37
CA PHE C 256 -26.60 -10.23 -60.99
C PHE C 256 -26.77 -9.25 -62.15
N ALA C 257 -26.49 -7.96 -61.90
CA ALA C 257 -26.53 -6.85 -62.89
C ALA C 257 -25.34 -6.95 -63.84
N GLU C 258 -24.57 -8.04 -63.75
CA GLU C 258 -23.39 -8.33 -64.58
C GLU C 258 -23.65 -9.60 -65.41
N VAL C 259 -24.25 -10.64 -64.81
CA VAL C 259 -24.62 -11.93 -65.48
C VAL C 259 -24.74 -11.71 -66.99
N PRO C 260 -23.82 -12.25 -67.82
CA PRO C 260 -23.69 -11.85 -69.23
C PRO C 260 -24.94 -12.01 -70.11
N GLY C 261 -25.00 -11.23 -71.19
CA GLY C 261 -26.09 -11.23 -72.18
C GLY C 261 -27.40 -10.77 -71.55
N GLY C 262 -28.28 -11.72 -71.24
CA GLY C 262 -29.56 -11.45 -70.55
C GLY C 262 -30.57 -10.76 -71.45
N LEU C 263 -31.87 -10.91 -71.15
CA LEU C 263 -32.97 -10.19 -71.85
C LEU C 263 -32.96 -8.72 -71.40
N ILE C 264 -32.75 -8.47 -70.10
CA ILE C 264 -32.57 -7.11 -69.53
C ILE C 264 -31.06 -6.86 -69.42
N ALA C 265 -30.64 -5.62 -69.59
CA ALA C 265 -29.25 -5.16 -69.37
C ALA C 265 -29.08 -4.80 -67.88
N GLY C 266 -27.96 -5.20 -67.29
CA GLY C 266 -27.52 -4.75 -65.96
C GLY C 266 -27.90 -3.29 -65.74
N GLU C 267 -27.69 -2.46 -66.78
CA GLU C 267 -27.99 -1.01 -66.81
C GLU C 267 -29.46 -0.72 -66.44
N GLN C 268 -30.30 -1.75 -66.25
CA GLN C 268 -31.70 -1.55 -65.75
C GLN C 268 -32.21 -2.80 -65.00
N ARG C 269 -31.33 -3.69 -64.55
CA ARG C 269 -31.71 -4.98 -63.90
C ARG C 269 -32.03 -4.79 -62.41
N ILE C 270 -31.45 -3.79 -61.74
CA ILE C 270 -31.61 -3.53 -60.27
C ILE C 270 -32.16 -2.11 -60.06
N ARG C 271 -33.48 -1.99 -59.85
CA ARG C 271 -34.25 -0.69 -59.85
C ARG C 271 -34.47 -0.20 -58.40
N MET C 272 -33.76 0.84 -57.97
CA MET C 272 -33.84 1.25 -56.56
C MET C 272 -34.83 2.32 -56.18
N ASN C 273 -34.64 2.89 -55.00
CA ASN C 273 -35.53 3.92 -54.48
C ASN C 273 -36.95 3.75 -54.96
N ARG C 274 -37.47 2.54 -54.87
CA ARG C 274 -38.84 2.29 -55.25
C ARG C 274 -39.47 1.56 -54.09
N ARG C 275 -40.65 1.99 -53.68
CA ARG C 275 -41.27 1.38 -52.53
C ARG C 275 -42.55 0.66 -52.88
N LEU C 276 -42.51 -0.66 -52.90
CA LEU C 276 -43.77 -1.41 -53.14
C LEU C 276 -44.77 -0.95 -52.07
N ALA C 277 -45.95 -0.53 -52.51
CA ALA C 277 -47.11 -0.15 -51.66
C ALA C 277 -48.28 -1.14 -51.86
N SER C 278 -48.34 -1.90 -52.96
CA SER C 278 -49.51 -2.75 -53.30
C SER C 278 -49.22 -3.75 -54.41
N VAL C 279 -49.99 -4.84 -54.43
CA VAL C 279 -50.00 -5.90 -55.48
C VAL C 279 -51.45 -6.22 -55.83
N GLN C 280 -51.92 -5.76 -57.00
CA GLN C 280 -53.26 -6.06 -57.58
C GLN C 280 -53.13 -7.15 -58.65
N PHE C 281 -54.21 -7.91 -58.90
CA PHE C 281 -54.22 -9.12 -59.77
C PHE C 281 -54.98 -8.84 -61.08
N SER C 282 -54.28 -8.84 -62.20
CA SER C 282 -54.92 -8.51 -63.47
C SER C 282 -55.34 -9.69 -64.29
N ASP C 283 -56.16 -9.44 -65.29
CA ASP C 283 -56.59 -10.51 -66.16
C ASP C 283 -55.43 -10.99 -66.96
N ASP C 284 -54.41 -10.16 -67.10
CA ASP C 284 -53.27 -10.52 -67.92
C ASP C 284 -53.03 -11.98 -67.81
N THR C 285 -53.22 -12.69 -68.90
CA THR C 285 -53.08 -14.12 -68.87
C THR C 285 -51.62 -14.53 -68.86
N GLU C 286 -50.73 -13.55 -68.78
CA GLU C 286 -49.31 -13.85 -68.79
C GLU C 286 -48.62 -13.17 -67.64
N TYR C 287 -49.00 -11.94 -67.38
CA TYR C 287 -48.39 -11.14 -66.29
C TYR C 287 -49.50 -10.71 -65.33
N PRO C 288 -50.06 -11.63 -64.50
CA PRO C 288 -51.29 -11.38 -63.77
C PRO C 288 -51.15 -10.46 -62.54
N TYR C 289 -50.07 -9.66 -62.48
CA TYR C 289 -49.69 -8.88 -61.28
C TYR C 289 -49.21 -7.47 -61.68
N ARG C 290 -49.94 -6.46 -61.22
CA ARG C 290 -49.54 -5.04 -61.29
C ARG C 290 -48.94 -4.65 -59.95
N LEU C 291 -47.62 -4.46 -59.90
CA LEU C 291 -46.89 -3.99 -58.69
C LEU C 291 -46.84 -2.46 -58.74
N HIS C 292 -47.67 -1.79 -57.94
CA HIS C 292 -47.66 -0.30 -57.79
C HIS C 292 -46.46 0.10 -56.92
N PHE C 293 -45.38 0.57 -57.53
CA PHE C 293 -44.20 1.16 -56.83
C PHE C 293 -44.43 2.67 -56.66
N GLN C 294 -43.80 3.25 -55.65
CA GLN C 294 -43.83 4.69 -55.44
C GLN C 294 -42.42 5.06 -55.09
N ALA C 295 -41.87 6.05 -55.76
CA ALA C 295 -40.47 6.38 -55.54
C ALA C 295 -40.18 6.92 -54.17
N THR C 296 -38.93 6.80 -53.76
CA THR C 296 -38.54 7.25 -52.45
C THR C 296 -37.23 8.00 -52.58
N ARG C 297 -36.82 8.67 -51.51
CA ARG C 297 -35.58 9.45 -51.57
C ARG C 297 -34.67 9.22 -50.37
N THR C 298 -33.48 8.69 -50.62
CA THR C 298 -32.58 8.39 -49.54
C THR C 298 -31.60 9.51 -49.27
N VAL C 299 -32.02 10.48 -48.46
CA VAL C 299 -31.15 11.63 -48.08
C VAL C 299 -30.46 11.28 -46.75
N ASP C 300 -29.14 11.06 -46.81
CA ASP C 300 -28.31 10.73 -45.63
C ASP C 300 -28.97 9.59 -44.85
N GLY C 301 -29.54 8.59 -45.53
CA GLY C 301 -30.13 7.39 -44.92
C GLY C 301 -31.64 7.47 -44.74
N LYS C 302 -32.17 8.65 -44.38
CA LYS C 302 -33.61 8.86 -44.13
C LYS C 302 -34.36 8.84 -45.48
N THR C 303 -35.24 7.85 -45.65
CA THR C 303 -35.99 7.72 -46.89
C THR C 303 -37.44 8.18 -46.73
N SER C 304 -37.89 8.99 -47.65
CA SER C 304 -39.26 9.56 -47.68
C SER C 304 -39.75 9.59 -49.13
N ASP C 305 -41.01 9.27 -49.35
CA ASP C 305 -41.52 9.18 -50.70
C ASP C 305 -41.23 10.41 -51.51
N VAL C 306 -40.96 10.22 -52.80
CA VAL C 306 -40.77 11.36 -53.65
C VAL C 306 -42.14 11.63 -54.21
N PRO C 307 -42.77 12.70 -53.74
CA PRO C 307 -44.13 12.99 -54.17
C PRO C 307 -44.28 12.85 -55.66
N GLY C 308 -45.39 12.30 -56.08
CA GLY C 308 -45.60 12.08 -57.50
C GLY C 308 -46.70 11.07 -57.69
N ALA C 309 -46.57 10.25 -58.73
CA ALA C 309 -47.60 9.29 -59.02
C ALA C 309 -47.06 7.89 -58.98
N GLU C 310 -47.95 6.92 -58.85
CA GLU C 310 -47.54 5.49 -58.76
C GLU C 310 -46.68 5.15 -59.99
N GLU C 311 -45.88 4.09 -59.94
CA GLU C 311 -45.05 3.58 -61.07
C GLU C 311 -45.30 2.08 -61.23
N ILE C 312 -46.43 1.71 -61.86
CA ILE C 312 -46.98 0.32 -61.86
C ILE C 312 -46.18 -0.53 -62.86
N ILE C 313 -45.88 -1.79 -62.51
CA ILE C 313 -45.12 -2.75 -63.39
C ILE C 313 -45.89 -4.08 -63.43
N HIS C 314 -45.74 -4.80 -64.55
CA HIS C 314 -46.33 -6.15 -64.82
C HIS C 314 -45.43 -7.22 -64.19
N ALA C 315 -45.95 -8.42 -63.94
CA ALA C 315 -45.18 -9.53 -63.30
C ALA C 315 -45.85 -10.89 -63.51
N ARG C 316 -45.16 -11.81 -64.21
CA ARG C 316 -45.55 -13.26 -64.34
C ARG C 316 -45.33 -13.93 -62.97
N GLN C 317 -44.23 -13.58 -62.28
CA GLN C 317 -43.83 -14.08 -60.93
C GLN C 317 -43.30 -12.92 -60.07
N VAL C 318 -43.57 -12.96 -58.76
CA VAL C 318 -43.09 -11.98 -57.72
C VAL C 318 -42.40 -12.75 -56.59
N ILE C 319 -41.14 -12.38 -56.25
CA ILE C 319 -40.37 -12.84 -55.03
C ILE C 319 -40.34 -11.66 -54.05
N LEU C 320 -40.99 -11.81 -52.89
CA LEU C 320 -41.01 -10.84 -51.76
C LEU C 320 -39.89 -11.19 -50.77
N ALA C 321 -38.65 -10.86 -51.13
CA ALA C 321 -37.43 -11.00 -50.29
C ALA C 321 -37.47 -9.96 -49.18
N LEU C 322 -38.43 -10.12 -48.26
CA LEU C 322 -38.73 -9.11 -47.21
C LEU C 322 -39.15 -9.81 -45.92
N PRO C 323 -38.97 -9.14 -44.76
CA PRO C 323 -39.47 -9.64 -43.47
C PRO C 323 -40.95 -9.30 -43.22
N ARG C 324 -41.42 -9.53 -41.98
CA ARG C 324 -42.84 -9.43 -41.57
C ARG C 324 -43.41 -8.03 -41.84
N ARG C 325 -42.78 -6.96 -41.33
CA ARG C 325 -43.35 -5.57 -41.34
C ARG C 325 -43.47 -5.05 -42.78
N SER C 326 -42.48 -5.36 -43.62
CA SER C 326 -42.48 -5.04 -45.07
C SER C 326 -43.77 -5.57 -45.71
N LEU C 327 -44.14 -6.82 -45.42
CA LEU C 327 -45.33 -7.50 -45.97
C LEU C 327 -46.59 -6.77 -45.48
N GLU C 328 -46.72 -6.59 -44.18
CA GLU C 328 -47.88 -5.88 -43.55
C GLU C 328 -48.02 -4.48 -44.16
N LEU C 329 -46.92 -3.80 -44.47
CA LEU C 329 -46.91 -2.41 -45.02
C LEU C 329 -47.33 -2.38 -46.51
N ILE C 330 -47.56 -3.55 -47.14
CA ILE C 330 -48.05 -3.68 -48.55
C ILE C 330 -49.53 -4.14 -48.53
N GLN C 331 -50.34 -3.62 -49.48
CA GLN C 331 -51.81 -3.89 -49.62
C GLN C 331 -52.06 -4.82 -50.80
N SER C 332 -52.45 -6.08 -50.53
CA SER C 332 -52.74 -7.10 -51.57
C SER C 332 -53.78 -8.08 -51.04
N PRO C 333 -54.67 -8.59 -51.91
CA PRO C 333 -55.60 -9.65 -51.52
C PRO C 333 -54.91 -11.02 -51.35
N LEU C 334 -53.59 -11.06 -51.49
CA LEU C 334 -52.77 -12.24 -51.12
C LEU C 334 -52.85 -12.43 -49.60
N PHE C 335 -52.68 -11.33 -48.86
CA PHE C 335 -52.64 -11.27 -47.37
C PHE C 335 -54.05 -11.46 -46.79
N ASP C 336 -55.07 -11.49 -47.64
CA ASP C 336 -56.47 -11.76 -47.26
C ASP C 336 -56.68 -13.28 -47.15
N ASP C 337 -56.01 -14.07 -48.01
CA ASP C 337 -56.02 -15.56 -47.92
C ASP C 337 -56.06 -15.96 -46.44
N PRO C 338 -56.99 -16.84 -46.01
CA PRO C 338 -57.08 -17.19 -44.59
C PRO C 338 -55.74 -17.55 -43.95
N TRP C 339 -54.97 -18.45 -44.58
CA TRP C 339 -53.71 -19.00 -44.00
C TRP C 339 -52.77 -17.86 -43.62
N LEU C 340 -52.27 -17.13 -44.62
CA LEU C 340 -51.34 -15.98 -44.41
C LEU C 340 -51.89 -15.09 -43.29
N LYS C 341 -53.14 -14.63 -43.40
CA LYS C 341 -53.80 -13.67 -42.45
C LYS C 341 -53.37 -13.97 -41.00
N GLU C 342 -53.44 -15.24 -40.59
CA GLU C 342 -53.22 -15.69 -39.17
C GLU C 342 -51.78 -16.13 -38.92
N ASN C 343 -51.07 -16.64 -39.94
CA ASN C 343 -49.70 -17.23 -39.81
C ASN C 343 -48.61 -16.26 -40.33
N ILE C 344 -48.92 -14.98 -40.49
CA ILE C 344 -47.90 -13.90 -40.69
C ILE C 344 -47.46 -13.36 -39.32
N ASP C 345 -48.35 -13.52 -38.32
CA ASP C 345 -48.15 -13.13 -36.89
C ASP C 345 -47.46 -14.26 -36.13
N SER C 346 -47.18 -15.38 -36.79
CA SER C 346 -46.38 -16.51 -36.27
C SER C 346 -45.09 -16.01 -35.61
N VAL C 347 -44.55 -14.87 -36.06
CA VAL C 347 -43.24 -14.33 -35.60
C VAL C 347 -43.43 -13.13 -34.66
N LEU C 348 -42.60 -13.04 -33.63
CA LEU C 348 -42.36 -11.80 -32.83
C LEU C 348 -41.21 -11.03 -33.48
N VAL C 349 -41.43 -9.73 -33.74
CA VAL C 349 -40.39 -8.81 -34.28
C VAL C 349 -39.53 -8.38 -33.09
N GLN C 350 -38.19 -8.44 -33.21
CA GLN C 350 -37.24 -7.96 -32.17
C GLN C 350 -36.67 -6.61 -32.60
N SER C 351 -37.10 -5.52 -31.95
CA SER C 351 -36.62 -4.13 -32.21
C SER C 351 -35.20 -3.97 -31.66
N ALA C 352 -34.19 -4.09 -32.52
CA ALA C 352 -32.75 -4.17 -32.14
C ALA C 352 -32.10 -2.79 -32.20
N PHE C 353 -31.13 -2.54 -31.32
CA PHE C 353 -30.35 -1.28 -31.24
C PHE C 353 -28.86 -1.61 -31.15
N LYS C 354 -28.01 -0.84 -31.86
CA LYS C 354 -26.53 -0.92 -31.81
C LYS C 354 -25.95 0.51 -31.65
N LEU C 355 -24.95 0.70 -30.80
CA LEU C 355 -24.13 1.94 -30.69
C LEU C 355 -22.69 1.55 -31.00
N PHE C 356 -21.92 2.53 -31.45
CA PHE C 356 -20.51 2.35 -31.73
C PHE C 356 -19.76 3.58 -31.25
N LEU C 357 -18.61 3.41 -30.61
CA LEU C 357 -17.75 4.50 -30.07
C LEU C 357 -16.31 4.27 -30.56
N ALA C 358 -15.74 5.26 -31.24
CA ALA C 358 -14.39 5.20 -31.84
C ALA C 358 -13.43 6.11 -31.06
N TYR C 359 -12.36 5.49 -30.53
CA TYR C 359 -11.27 6.13 -29.75
C TYR C 359 -9.96 6.03 -30.55
N GLU C 360 -8.95 6.80 -30.13
CA GLU C 360 -7.57 6.77 -30.70
C GLU C 360 -6.77 5.66 -30.02
N GLN C 361 -7.35 5.04 -29.00
CA GLN C 361 -6.64 4.03 -28.22
C GLN C 361 -7.55 3.00 -27.60
N PRO C 362 -7.18 1.73 -27.70
CA PRO C 362 -7.92 0.62 -27.11
C PRO C 362 -7.53 0.56 -25.62
N TRP C 363 -8.16 1.40 -24.80
CA TRP C 363 -7.92 1.46 -23.35
C TRP C 363 -8.29 0.12 -22.71
N TRP C 364 -9.08 -0.71 -23.39
CA TRP C 364 -9.55 -2.02 -22.87
C TRP C 364 -8.35 -2.98 -22.73
N ARG C 365 -7.45 -2.98 -23.71
CA ARG C 365 -6.25 -3.87 -23.74
C ARG C 365 -5.41 -3.64 -22.48
N SER C 366 -5.37 -2.39 -21.99
CA SER C 366 -4.65 -1.97 -20.77
C SER C 366 -5.33 -2.55 -19.53
N GLN C 367 -6.46 -3.26 -19.72
CA GLN C 367 -7.22 -3.97 -18.66
C GLN C 367 -7.38 -5.44 -19.00
N GLY C 368 -6.73 -5.95 -20.04
CA GLY C 368 -6.77 -7.38 -20.40
C GLY C 368 -7.94 -7.74 -21.30
N LEU C 369 -9.03 -6.97 -21.29
CA LEU C 369 -10.18 -7.15 -22.21
C LEU C 369 -9.71 -6.83 -23.65
N VAL C 370 -9.89 -7.77 -24.60
CA VAL C 370 -9.46 -7.67 -26.03
C VAL C 370 -10.67 -7.75 -26.97
N ALA C 371 -11.38 -8.89 -26.95
CA ALA C 371 -12.56 -9.22 -27.79
C ALA C 371 -13.64 -9.90 -26.93
N GLY C 372 -14.85 -10.06 -27.45
CA GLY C 372 -15.90 -10.66 -26.66
C GLY C 372 -16.87 -9.65 -26.12
N ARG C 373 -17.85 -10.11 -25.36
CA ARG C 373 -18.87 -9.21 -24.85
C ARG C 373 -18.71 -8.98 -23.37
N SER C 374 -19.19 -7.84 -22.90
CA SER C 374 -19.17 -7.56 -21.49
C SER C 374 -20.59 -7.28 -21.11
N VAL C 375 -21.18 -8.13 -20.28
CA VAL C 375 -22.63 -7.97 -19.95
C VAL C 375 -22.71 -7.06 -18.72
N THR C 376 -23.90 -6.53 -18.42
CA THR C 376 -24.19 -5.71 -17.21
C THR C 376 -25.69 -5.49 -17.05
N ASP C 377 -26.11 -5.12 -15.83
CA ASP C 377 -27.52 -4.76 -15.53
C ASP C 377 -27.62 -3.23 -15.56
N LEU C 378 -26.69 -2.53 -16.23
CA LEU C 378 -26.88 -1.12 -16.67
C LEU C 378 -27.72 -1.11 -17.95
N PRO C 379 -28.37 0.02 -18.28
CA PRO C 379 -28.98 0.20 -19.59
C PRO C 379 -28.19 -0.30 -20.81
N ILE C 380 -26.94 0.12 -20.98
CA ILE C 380 -26.14 -0.30 -22.11
C ILE C 380 -26.22 -1.77 -22.23
N ARG C 381 -26.60 -2.42 -21.15
CA ARG C 381 -26.78 -3.85 -21.18
C ARG C 381 -25.54 -4.63 -21.58
N GLN C 382 -25.27 -4.69 -22.86
CA GLN C 382 -24.14 -5.49 -23.32
C GLN C 382 -23.03 -4.62 -23.85
N CYS C 383 -21.99 -5.25 -24.37
CA CYS C 383 -20.86 -4.49 -24.96
C CYS C 383 -19.99 -5.45 -25.75
N TYR C 384 -19.10 -4.90 -26.57
CA TYR C 384 -18.12 -5.66 -27.38
C TYR C 384 -16.87 -4.79 -27.54
N TYR C 385 -15.74 -5.38 -27.96
CA TYR C 385 -14.48 -4.65 -28.26
C TYR C 385 -14.12 -4.96 -29.73
N MET C 386 -14.32 -3.97 -30.61
CA MET C 386 -14.31 -4.14 -32.08
C MET C 386 -13.03 -3.58 -32.68
N GLY C 387 -11.88 -3.89 -32.06
CA GLY C 387 -10.58 -3.98 -32.74
C GLY C 387 -9.91 -2.65 -33.03
N THR C 388 -8.61 -2.72 -33.38
CA THR C 388 -7.69 -1.58 -33.62
C THR C 388 -7.24 -1.62 -35.07
N GLU C 389 -6.83 -0.46 -35.61
CA GLU C 389 -6.43 -0.27 -37.03
C GLU C 389 -5.01 -0.82 -37.24
N CYS C 390 -4.01 -0.24 -36.57
CA CYS C 390 -2.56 -0.59 -36.76
C CYS C 390 -2.35 -2.09 -36.53
N GLU C 391 -3.31 -2.76 -35.89
CA GLU C 391 -3.28 -4.23 -35.68
C GLU C 391 -3.84 -4.96 -36.92
N GLN C 392 -4.78 -4.35 -37.65
CA GLN C 392 -5.53 -5.00 -38.75
C GLN C 392 -4.66 -5.04 -40.02
N ASP C 393 -4.60 -6.19 -40.70
CA ASP C 393 -3.59 -6.53 -41.73
C ASP C 393 -3.71 -5.57 -42.90
N GLY C 394 -2.96 -4.46 -42.88
CA GLY C 394 -2.88 -3.49 -43.99
C GLY C 394 -3.49 -2.14 -43.66
N GLY C 395 -3.98 -1.94 -42.43
CA GLY C 395 -4.49 -0.64 -41.94
C GLY C 395 -3.36 0.36 -41.74
N GLU C 396 -3.69 1.64 -41.59
CA GLU C 396 -2.71 2.74 -41.30
C GLU C 396 -2.06 2.43 -39.94
N LYS C 397 -0.97 3.13 -39.58
CA LYS C 397 -0.20 2.86 -38.33
C LYS C 397 -0.76 3.69 -37.17
N THR C 398 -2.09 3.75 -37.04
CA THR C 398 -2.84 4.47 -35.97
C THR C 398 -3.37 3.46 -34.95
N LEU C 399 -3.28 3.78 -33.66
CA LEU C 399 -3.84 2.95 -32.55
C LEU C 399 -5.35 3.22 -32.43
N ASN C 400 -5.95 3.87 -33.44
CA ASN C 400 -7.42 4.08 -33.58
C ASN C 400 -8.16 2.74 -33.47
N SER C 401 -9.09 2.67 -32.51
CA SER C 401 -9.82 1.45 -32.12
C SER C 401 -11.30 1.79 -31.94
N LEU C 402 -12.16 0.80 -32.11
CA LEU C 402 -13.64 0.94 -32.13
C LEU C 402 -14.25 0.12 -30.99
N LEU C 403 -15.42 0.54 -30.49
CA LEU C 403 -16.19 -0.14 -29.42
C LEU C 403 -17.67 -0.21 -29.83
N MET C 404 -18.17 -1.40 -30.15
CA MET C 404 -19.58 -1.56 -30.41
C MET C 404 -20.05 -1.86 -29.05
N ALA C 405 -21.21 -1.34 -28.70
CA ALA C 405 -21.63 -1.50 -27.33
C ALA C 405 -23.04 -1.94 -27.22
N SER C 406 -23.90 -1.31 -27.99
CA SER C 406 -25.30 -1.60 -27.81
C SER C 406 -25.73 -2.83 -28.51
N TYR C 407 -26.38 -3.68 -27.75
CA TYR C 407 -26.95 -4.86 -28.33
C TYR C 407 -28.28 -4.85 -27.68
N ASN C 408 -28.50 -3.88 -26.80
CA ASN C 408 -29.79 -3.75 -26.16
C ASN C 408 -30.79 -4.01 -27.24
N ASP C 409 -31.71 -4.92 -26.98
CA ASP C 409 -32.69 -5.26 -27.99
C ASP C 409 -34.04 -5.56 -27.38
N ILE C 410 -35.08 -5.54 -28.22
CA ILE C 410 -36.45 -5.87 -27.78
C ILE C 410 -37.13 -4.79 -26.97
N GLY C 411 -38.46 -4.69 -27.13
CA GLY C 411 -39.22 -3.73 -26.37
C GLY C 411 -39.81 -2.65 -27.23
N THR C 412 -40.08 -1.50 -26.63
CA THR C 412 -40.57 -0.40 -27.40
C THR C 412 -39.92 0.88 -26.94
N VAL C 413 -39.91 1.13 -25.64
CA VAL C 413 -39.36 2.38 -25.12
C VAL C 413 -37.98 2.38 -24.45
N PRO C 414 -37.58 1.31 -23.75
CA PRO C 414 -36.33 1.29 -22.99
C PRO C 414 -35.72 2.61 -22.52
N PHE C 415 -34.39 2.64 -22.42
CA PHE C 415 -33.70 3.87 -22.06
C PHE C 415 -32.59 4.04 -23.05
N TRP C 416 -32.56 3.19 -24.06
CA TRP C 416 -31.58 3.32 -25.11
C TRP C 416 -32.35 3.66 -26.34
N LYS C 417 -33.36 4.51 -26.18
CA LYS C 417 -34.19 4.90 -27.30
C LYS C 417 -34.52 6.36 -27.17
N GLY C 418 -35.12 6.74 -26.06
CA GLY C 418 -35.52 8.12 -25.87
C GLY C 418 -34.52 9.24 -26.09
N LEU C 419 -33.25 8.99 -25.85
CA LEU C 419 -32.25 10.06 -25.94
C LEU C 419 -31.84 10.43 -27.37
N GLU C 420 -32.79 10.81 -28.20
CA GLU C 420 -32.46 11.23 -29.56
C GLU C 420 -32.80 12.69 -29.71
N ASP C 421 -33.40 13.26 -28.67
CA ASP C 421 -33.81 14.64 -28.73
C ASP C 421 -32.74 15.53 -28.20
N GLY C 422 -32.27 16.43 -29.05
CA GLY C 422 -31.28 17.37 -28.57
C GLY C 422 -30.07 17.47 -29.44
N ALA C 423 -29.17 18.35 -29.06
CA ALA C 423 -27.98 18.58 -29.87
C ALA C 423 -27.43 17.34 -30.50
N PRO C 424 -27.06 17.45 -31.78
CA PRO C 424 -26.40 16.29 -32.38
C PRO C 424 -24.93 16.21 -31.92
N PHE C 425 -24.31 15.03 -32.07
CA PHE C 425 -22.89 14.77 -31.69
C PHE C 425 -21.99 15.14 -32.87
N GLU C 426 -21.06 16.09 -32.64
CA GLU C 426 -20.03 16.53 -33.62
C GLU C 426 -18.68 15.87 -33.25
N GLY C 427 -18.54 15.42 -31.99
CA GLY C 427 -17.33 14.75 -31.50
C GLY C 427 -16.13 15.66 -31.60
N TYR C 428 -14.95 15.11 -31.92
CA TYR C 428 -13.69 15.85 -32.15
C TYR C 428 -12.90 15.15 -33.27
N GLN C 429 -11.81 15.78 -33.71
CA GLN C 429 -10.95 15.34 -34.84
C GLN C 429 -9.73 14.64 -34.27
N PRO C 430 -9.45 13.36 -34.63
CA PRO C 430 -8.25 12.71 -34.15
C PRO C 430 -7.04 13.37 -34.84
N LYS C 431 -5.81 13.04 -34.45
CA LYS C 431 -4.58 13.54 -35.12
C LYS C 431 -4.50 12.94 -36.54
N SER C 432 -4.89 11.68 -36.69
CA SER C 432 -4.86 10.89 -37.95
C SER C 432 -5.64 11.58 -39.08
N LEU C 433 -6.68 12.36 -38.74
CA LEU C 433 -7.60 13.00 -39.72
C LEU C 433 -7.57 14.54 -39.59
N GLN C 434 -6.44 15.12 -39.13
CA GLN C 434 -6.26 16.60 -38.96
C GLN C 434 -5.80 17.21 -40.29
N GLY C 435 -6.62 17.07 -41.34
CA GLY C 435 -6.27 17.44 -42.73
C GLY C 435 -6.64 16.34 -43.71
N ARG C 436 -6.96 15.13 -43.22
CA ARG C 436 -7.36 13.97 -44.06
C ARG C 436 -8.89 13.85 -44.12
N ILE C 437 -9.63 14.53 -43.21
CA ILE C 437 -11.12 14.62 -43.22
C ILE C 437 -11.53 16.05 -42.82
N ASP C 438 -12.83 16.31 -42.65
CA ASP C 438 -13.41 17.60 -42.18
C ASP C 438 -13.58 17.51 -40.66
N ALA C 439 -13.95 18.61 -39.99
CA ALA C 439 -14.29 18.66 -38.54
C ALA C 439 -15.81 18.52 -38.35
N ASN C 440 -16.56 18.44 -39.45
CA ASN C 440 -18.04 18.28 -39.51
C ASN C 440 -18.41 16.91 -40.11
N GLU C 441 -17.43 16.24 -40.75
CA GLU C 441 -17.59 14.92 -41.42
C GLU C 441 -16.92 13.82 -40.59
N VAL C 442 -16.48 14.14 -39.36
CA VAL C 442 -15.94 13.14 -38.39
C VAL C 442 -17.08 12.19 -38.04
N VAL C 443 -18.17 12.74 -37.48
CA VAL C 443 -19.41 11.98 -37.14
C VAL C 443 -20.23 11.81 -38.42
N PRO C 444 -20.32 10.59 -38.98
CA PRO C 444 -21.01 10.36 -40.25
C PRO C 444 -22.52 10.53 -40.13
N LYS C 445 -23.15 11.06 -41.19
CA LYS C 445 -24.63 11.18 -41.27
C LYS C 445 -25.21 9.77 -41.49
N MET C 446 -26.09 9.35 -40.57
CA MET C 446 -26.92 8.12 -40.62
C MET C 446 -28.39 8.52 -40.58
N GLN C 447 -29.28 7.52 -40.62
CA GLN C 447 -30.75 7.70 -40.49
C GLN C 447 -31.07 8.41 -39.18
N TYR C 448 -30.33 8.09 -38.10
CA TYR C 448 -30.42 8.71 -36.75
C TYR C 448 -29.10 9.39 -36.40
N GLN C 449 -29.13 10.67 -36.00
CA GLN C 449 -27.92 11.47 -35.65
C GLN C 449 -27.70 11.46 -34.13
N ILE C 450 -27.09 10.39 -33.64
CA ILE C 450 -26.77 10.28 -32.23
C ILE C 450 -26.64 11.63 -31.58
N SER C 451 -27.50 11.88 -30.62
CA SER C 451 -27.45 13.13 -29.91
C SER C 451 -26.23 13.16 -29.05
N GLU C 452 -25.70 14.35 -28.80
CA GLU C 452 -24.58 14.47 -27.91
C GLU C 452 -25.01 13.97 -26.56
N GLU C 453 -26.30 13.84 -26.39
CA GLU C 453 -26.80 13.36 -25.13
C GLU C 453 -26.31 11.95 -24.97
N MET C 454 -26.89 11.04 -25.73
CA MET C 454 -26.53 9.63 -25.58
C MET C 454 -25.06 9.46 -25.31
N VAL C 455 -24.23 10.00 -26.19
CA VAL C 455 -22.79 9.83 -26.03
C VAL C 455 -22.41 9.95 -24.59
N ARG C 456 -22.77 11.07 -23.99
CA ARG C 456 -22.42 11.28 -22.62
C ARG C 456 -22.92 10.10 -21.84
N ILE C 457 -24.23 9.98 -21.75
CA ILE C 457 -24.81 8.90 -21.00
C ILE C 457 -24.03 7.65 -21.26
N ALA C 458 -23.82 7.34 -22.51
CA ALA C 458 -23.09 6.15 -22.86
C ALA C 458 -21.74 6.12 -22.19
N GLN C 459 -20.87 7.05 -22.58
CA GLN C 459 -19.48 7.02 -22.05
C GLN C 459 -19.54 6.81 -20.53
N ARG C 460 -20.41 7.53 -19.83
CA ARG C 460 -20.57 7.44 -18.35
C ARG C 460 -20.74 5.97 -17.98
N GLN C 461 -21.75 5.33 -18.53
CA GLN C 461 -22.05 3.89 -18.32
C GLN C 461 -20.80 3.08 -18.66
N VAL C 462 -20.25 3.23 -19.87
CA VAL C 462 -19.04 2.51 -20.37
C VAL C 462 -17.89 2.63 -19.36
N THR C 463 -17.66 3.84 -18.83
CA THR C 463 -16.64 4.13 -17.80
C THR C 463 -16.93 3.29 -16.54
N SER C 464 -18.17 3.33 -16.06
CA SER C 464 -18.63 2.69 -14.80
C SER C 464 -18.58 1.16 -14.91
N LEU C 465 -18.91 0.62 -16.09
CA LEU C 465 -18.82 -0.85 -16.38
C LEU C 465 -17.38 -1.31 -16.21
N HIS C 466 -16.42 -0.51 -16.68
CA HIS C 466 -14.97 -0.85 -16.69
C HIS C 466 -14.28 -0.32 -15.42
N ASP C 467 -15.07 0.13 -14.43
CA ASP C 467 -14.64 0.53 -13.06
C ASP C 467 -13.56 1.61 -13.16
N GLN C 468 -13.49 2.29 -14.30
CA GLN C 468 -12.52 3.39 -14.56
C GLN C 468 -13.12 4.69 -14.04
N ILE C 469 -12.27 5.71 -13.94
CA ILE C 469 -12.61 7.03 -13.35
C ILE C 469 -13.06 7.95 -14.49
N GLU C 470 -12.36 7.93 -15.62
CA GLU C 470 -12.60 8.82 -16.78
C GLU C 470 -11.95 8.22 -18.03
N LEU C 471 -12.75 7.62 -18.92
CA LEU C 471 -12.23 7.02 -20.17
C LEU C 471 -12.07 8.12 -21.21
N PRO C 472 -11.05 8.03 -22.12
CA PRO C 472 -10.82 9.03 -23.15
C PRO C 472 -12.05 9.22 -24.05
N ALA C 473 -12.36 10.48 -24.36
CA ALA C 473 -13.48 10.90 -25.24
C ALA C 473 -13.42 10.11 -26.55
N PRO C 474 -14.58 9.69 -27.11
CA PRO C 474 -14.63 9.20 -28.48
C PRO C 474 -14.58 10.36 -29.49
N TYR C 475 -13.85 10.18 -30.59
CA TYR C 475 -13.70 11.21 -31.65
C TYR C 475 -14.91 11.09 -32.59
N SER C 476 -15.40 9.87 -32.81
CA SER C 476 -16.63 9.59 -33.60
C SER C 476 -17.57 8.69 -32.80
N ALA C 477 -18.79 8.50 -33.34
CA ALA C 477 -19.89 7.66 -32.79
C ALA C 477 -21.00 7.54 -33.83
N VAL C 478 -21.67 6.38 -33.91
CA VAL C 478 -22.87 6.15 -34.77
C VAL C 478 -23.93 5.40 -33.97
N TYR C 479 -25.16 5.88 -34.07
CA TYR C 479 -26.26 5.21 -33.43
C TYR C 479 -27.23 4.74 -34.47
N HIS C 480 -27.47 3.45 -34.52
CA HIS C 480 -28.49 2.87 -35.42
C HIS C 480 -29.64 2.29 -34.57
N ALA C 481 -30.73 1.88 -35.23
CA ALA C 481 -31.85 1.10 -34.66
C ALA C 481 -32.60 0.38 -35.80
N TRP C 482 -33.02 -0.86 -35.53
CA TRP C 482 -33.80 -1.67 -36.47
C TRP C 482 -35.14 -1.79 -35.77
N ASP C 483 -35.84 -0.69 -35.63
CA ASP C 483 -37.15 -0.54 -34.94
C ASP C 483 -38.19 0.13 -35.87
N ALA C 484 -37.73 0.87 -36.89
CA ALA C 484 -38.56 1.71 -37.80
C ALA C 484 -39.05 0.88 -39.01
N ASP C 485 -40.06 1.41 -39.73
CA ASP C 485 -40.49 0.89 -41.05
C ASP C 485 -39.35 1.17 -42.03
N PRO C 486 -39.00 0.23 -42.95
CA PRO C 486 -39.87 -0.89 -43.32
C PRO C 486 -39.72 -2.19 -42.52
N PHE C 487 -38.65 -2.34 -41.73
CA PHE C 487 -38.19 -3.61 -41.10
C PHE C 487 -39.09 -3.98 -39.92
N GLY C 488 -39.40 -2.98 -39.08
CA GLY C 488 -40.23 -3.11 -37.86
C GLY C 488 -39.40 -3.53 -36.67
N GLY C 489 -38.43 -4.43 -36.91
CA GLY C 489 -37.48 -4.96 -35.91
C GLY C 489 -36.20 -5.46 -36.56
N GLY C 490 -35.23 -5.88 -35.75
CA GLY C 490 -33.94 -6.44 -36.21
C GLY C 490 -34.07 -7.85 -36.78
N TRP C 491 -34.23 -8.85 -35.92
CA TRP C 491 -34.51 -10.26 -36.33
C TRP C 491 -35.87 -10.68 -35.76
N HIS C 492 -36.29 -11.89 -36.05
CA HIS C 492 -37.58 -12.33 -35.59
C HIS C 492 -37.50 -13.57 -34.74
N GLU C 493 -38.63 -14.01 -34.22
CA GLU C 493 -38.68 -15.18 -33.30
C GLU C 493 -40.04 -15.86 -33.49
N TRP C 494 -40.03 -17.19 -33.74
CA TRP C 494 -41.24 -18.06 -33.75
C TRP C 494 -41.95 -17.97 -32.39
N LYS C 495 -43.20 -17.48 -32.34
CA LYS C 495 -44.05 -17.56 -31.13
C LYS C 495 -44.24 -19.02 -30.73
N ALA C 496 -44.64 -19.23 -29.47
CA ALA C 496 -44.98 -20.55 -28.89
C ALA C 496 -46.43 -20.91 -29.29
N ASN C 497 -46.76 -22.21 -29.28
CA ASN C 497 -48.11 -22.77 -29.59
C ASN C 497 -48.37 -22.77 -31.11
N TYR C 498 -47.32 -22.66 -31.92
CA TYR C 498 -47.41 -22.63 -33.41
C TYR C 498 -46.65 -23.83 -33.97
N ARG C 499 -47.07 -24.31 -35.14
CA ARG C 499 -46.39 -25.41 -35.85
C ARG C 499 -45.31 -24.81 -36.75
N LEU C 500 -44.23 -24.32 -36.12
CA LEU C 500 -43.08 -23.61 -36.76
C LEU C 500 -42.52 -24.47 -37.90
N ASP C 501 -42.44 -25.78 -37.67
CA ASP C 501 -41.89 -26.79 -38.61
C ASP C 501 -42.57 -26.63 -39.98
N LEU C 502 -43.90 -26.55 -39.98
CA LEU C 502 -44.71 -26.46 -41.23
C LEU C 502 -44.60 -25.02 -41.77
N ILE C 503 -44.80 -24.03 -40.91
CA ILE C 503 -44.85 -22.59 -41.31
C ILE C 503 -43.54 -22.24 -42.03
N ILE C 504 -42.38 -22.66 -41.49
CA ILE C 504 -41.03 -22.46 -42.11
C ILE C 504 -41.10 -22.80 -43.61
N GLN C 505 -41.84 -23.87 -43.96
CA GLN C 505 -41.92 -24.50 -45.31
C GLN C 505 -42.91 -23.77 -46.21
N ARG C 506 -44.20 -23.78 -45.86
CA ARG C 506 -45.31 -23.30 -46.73
C ARG C 506 -45.65 -21.84 -46.40
N MET C 507 -44.63 -20.98 -46.30
CA MET C 507 -44.70 -19.49 -46.31
C MET C 507 -43.85 -18.99 -47.48
N ARG C 508 -42.84 -19.79 -47.88
CA ARG C 508 -42.16 -19.67 -49.19
C ARG C 508 -43.23 -19.41 -50.26
N HIS C 509 -44.21 -20.32 -50.37
CA HIS C 509 -45.38 -20.25 -51.27
C HIS C 509 -46.65 -20.35 -50.43
N PRO C 510 -47.17 -19.22 -49.89
CA PRO C 510 -48.32 -19.24 -48.99
C PRO C 510 -49.63 -19.71 -49.62
N VAL C 511 -50.02 -19.10 -50.74
CA VAL C 511 -51.23 -19.42 -51.55
C VAL C 511 -50.78 -20.14 -52.82
N GLN C 512 -50.94 -21.48 -52.87
CA GLN C 512 -50.57 -22.35 -54.02
C GLN C 512 -51.36 -21.90 -55.27
N GLU C 513 -52.58 -21.42 -55.06
CA GLU C 513 -53.52 -21.00 -56.15
C GLU C 513 -52.95 -19.77 -56.87
N GLN C 514 -51.88 -19.15 -56.35
CA GLN C 514 -51.25 -17.92 -56.90
C GLN C 514 -49.74 -18.13 -57.12
N GLU C 515 -49.03 -17.08 -57.55
CA GLU C 515 -47.58 -17.09 -57.88
C GLU C 515 -46.87 -15.93 -57.17
N VAL C 516 -47.05 -15.80 -55.85
CA VAL C 516 -46.27 -14.87 -54.97
C VAL C 516 -45.38 -15.72 -54.07
N TYR C 517 -44.21 -15.19 -53.66
CA TYR C 517 -43.22 -15.93 -52.83
C TYR C 517 -42.64 -15.04 -51.71
N ILE C 518 -42.66 -15.55 -50.47
CA ILE C 518 -42.08 -14.88 -49.25
C ILE C 518 -40.81 -15.63 -48.84
N VAL C 519 -39.64 -15.00 -49.07
CA VAL C 519 -38.30 -15.50 -48.63
C VAL C 519 -37.66 -14.43 -47.75
N GLY C 520 -36.85 -14.88 -46.78
CA GLY C 520 -36.22 -14.05 -45.74
C GLY C 520 -36.07 -14.83 -44.45
N GLU C 521 -35.20 -14.43 -43.54
CA GLU C 521 -34.99 -15.19 -42.32
C GLU C 521 -36.25 -15.20 -41.49
N ALA C 522 -36.94 -14.07 -41.48
CA ALA C 522 -38.17 -13.89 -40.68
C ALA C 522 -38.91 -15.23 -40.55
N TYR C 523 -39.21 -15.87 -41.68
CA TYR C 523 -40.02 -17.11 -41.75
C TYR C 523 -39.11 -18.27 -42.20
N SER C 524 -37.86 -18.26 -41.71
CA SER C 524 -36.86 -19.35 -41.89
C SER C 524 -36.74 -20.15 -40.59
N TYR C 525 -35.84 -21.14 -40.56
CA TYR C 525 -35.45 -21.83 -39.30
C TYR C 525 -34.46 -20.92 -38.57
N GLY C 526 -33.32 -20.64 -39.21
CA GLY C 526 -32.19 -19.88 -38.63
C GLY C 526 -32.51 -18.41 -38.47
N GLN C 527 -33.55 -18.08 -37.70
CA GLN C 527 -34.01 -16.68 -37.47
C GLN C 527 -32.86 -15.92 -36.81
N GLY C 528 -32.64 -14.68 -37.26
CA GLY C 528 -31.53 -13.82 -36.79
C GLY C 528 -30.19 -14.17 -37.42
N TRP C 529 -30.16 -15.14 -38.36
CA TRP C 529 -28.97 -15.51 -39.15
C TRP C 529 -29.22 -15.22 -40.63
N VAL C 530 -28.15 -14.97 -41.39
CA VAL C 530 -28.19 -14.82 -42.88
C VAL C 530 -28.53 -16.19 -43.48
N GLU C 531 -27.91 -17.25 -42.98
CA GLU C 531 -28.15 -18.66 -43.41
C GLU C 531 -29.66 -18.91 -43.51
N GLY C 532 -30.41 -18.59 -42.44
CA GLY C 532 -31.87 -18.74 -42.38
C GLY C 532 -32.53 -18.24 -43.66
N ALA C 533 -32.25 -16.98 -44.03
CA ALA C 533 -32.76 -16.28 -45.24
C ALA C 533 -32.30 -17.03 -46.50
N LEU C 534 -30.98 -17.27 -46.63
CA LEU C 534 -30.35 -17.95 -47.79
C LEU C 534 -30.88 -19.38 -47.95
N THR C 535 -31.36 -20.03 -46.89
CA THR C 535 -32.01 -21.36 -46.97
C THR C 535 -33.39 -21.20 -47.63
N THR C 536 -34.15 -20.17 -47.27
CA THR C 536 -35.50 -19.90 -47.83
C THR C 536 -35.41 -19.23 -49.21
N ALA C 537 -34.20 -18.87 -49.66
CA ALA C 537 -33.94 -18.25 -50.99
C ALA C 537 -33.36 -19.30 -51.95
N GLU C 538 -33.14 -20.53 -51.46
CA GLU C 538 -32.77 -21.70 -52.29
C GLU C 538 -33.96 -22.68 -52.27
N SER C 539 -34.34 -23.21 -51.10
CA SER C 539 -35.39 -24.25 -50.96
C SER C 539 -36.74 -23.74 -51.46
N THR C 540 -36.88 -22.42 -51.65
CA THR C 540 -37.93 -21.84 -52.51
C THR C 540 -37.56 -22.19 -53.95
N LEU C 541 -36.41 -21.69 -54.43
CA LEU C 541 -35.96 -21.73 -55.85
C LEU C 541 -35.96 -23.16 -56.43
N GLN C 542 -35.11 -24.06 -55.92
CA GLN C 542 -34.88 -25.42 -56.48
C GLN C 542 -36.13 -26.29 -56.40
N ASP C 543 -37.08 -25.97 -55.50
CA ASP C 543 -38.35 -26.70 -55.27
C ASP C 543 -39.44 -26.15 -56.21
N PHE C 544 -39.64 -24.83 -56.22
CA PHE C 544 -40.72 -24.10 -56.93
C PHE C 544 -40.20 -23.59 -58.30
N PHE C 545 -39.25 -22.64 -58.32
CA PHE C 545 -38.61 -22.08 -59.54
C PHE C 545 -37.67 -23.11 -60.21
N GLY C 546 -37.58 -24.35 -59.69
CA GLY C 546 -36.94 -25.52 -60.34
C GLY C 546 -35.45 -25.35 -60.64
N LEU C 547 -34.78 -24.33 -60.09
CA LEU C 547 -33.37 -23.95 -60.38
C LEU C 547 -32.42 -24.96 -59.74
N PRO C 548 -31.92 -25.98 -60.50
CA PRO C 548 -31.26 -27.18 -60.00
C PRO C 548 -30.81 -27.33 -58.54
N ARG C 549 -29.71 -26.66 -58.15
CA ARG C 549 -28.98 -26.86 -56.86
C ARG C 549 -27.48 -26.68 -57.11
N PRO C 550 -26.92 -25.47 -56.84
CA PRO C 550 -25.58 -25.12 -57.31
C PRO C 550 -24.52 -26.16 -56.90
N ALA C 551 -23.46 -26.32 -57.72
CA ALA C 551 -22.37 -27.30 -57.53
C ALA C 551 -21.52 -26.92 -56.31
N TRP C 552 -21.40 -25.62 -56.02
CA TRP C 552 -20.66 -25.06 -54.86
C TRP C 552 -21.39 -25.40 -53.56
N LEU C 553 -22.65 -25.80 -53.62
CA LEU C 553 -23.46 -26.19 -52.43
C LEU C 553 -23.26 -27.68 -52.16
N PRO C 554 -22.74 -28.08 -50.98
CA PRO C 554 -22.69 -29.48 -50.60
C PRO C 554 -24.11 -30.07 -50.59
N GLU C 555 -24.28 -31.29 -51.12
CA GLU C 555 -25.60 -31.94 -51.32
C GLU C 555 -26.20 -32.42 -49.99
N ALA C 556 -25.36 -32.96 -49.10
CA ALA C 556 -25.75 -33.56 -47.80
C ALA C 556 -26.39 -32.52 -46.88
N TYR C 557 -26.13 -31.22 -47.11
CA TYR C 557 -26.70 -30.08 -46.33
C TYR C 557 -28.20 -29.96 -46.62
N GLN C 558 -29.04 -30.41 -45.67
CA GLN C 558 -30.52 -30.29 -45.72
C GLN C 558 -30.90 -28.85 -45.36
N LEU C 559 -31.14 -28.02 -46.39
CA LEU C 559 -31.24 -26.53 -46.31
C LEU C 559 -32.26 -26.11 -45.25
N LEU C 560 -33.39 -26.84 -45.17
CA LEU C 560 -34.47 -26.58 -44.18
C LEU C 560 -34.81 -27.87 -43.43
N PRO C 561 -35.37 -27.77 -42.20
CA PRO C 561 -35.74 -28.95 -41.41
C PRO C 561 -37.10 -29.58 -41.78
N ALA C 562 -37.19 -30.91 -41.68
CA ALA C 562 -38.37 -31.70 -42.05
C ALA C 562 -39.52 -31.36 -41.12
N PRO C 563 -40.74 -31.05 -41.64
CA PRO C 563 -41.90 -30.87 -40.77
C PRO C 563 -42.36 -32.20 -40.17
N ALA C 564 -42.92 -32.14 -38.96
CA ALA C 564 -43.60 -33.27 -38.29
C ALA C 564 -44.99 -33.44 -38.92
N PRO C 565 -45.69 -34.58 -38.67
CA PRO C 565 -47.02 -34.77 -39.20
C PRO C 565 -47.98 -33.66 -38.73
N VAL C 566 -49.05 -33.43 -39.48
CA VAL C 566 -50.10 -32.43 -39.16
C VAL C 566 -50.79 -32.87 -37.85
N ASP C 567 -50.89 -34.20 -37.63
CA ASP C 567 -51.43 -34.82 -36.38
C ASP C 567 -50.29 -35.51 -35.63
N ILE C 568 -50.01 -35.03 -34.40
CA ILE C 568 -48.98 -35.56 -33.46
C ILE C 568 -49.61 -35.64 -32.06
N ASP C 569 -50.86 -36.08 -32.00
CA ASP C 569 -51.57 -36.04 -30.73
C ASP C 569 -51.39 -37.27 -29.91
N ASN C 570 -50.70 -38.26 -30.45
CA ASN C 570 -50.42 -39.45 -29.71
C ASN C 570 -49.34 -40.07 -30.54
N PRO C 571 -48.32 -39.27 -30.85
CA PRO C 571 -47.34 -39.81 -31.78
C PRO C 571 -46.58 -40.99 -31.23
N PRO C 572 -45.98 -41.78 -32.12
CA PRO C 572 -45.16 -42.91 -31.69
C PRO C 572 -43.94 -42.47 -30.89
N ALA C 573 -43.65 -43.15 -29.80
CA ALA C 573 -42.47 -42.82 -28.96
C ALA C 573 -41.21 -42.87 -29.82
N LEU C 574 -40.20 -42.05 -29.49
CA LEU C 574 -38.92 -41.96 -30.25
C LEU C 574 -37.95 -43.04 -29.74
N ALA C 575 -36.83 -43.26 -30.42
CA ALA C 575 -35.75 -44.20 -30.02
C ALA C 575 -34.66 -43.43 -29.27
N CYS C 576 -33.55 -44.10 -28.92
CA CYS C 576 -32.37 -43.55 -28.21
C CYS C 576 -31.08 -44.04 -28.89
N THR C 577 -31.20 -44.97 -29.84
CA THR C 577 -30.06 -45.72 -30.44
C THR C 577 -29.07 -46.02 -29.32
N ASP C 578 -27.98 -45.25 -29.22
CA ASP C 578 -26.89 -45.44 -28.22
C ASP C 578 -27.31 -44.81 -26.89
N CYS C 579 -28.35 -45.37 -26.25
CA CYS C 579 -28.96 -44.86 -24.99
C CYS C 579 -27.86 -44.67 -23.94
N LYS C 580 -27.13 -45.73 -23.63
CA LYS C 580 -25.96 -45.71 -22.71
C LYS C 580 -25.12 -44.46 -23.03
N LYS C 581 -24.72 -44.29 -24.29
CA LYS C 581 -23.83 -43.20 -24.78
C LYS C 581 -24.50 -41.83 -24.54
N THR C 582 -25.84 -41.75 -24.58
CA THR C 582 -26.60 -40.50 -24.33
C THR C 582 -26.36 -40.07 -22.89
N LEU C 583 -26.71 -40.94 -21.95
CA LEU C 583 -26.78 -40.62 -20.50
C LEU C 583 -25.38 -40.29 -19.97
N THR C 584 -24.37 -41.07 -20.35
CA THR C 584 -22.95 -40.92 -19.90
C THR C 584 -22.52 -39.45 -20.00
N GLU C 585 -22.82 -38.79 -21.13
CA GLU C 585 -22.52 -37.35 -21.40
C GLU C 585 -23.29 -36.47 -20.40
N VAL C 586 -24.58 -36.75 -20.23
CA VAL C 586 -25.50 -35.99 -19.34
C VAL C 586 -24.88 -35.97 -17.94
N THR C 587 -24.48 -37.15 -17.45
CA THR C 587 -23.86 -37.37 -16.12
C THR C 587 -22.50 -36.66 -16.06
N GLU C 588 -21.68 -36.80 -17.10
CA GLU C 588 -20.33 -36.18 -17.16
C GLU C 588 -20.46 -34.65 -17.26
N PHE C 589 -21.62 -34.12 -17.67
CA PHE C 589 -21.90 -32.65 -17.73
C PHE C 589 -22.26 -32.13 -16.34
N ALA C 590 -22.85 -32.99 -15.50
CA ALA C 590 -23.18 -32.66 -14.09
C ALA C 590 -21.89 -32.50 -13.26
N TYR C 591 -20.80 -33.16 -13.68
CA TYR C 591 -19.47 -33.11 -13.01
C TYR C 591 -18.69 -31.88 -13.50
N THR C 592 -19.12 -31.27 -14.61
CA THR C 592 -18.74 -29.90 -15.02
C THR C 592 -19.52 -28.89 -14.17
N GLY C 593 -20.19 -29.36 -13.11
CA GLY C 593 -20.94 -28.52 -12.15
C GLY C 593 -20.39 -28.62 -10.74
N ILE C 594 -19.29 -29.37 -10.54
CA ILE C 594 -18.68 -29.67 -9.20
C ILE C 594 -17.17 -29.35 -9.23
N GLN D 12 38.08 -50.54 60.17
CA GLN D 12 38.28 -50.31 58.69
C GLN D 12 38.23 -48.81 58.40
N PRO D 13 39.33 -48.06 58.68
CA PRO D 13 39.40 -46.63 58.35
C PRO D 13 39.69 -46.44 56.86
N LEU D 14 38.88 -45.61 56.17
CA LEU D 14 38.76 -45.55 54.69
C LEU D 14 39.60 -44.40 54.13
N ASP D 15 40.12 -44.60 52.92
CA ASP D 15 40.86 -43.58 52.13
C ASP D 15 39.83 -42.69 51.42
N VAL D 16 38.84 -43.29 50.74
CA VAL D 16 37.78 -42.55 50.00
C VAL D 16 36.39 -42.97 50.51
N ALA D 17 35.55 -41.99 50.79
CA ALA D 17 34.19 -42.16 51.33
C ALA D 17 33.20 -41.41 50.44
N ILE D 18 32.85 -42.02 49.30
CA ILE D 18 31.79 -41.57 48.35
C ILE D 18 30.43 -41.68 49.05
N ILE D 19 29.79 -40.54 49.31
CA ILE D 19 28.43 -40.47 49.89
C ILE D 19 27.44 -40.24 48.75
N GLY D 20 26.39 -41.06 48.66
CA GLY D 20 25.33 -40.93 47.64
C GLY D 20 25.41 -42.01 46.58
N GLY D 21 24.32 -42.76 46.40
CA GLY D 21 24.24 -43.95 45.51
C GLY D 21 23.67 -43.57 44.16
N GLY D 22 23.91 -42.34 43.72
CA GLY D 22 23.43 -41.82 42.44
C GLY D 22 24.37 -42.22 41.32
N VAL D 23 23.96 -41.98 40.06
CA VAL D 23 24.79 -42.26 38.86
C VAL D 23 26.19 -41.62 39.02
N SER D 24 26.27 -40.54 39.80
CA SER D 24 27.52 -39.83 40.18
C SER D 24 28.33 -40.67 41.17
N GLY D 25 27.78 -40.90 42.36
CA GLY D 25 28.42 -41.66 43.45
C GLY D 25 28.90 -43.00 42.95
N THR D 26 28.03 -43.74 42.29
CA THR D 26 28.37 -45.05 41.80
C THR D 26 29.53 -45.00 40.85
N TYR D 27 29.48 -44.07 39.92
CA TYR D 27 30.55 -43.97 38.94
C TYR D 27 31.81 -43.78 39.69
N SER D 28 31.86 -42.70 40.46
CA SER D 28 33.05 -42.39 41.20
C SER D 28 33.63 -43.61 41.84
N ALA D 29 32.77 -44.53 42.23
CA ALA D 29 33.24 -45.73 42.86
C ALA D 29 33.93 -46.57 41.85
N TRP D 30 33.16 -47.29 41.06
CA TRP D 30 33.72 -48.15 40.03
C TRP D 30 35.05 -47.63 39.58
N ARG D 31 35.06 -46.42 39.05
CA ARG D 31 36.27 -45.84 38.58
C ARG D 31 37.40 -46.08 39.55
N LEU D 32 37.40 -45.37 40.66
CA LEU D 32 38.49 -45.49 41.61
C LEU D 32 38.80 -46.93 41.97
N GLN D 33 37.79 -47.77 42.02
CA GLN D 33 38.00 -49.15 42.42
C GLN D 33 38.77 -49.86 41.34
N GLU D 34 38.28 -49.80 40.13
CA GLU D 34 38.92 -50.48 39.04
C GLU D 34 40.37 -50.07 38.95
N ALA D 35 40.71 -48.91 39.49
CA ALA D 35 42.06 -48.42 39.34
C ALA D 35 42.90 -48.58 40.59
N GLN D 36 42.54 -47.86 41.63
CA GLN D 36 43.34 -47.88 42.88
C GLN D 36 42.73 -48.85 43.92
N GLY D 37 41.73 -49.65 43.54
CA GLY D 37 40.93 -50.49 44.48
C GLY D 37 41.82 -51.31 45.41
N ASP D 38 42.90 -51.85 44.86
CA ASP D 38 43.92 -52.69 45.54
C ASP D 38 44.64 -51.83 46.59
N HIS D 39 44.99 -50.60 46.23
CA HIS D 39 45.94 -49.74 46.99
C HIS D 39 45.21 -48.79 47.95
N GLN D 40 43.89 -48.75 47.85
CA GLN D 40 43.12 -47.86 48.68
C GLN D 40 41.77 -48.44 49.09
N ARG D 41 41.37 -48.19 50.32
CA ARG D 41 40.05 -48.66 50.85
C ARG D 41 38.99 -47.65 50.41
N ILE D 42 38.02 -48.07 49.60
CA ILE D 42 36.94 -47.20 49.08
C ILE D 42 35.59 -47.82 49.46
N GLN D 43 34.69 -46.98 49.99
CA GLN D 43 33.33 -47.39 50.44
C GLN D 43 32.33 -46.32 50.04
N LEU D 44 31.19 -46.74 49.47
CA LEU D 44 30.06 -45.91 48.99
C LEU D 44 28.93 -46.04 50.00
N PHE D 45 28.23 -44.96 50.31
CA PHE D 45 27.16 -45.02 51.28
C PHE D 45 25.87 -44.43 50.75
N GLU D 46 24.73 -45.02 51.08
CA GLU D 46 23.45 -44.48 50.64
C GLU D 46 22.40 -44.31 51.73
N TYR D 47 21.62 -43.26 51.62
CA TYR D 47 20.52 -42.94 52.58
C TYR D 47 19.51 -44.11 52.57
N SER D 48 18.97 -44.46 51.40
CA SER D 48 17.81 -45.36 51.19
C SER D 48 18.28 -46.78 50.90
N ASP D 49 17.35 -47.70 50.59
CA ASP D 49 17.68 -49.10 50.22
C ASP D 49 18.06 -49.17 48.73
N ARG D 50 17.87 -48.08 47.97
CA ARG D 50 18.00 -48.09 46.48
C ARG D 50 19.33 -47.48 46.05
N ILE D 51 19.77 -47.87 44.86
CA ILE D 51 20.83 -47.25 44.03
C ILE D 51 20.11 -46.58 42.85
N GLY D 52 20.71 -45.54 42.26
CA GLY D 52 20.16 -44.84 41.09
C GLY D 52 19.89 -43.38 41.39
N GLY D 53 19.40 -43.07 42.59
CA GLY D 53 18.91 -41.73 42.93
C GLY D 53 17.82 -41.32 41.95
N ARG D 54 17.91 -40.14 41.34
CA ARG D 54 16.89 -39.61 40.40
C ARG D 54 16.76 -40.49 39.15
N LEU D 55 17.67 -41.44 38.92
CA LEU D 55 17.43 -42.55 37.98
C LEU D 55 16.72 -43.69 38.73
N PHE D 56 15.46 -43.93 38.36
CA PHE D 56 14.56 -44.93 38.97
C PHE D 56 13.65 -45.43 37.85
N SER D 57 13.63 -46.75 37.67
CA SER D 57 12.97 -47.52 36.58
C SER D 57 12.06 -48.57 37.21
N ILE D 58 10.77 -48.58 36.88
CA ILE D 58 9.79 -49.58 37.39
C ILE D 58 9.11 -50.21 36.18
N ASN D 59 9.27 -51.53 36.02
CA ASN D 59 8.34 -52.35 35.19
C ASN D 59 7.10 -52.60 36.05
N LEU D 60 5.97 -52.01 35.64
CA LEU D 60 4.69 -52.19 36.36
C LEU D 60 4.20 -53.62 36.15
N PRO D 61 3.20 -54.06 36.92
CA PRO D 61 2.41 -55.22 36.55
C PRO D 61 1.71 -55.09 35.20
N GLY D 62 1.81 -56.09 34.33
CA GLY D 62 1.14 -56.12 33.01
C GLY D 62 2.04 -55.58 31.92
N LEU D 63 3.12 -54.92 32.33
CA LEU D 63 4.03 -54.34 31.37
C LEU D 63 5.44 -54.73 31.73
N PRO D 64 5.74 -56.01 31.73
CA PRO D 64 7.09 -56.34 32.16
C PRO D 64 8.13 -56.09 31.10
N ASN D 65 7.94 -55.10 30.23
CA ASN D 65 8.94 -54.77 29.23
C ASN D 65 8.88 -53.30 28.87
N VAL D 66 7.87 -52.59 29.34
CA VAL D 66 7.68 -51.14 29.08
C VAL D 66 8.02 -50.37 30.36
N VAL D 67 9.22 -49.78 30.41
CA VAL D 67 9.81 -49.19 31.64
C VAL D 67 9.06 -47.90 31.97
N ALA D 68 8.84 -47.67 33.26
CA ALA D 68 8.19 -46.47 33.72
C ALA D 68 9.24 -45.70 34.43
N GLU D 69 10.04 -44.94 33.70
CA GLU D 69 11.13 -44.25 34.34
C GLU D 69 10.61 -43.14 35.21
N VAL D 70 10.58 -43.37 36.52
CA VAL D 70 10.08 -42.37 37.45
C VAL D 70 10.99 -41.17 37.42
N GLY D 71 12.25 -41.39 37.13
CA GLY D 71 13.24 -40.30 36.98
C GLY D 71 13.70 -40.11 35.54
N GLY D 72 15.01 -40.07 35.36
CA GLY D 72 15.65 -40.01 34.04
C GLY D 72 15.12 -41.10 33.14
N MET D 73 14.91 -40.76 31.87
CA MET D 73 14.43 -41.69 30.82
C MET D 73 15.42 -41.71 29.65
N ARG D 74 15.88 -40.54 29.16
CA ARG D 74 16.54 -40.44 27.83
C ARG D 74 17.86 -39.69 27.91
N TRP D 75 18.72 -39.89 26.91
CA TRP D 75 20.02 -39.19 26.71
C TRP D 75 20.27 -38.92 25.22
N MET D 76 21.02 -37.86 24.93
CA MET D 76 21.39 -37.36 23.58
C MET D 76 22.69 -38.05 23.18
N PRO D 77 22.70 -38.95 22.18
CA PRO D 77 23.94 -39.63 21.82
C PRO D 77 25.00 -38.60 21.42
N ALA D 78 26.25 -39.06 21.31
CA ALA D 78 27.47 -38.28 20.98
C ALA D 78 27.51 -38.00 19.48
N THR D 79 28.01 -36.82 19.13
CA THR D 79 28.17 -36.38 17.72
C THR D 79 29.28 -37.22 17.07
N LYS D 80 29.58 -36.94 15.82
CA LYS D 80 30.70 -37.61 15.20
C LYS D 80 31.95 -36.86 15.56
N ASP D 81 31.78 -35.63 16.06
CA ASP D 81 32.92 -34.80 16.44
C ASP D 81 33.30 -35.10 17.85
N ASN D 82 32.50 -35.90 18.52
CA ASN D 82 32.76 -36.23 19.92
C ASN D 82 32.91 -34.95 20.69
N THR D 83 32.59 -33.83 20.07
CA THR D 83 32.63 -32.53 20.78
C THR D 83 31.28 -32.33 21.50
N GLY D 84 30.19 -32.79 20.87
CA GLY D 84 28.80 -32.60 21.30
C GLY D 84 28.07 -33.90 21.57
N GLY D 85 26.87 -33.81 22.14
CA GLY D 85 26.08 -34.94 22.64
C GLY D 85 26.42 -35.25 24.09
N HIS D 86 25.55 -35.98 24.79
CA HIS D 86 25.77 -36.46 26.17
C HIS D 86 26.79 -37.61 26.10
N VAL D 87 28.07 -37.28 25.85
CA VAL D 87 29.13 -38.25 25.42
C VAL D 87 29.33 -39.30 26.51
N MET D 88 29.63 -38.84 27.72
CA MET D 88 29.96 -39.74 28.84
C MET D 88 28.92 -40.86 28.94
N VAL D 89 27.63 -40.56 28.77
CA VAL D 89 26.56 -41.60 28.87
C VAL D 89 26.71 -42.48 27.64
N ASP D 90 26.86 -41.87 26.46
CA ASP D 90 26.86 -42.61 25.18
C ASP D 90 28.09 -43.54 25.12
N LYS D 91 29.15 -43.20 25.86
CA LYS D 91 30.44 -43.95 25.82
C LYS D 91 30.58 -44.83 27.06
N LEU D 92 30.00 -44.43 28.20
CA LEU D 92 29.99 -45.22 29.48
C LEU D 92 29.11 -46.46 29.25
N VAL D 93 27.86 -46.23 28.85
CA VAL D 93 26.93 -47.29 28.37
C VAL D 93 27.64 -48.07 27.24
N GLY D 94 28.72 -47.52 26.74
CA GLY D 94 29.48 -48.29 25.78
C GLY D 94 30.34 -49.24 26.59
N GLU D 95 31.29 -48.71 27.34
CA GLU D 95 32.24 -49.61 28.06
C GLU D 95 31.45 -50.58 28.95
N LEU D 96 30.30 -50.17 29.50
CA LEU D 96 29.48 -51.03 30.40
C LEU D 96 28.74 -52.08 29.56
N LYS D 97 28.77 -51.96 28.22
CA LYS D 97 28.11 -52.87 27.26
C LYS D 97 26.64 -53.07 27.65
N LEU D 98 25.91 -51.96 27.91
CA LEU D 98 24.47 -51.95 28.28
C LEU D 98 23.63 -51.67 27.04
N GLU D 99 22.40 -52.20 27.01
CA GLU D 99 21.48 -52.22 25.84
C GLU D 99 20.90 -50.83 25.57
N SER D 100 21.05 -50.32 24.34
CA SER D 100 20.53 -49.00 23.91
C SER D 100 19.34 -49.18 22.96
N LYS D 101 18.35 -48.31 23.12
CA LYS D 101 17.13 -48.26 22.26
C LYS D 101 16.70 -46.79 22.10
N ASN D 102 16.07 -46.47 20.97
CA ASN D 102 15.64 -45.10 20.61
C ASN D 102 14.50 -44.68 21.53
N PHE D 103 14.55 -43.43 22.01
CA PHE D 103 13.43 -42.70 22.64
C PHE D 103 12.65 -42.00 21.53
N PRO D 104 11.43 -42.45 21.16
CA PRO D 104 10.66 -41.77 20.12
C PRO D 104 9.87 -40.64 20.77
N MET D 105 10.40 -39.42 20.70
CA MET D 105 9.68 -38.18 21.11
C MET D 105 8.62 -37.88 20.04
N GLY D 106 8.34 -38.85 19.14
CA GLY D 106 7.38 -38.73 18.02
C GLY D 106 6.93 -40.07 17.47
N SER D 107 6.19 -40.05 16.33
CA SER D 107 5.53 -41.19 15.64
C SER D 107 6.35 -41.63 14.42
N ASN D 108 6.31 -42.93 14.11
CA ASN D 108 7.13 -43.57 13.05
C ASN D 108 6.29 -43.84 11.79
N LEU D 109 5.01 -43.48 11.79
CA LEU D 109 4.05 -43.85 10.70
C LEU D 109 3.39 -42.59 10.14
N PRO D 110 3.14 -42.51 8.81
CA PRO D 110 3.39 -43.61 7.85
C PRO D 110 4.84 -43.80 7.37
N ASP D 111 5.21 -45.06 7.06
CA ASP D 111 6.58 -45.52 6.71
C ASP D 111 7.18 -44.64 5.61
N LYS D 112 6.34 -44.21 4.65
CA LYS D 112 6.74 -43.34 3.50
C LYS D 112 7.23 -41.98 4.02
N ASP D 113 6.46 -41.32 4.87
CA ASP D 113 6.60 -39.87 5.22
C ASP D 113 6.01 -39.63 6.61
N PRO D 114 6.73 -39.99 7.69
CA PRO D 114 6.17 -39.94 9.05
C PRO D 114 5.70 -38.55 9.50
N VAL D 115 4.55 -38.50 10.21
CA VAL D 115 4.01 -37.26 10.86
C VAL D 115 5.04 -36.76 11.89
N GLY D 116 6.04 -37.59 12.21
CA GLY D 116 6.93 -37.40 13.37
C GLY D 116 6.07 -37.16 14.61
N ALA D 117 6.06 -35.92 15.11
CA ALA D 117 5.08 -35.42 16.11
C ALA D 117 3.89 -34.80 15.37
N LYS D 118 4.12 -33.60 14.81
CA LYS D 118 3.19 -32.76 13.99
C LYS D 118 1.74 -32.94 14.47
N ASP D 119 1.25 -34.18 14.38
CA ASP D 119 -0.14 -34.57 14.74
C ASP D 119 -0.33 -34.58 16.26
N ASN D 120 0.73 -34.44 17.07
CA ASN D 120 0.62 -34.52 18.55
C ASN D 120 -0.23 -33.37 19.10
N LEU D 121 -0.97 -33.67 20.16
CA LEU D 121 -2.11 -32.86 20.66
C LEU D 121 -1.64 -31.69 21.53
N PHE D 122 -2.41 -30.59 21.50
CA PHE D 122 -2.36 -29.41 22.40
C PHE D 122 -3.80 -29.07 22.81
N TYR D 123 -4.02 -28.52 23.99
CA TYR D 123 -5.39 -28.12 24.41
C TYR D 123 -5.32 -26.88 25.29
N LEU D 124 -4.81 -25.79 24.71
CA LEU D 124 -4.56 -24.50 25.41
C LEU D 124 -5.76 -23.56 25.20
N ARG D 125 -6.10 -22.80 26.24
CA ARG D 125 -7.08 -21.69 26.19
C ARG D 125 -8.38 -22.21 25.56
N GLY D 126 -8.74 -23.45 25.92
CA GLY D 126 -10.02 -24.08 25.50
C GLY D 126 -10.13 -24.32 24.01
N GLU D 127 -9.04 -24.15 23.24
CA GLU D 127 -8.98 -24.47 21.80
C GLU D 127 -8.00 -25.64 21.61
N ARG D 128 -8.43 -26.70 20.96
CA ARG D 128 -7.55 -27.85 20.62
C ARG D 128 -6.84 -27.54 19.30
N PHE D 129 -5.59 -27.95 19.16
CA PHE D 129 -4.85 -27.91 17.87
C PHE D 129 -3.65 -28.86 17.97
N ARG D 130 -2.84 -28.91 16.92
CA ARG D 130 -1.72 -29.86 16.77
C ARG D 130 -0.43 -29.08 16.62
N LEU D 131 0.71 -29.78 16.66
CA LEU D 131 2.06 -29.18 16.58
C LEU D 131 2.24 -28.53 15.21
N ARG D 132 1.64 -29.11 14.16
CA ARG D 132 1.76 -28.59 12.77
C ARG D 132 1.04 -27.24 12.66
N ASP D 133 -0.13 -27.12 13.31
CA ASP D 133 -1.06 -25.96 13.16
C ASP D 133 -0.38 -24.65 13.61
N PHE D 134 0.84 -24.69 14.15
CA PHE D 134 1.65 -23.50 14.50
C PHE D 134 2.15 -22.84 13.22
N THR D 135 2.60 -23.64 12.27
CA THR D 135 3.10 -23.12 11.02
C THR D 135 2.05 -23.22 9.96
N GLU D 136 1.43 -24.37 9.84
CA GLU D 136 0.45 -24.61 8.76
C GLU D 136 -0.71 -23.61 8.89
N ALA D 137 -1.25 -23.43 10.10
CA ALA D 137 -2.60 -22.85 10.35
C ALA D 137 -2.61 -21.87 11.51
N PRO D 138 -1.75 -20.83 11.54
CA PRO D 138 -1.54 -20.06 12.76
C PRO D 138 -2.87 -19.49 13.27
N ASP D 139 -3.80 -19.15 12.37
CA ASP D 139 -5.18 -18.75 12.73
C ASP D 139 -5.63 -19.52 13.98
N LYS D 140 -5.36 -20.84 14.00
CA LYS D 140 -5.92 -21.80 14.97
C LYS D 140 -5.29 -21.65 16.36
N ILE D 141 -4.13 -21.01 16.48
CA ILE D 141 -3.42 -20.81 17.78
C ILE D 141 -4.13 -19.71 18.56
N PRO D 142 -4.68 -20.01 19.76
CA PRO D 142 -5.53 -19.06 20.47
C PRO D 142 -4.75 -17.98 21.23
N TYR D 143 -3.47 -17.82 20.89
CA TYR D 143 -2.65 -16.81 21.54
C TYR D 143 -2.46 -15.64 20.61
N LYS D 144 -2.90 -14.46 21.01
CA LYS D 144 -2.82 -13.30 20.14
C LYS D 144 -1.43 -12.78 20.05
N LEU D 145 -0.58 -13.54 19.40
CA LEU D 145 0.80 -13.13 19.27
C LEU D 145 0.95 -11.99 18.30
N ALA D 146 2.06 -11.29 18.38
CA ALA D 146 2.38 -10.22 17.43
C ALA D 146 2.64 -10.85 16.07
N TRP D 147 2.66 -10.01 15.04
CA TRP D 147 2.79 -10.36 13.60
C TRP D 147 4.13 -11.05 13.36
N SER D 148 5.23 -10.49 13.88
CA SER D 148 6.61 -11.01 13.72
C SER D 148 6.77 -12.36 14.43
N GLU D 149 5.82 -12.71 15.30
CA GLU D 149 5.91 -13.89 16.19
C GLU D 149 5.08 -15.06 15.61
N ARG D 150 4.11 -14.80 14.72
CA ARG D 150 3.22 -15.86 14.16
C ARG D 150 4.03 -16.77 13.21
N GLY D 151 3.79 -18.09 13.30
CA GLY D 151 4.24 -19.08 12.30
C GLY D 151 5.34 -19.99 12.81
N TYR D 152 5.84 -19.76 14.02
CA TYR D 152 6.89 -20.57 14.70
C TYR D 152 6.23 -21.59 15.64
N GLY D 153 6.99 -22.60 16.11
CA GLY D 153 6.66 -23.38 17.32
C GLY D 153 7.35 -22.79 18.55
N PRO D 154 6.99 -23.18 19.79
CA PRO D 154 7.63 -22.63 20.99
C PRO D 154 9.16 -22.82 20.94
N GLU D 155 9.63 -23.94 20.43
CA GLU D 155 11.06 -24.08 20.27
C GLU D 155 11.48 -23.06 19.24
N ASP D 156 11.05 -23.27 18.00
CA ASP D 156 11.48 -22.36 16.90
C ASP D 156 11.53 -20.92 17.44
N LEU D 157 10.47 -20.48 18.10
CA LEU D 157 10.36 -19.07 18.60
C LEU D 157 11.60 -18.74 19.45
N GLN D 158 11.86 -19.57 20.47
CA GLN D 158 13.03 -19.49 21.38
C GLN D 158 14.28 -19.22 20.52
N VAL D 159 14.49 -20.00 19.44
CA VAL D 159 15.71 -19.95 18.59
C VAL D 159 15.79 -18.57 17.93
N LYS D 160 14.64 -18.05 17.48
CA LYS D 160 14.56 -16.69 16.87
C LYS D 160 15.11 -15.71 17.92
N VAL D 161 14.45 -15.65 19.07
CA VAL D 161 14.79 -14.80 20.24
C VAL D 161 16.30 -14.83 20.50
N MET D 162 16.88 -16.04 20.49
CA MET D 162 18.29 -16.30 20.84
C MET D 162 19.20 -15.67 19.78
N HIS D 163 18.83 -15.81 18.50
CA HIS D 163 19.56 -15.21 17.35
C HIS D 163 19.36 -13.69 17.39
N ASN D 164 18.19 -13.25 17.85
CA ASN D 164 17.90 -11.84 18.19
C ASN D 164 18.94 -11.38 19.22
N ILE D 165 18.92 -11.93 20.45
CA ILE D 165 19.88 -11.57 21.54
C ILE D 165 21.28 -11.35 20.94
N TYR D 166 21.69 -12.17 19.98
CA TYR D 166 23.04 -12.11 19.35
C TYR D 166 23.16 -13.23 18.33
N PRO D 167 23.28 -12.91 17.03
CA PRO D 167 23.45 -13.93 16.01
C PRO D 167 24.58 -14.92 16.36
N GLY D 168 24.24 -16.21 16.39
CA GLY D 168 25.20 -17.31 16.67
C GLY D 168 25.61 -17.30 18.12
N PHE D 169 24.65 -17.07 19.03
CA PHE D 169 24.84 -17.20 20.49
C PHE D 169 25.09 -18.66 20.86
N ASP D 170 24.40 -19.59 20.19
CA ASP D 170 24.58 -21.06 20.42
C ASP D 170 25.89 -21.50 19.79
N LYS D 171 26.36 -20.79 18.75
CA LYS D 171 27.66 -21.06 18.11
C LYS D 171 28.79 -20.34 18.88
N LEU D 172 28.83 -20.42 20.23
CA LEU D 172 29.89 -19.86 21.10
C LEU D 172 30.30 -20.87 22.17
N SER D 173 31.29 -20.51 22.99
CA SER D 173 31.67 -21.19 24.26
C SER D 173 30.87 -20.55 25.39
N LEU D 174 30.91 -21.12 26.60
CA LEU D 174 30.23 -20.52 27.78
C LEU D 174 30.90 -19.20 28.16
N ALA D 175 32.23 -19.16 28.17
CA ALA D 175 33.02 -17.96 28.55
C ALA D 175 32.57 -16.79 27.69
N GLU D 176 32.50 -17.00 26.37
CA GLU D 176 32.08 -16.02 25.34
C GLU D 176 30.65 -15.59 25.62
N GLN D 177 29.80 -16.56 25.96
CA GLN D 177 28.36 -16.34 26.29
C GLN D 177 28.23 -15.44 27.53
N MET D 178 29.12 -15.56 28.53
CA MET D 178 29.03 -14.74 29.77
C MET D 178 29.38 -13.28 29.45
N GLN D 179 29.94 -13.02 28.27
CA GLN D 179 30.51 -11.69 27.87
C GLN D 179 29.58 -10.96 26.90
N VAL D 180 28.54 -11.65 26.41
CA VAL D 180 27.46 -11.06 25.56
C VAL D 180 26.57 -10.17 26.43
N LYS D 181 26.30 -8.95 26.00
CA LYS D 181 25.40 -8.00 26.71
C LYS D 181 24.14 -7.78 25.86
N VAL D 182 22.98 -7.75 26.50
CA VAL D 182 21.68 -7.37 25.88
C VAL D 182 21.07 -6.25 26.72
N PHE D 183 20.64 -5.16 26.08
CA PHE D 183 19.99 -3.99 26.72
C PHE D 183 20.87 -3.53 27.89
N GLY D 184 22.20 -3.62 27.72
CA GLY D 184 23.22 -3.08 28.64
C GLY D 184 23.72 -4.11 29.63
N LYS D 185 22.87 -5.06 30.02
CA LYS D 185 23.17 -6.10 31.04
C LYS D 185 23.79 -7.32 30.36
N GLU D 186 24.78 -7.96 31.00
CA GLU D 186 25.23 -9.31 30.59
C GLU D 186 24.01 -10.22 30.62
N ILE D 187 23.84 -11.03 29.58
CA ILE D 187 22.71 -11.99 29.39
C ILE D 187 22.52 -12.83 30.65
N TRP D 188 23.60 -13.17 31.38
CA TRP D 188 23.57 -14.13 32.53
C TRP D 188 23.08 -13.46 33.82
N ARG D 189 22.80 -12.15 33.79
CA ARG D 189 22.24 -11.39 34.94
C ARG D 189 20.71 -11.33 34.79
N TYR D 190 20.20 -11.74 33.65
CA TYR D 190 18.75 -11.81 33.34
C TYR D 190 18.19 -13.16 33.81
N GLY D 191 16.96 -13.17 34.26
CA GLY D 191 16.33 -14.44 34.55
C GLY D 191 15.61 -14.70 33.24
N PHE D 192 15.54 -15.95 32.81
CA PHE D 192 14.94 -16.27 31.52
C PHE D 192 13.77 -15.39 31.20
N TRP D 193 12.68 -15.62 31.88
CA TRP D 193 11.48 -14.88 31.62
C TRP D 193 11.78 -13.42 31.62
N ASP D 194 12.57 -12.97 32.58
CA ASP D 194 12.82 -11.56 32.69
C ASP D 194 13.52 -11.04 31.45
N LEU D 195 13.86 -11.92 30.52
CA LEU D 195 14.43 -11.45 29.28
C LEU D 195 13.34 -11.53 28.26
N LEU D 196 12.65 -12.65 28.25
CA LEU D 196 11.61 -12.84 27.27
C LEU D 196 10.69 -11.66 27.23
N TYR D 197 10.15 -11.29 28.37
CA TYR D 197 9.17 -10.21 28.35
C TYR D 197 9.68 -8.96 27.67
N ARG D 198 10.99 -8.80 27.63
CA ARG D 198 11.54 -7.61 27.02
C ARG D 198 12.00 -7.91 25.62
N VAL D 199 11.86 -9.15 25.19
CA VAL D 199 12.21 -9.51 23.82
C VAL D 199 11.05 -10.17 23.10
N LEU D 200 9.90 -10.25 23.75
CA LEU D 200 8.76 -10.92 23.17
C LEU D 200 7.48 -10.30 23.64
N SER D 201 6.39 -10.63 22.97
CA SER D 201 5.09 -10.12 23.37
C SER D 201 4.65 -10.88 24.58
N ASN D 202 3.82 -10.26 25.39
CA ASN D 202 3.31 -10.99 26.53
C ASN D 202 2.64 -12.23 26.05
N GLU D 203 1.84 -12.12 25.01
CA GLU D 203 1.11 -13.26 24.53
C GLU D 203 2.10 -14.30 24.11
N GLY D 204 3.22 -13.85 23.56
CA GLY D 204 4.24 -14.77 23.12
C GLY D 204 4.95 -15.31 24.32
N TYR D 205 5.01 -14.49 25.36
CA TYR D 205 5.63 -14.91 26.59
C TYR D 205 4.80 -16.03 27.11
N GLN D 206 3.57 -15.73 27.48
CA GLN D 206 2.68 -16.73 28.00
C GLN D 206 2.74 -17.97 27.17
N PHE D 207 2.67 -17.82 25.87
CA PHE D 207 2.73 -18.96 25.00
C PHE D 207 3.86 -19.85 25.38
N MET D 208 5.07 -19.31 25.33
CA MET D 208 6.23 -20.13 25.60
C MET D 208 6.21 -20.68 27.02
N LYS D 209 5.41 -20.07 27.88
CA LYS D 209 5.29 -20.57 29.23
C LYS D 209 4.12 -21.50 29.33
N ASP D 210 3.38 -21.62 28.24
CA ASP D 210 2.28 -22.54 28.21
C ASP D 210 2.61 -23.61 27.20
N ALA D 211 3.87 -23.65 26.78
CA ALA D 211 4.30 -24.63 25.81
C ALA D 211 5.81 -24.80 25.80
N GLY D 212 6.33 -25.67 26.62
CA GLY D 212 7.76 -25.84 26.71
C GLY D 212 8.09 -27.30 26.88
N GLY D 213 9.37 -27.60 27.03
CA GLY D 213 9.78 -28.98 27.21
C GLY D 213 9.43 -29.38 28.62
N TYR D 214 10.41 -29.34 29.49
CA TYR D 214 10.12 -29.61 30.88
C TYR D 214 9.09 -28.58 31.23
N GLU D 215 7.87 -29.00 31.50
CA GLU D 215 6.80 -28.06 31.78
C GLU D 215 7.22 -27.09 32.88
N ALA D 216 6.50 -25.98 32.97
CA ALA D 216 6.81 -24.99 33.98
C ALA D 216 8.28 -24.78 33.99
N ASN D 217 8.84 -24.48 32.82
CA ASN D 217 10.26 -24.19 32.73
C ASN D 217 10.55 -23.10 33.72
N VAL D 218 9.50 -22.43 34.19
CA VAL D 218 9.65 -21.39 35.19
C VAL D 218 10.94 -21.53 35.94
N ALA D 219 11.83 -20.58 35.70
CA ALA D 219 13.10 -20.67 36.35
C ALA D 219 13.69 -19.31 36.45
N ASN D 220 13.26 -18.40 35.58
CA ASN D 220 13.88 -17.10 35.54
C ASN D 220 15.29 -17.47 35.86
N ALA D 221 15.76 -18.54 35.22
CA ALA D 221 17.08 -19.02 35.45
C ALA D 221 18.06 -18.29 34.58
N SER D 222 19.29 -18.22 35.03
CA SER D 222 20.35 -17.59 34.19
C SER D 222 20.05 -17.97 32.75
N ALA D 223 19.57 -17.01 31.97
CA ALA D 223 19.19 -17.21 30.54
C ALA D 223 20.36 -17.85 29.79
N VAL D 224 21.62 -17.55 30.16
CA VAL D 224 22.86 -18.03 29.48
C VAL D 224 22.84 -19.55 29.30
N THR D 225 22.10 -20.25 30.15
CA THR D 225 21.97 -21.73 30.17
C THR D 225 20.63 -22.15 29.54
N GLN D 226 19.53 -21.48 29.89
CA GLN D 226 18.15 -21.97 29.58
C GLN D 226 17.68 -21.47 28.21
N LEU D 227 18.36 -20.49 27.62
CA LEU D 227 18.00 -19.95 26.27
C LEU D 227 18.39 -20.97 25.20
N PRO D 228 19.67 -21.40 25.09
CA PRO D 228 20.06 -22.34 24.03
C PRO D 228 19.67 -23.81 24.31
N ALA D 229 18.59 -24.02 25.08
CA ALA D 229 17.91 -25.34 25.24
C ALA D 229 17.07 -25.63 23.97
N THR D 230 17.76 -25.96 22.87
CA THR D 230 17.17 -26.41 21.57
C THR D 230 17.12 -27.94 21.56
N GLU D 231 16.99 -28.56 22.73
CA GLU D 231 16.94 -30.03 22.95
C GLU D 231 15.47 -30.45 23.21
N TYR D 232 14.65 -30.49 22.15
CA TYR D 232 13.22 -30.89 22.16
C TYR D 232 12.65 -30.74 20.75
N SER D 233 12.49 -31.85 20.01
CA SER D 233 11.96 -31.89 18.62
C SER D 233 11.41 -33.27 18.22
N ASP D 234 11.13 -33.46 16.93
CA ASP D 234 10.71 -34.74 16.29
C ASP D 234 11.83 -35.29 15.39
N LYS D 235 12.93 -34.54 15.21
CA LYS D 235 14.14 -34.97 14.45
C LYS D 235 15.34 -35.14 15.39
N THR D 236 15.34 -34.48 16.57
CA THR D 236 16.43 -34.58 17.60
C THR D 236 16.51 -36.02 18.12
N VAL D 237 17.63 -36.71 17.85
CA VAL D 237 17.79 -38.16 18.15
C VAL D 237 17.97 -38.31 19.66
N PHE D 238 17.13 -39.13 20.29
CA PHE D 238 17.23 -39.48 21.72
C PHE D 238 17.38 -41.00 21.84
N LEU D 239 18.05 -41.47 22.90
CA LEU D 239 18.16 -42.91 23.27
C LEU D 239 17.71 -43.13 24.72
N THR D 240 17.26 -44.35 25.02
CA THR D 240 16.96 -44.87 26.38
C THR D 240 17.78 -46.15 26.63
N LEU D 241 17.64 -46.73 27.83
CA LEU D 241 18.16 -48.09 28.13
C LEU D 241 16.98 -49.05 28.15
N LYS D 242 17.14 -50.22 27.51
CA LYS D 242 16.13 -51.29 27.46
C LYS D 242 15.72 -51.62 28.91
N LYS D 243 16.72 -51.84 29.76
CA LYS D 243 16.52 -52.22 31.18
C LYS D 243 16.21 -50.96 32.02
N GLY D 244 16.00 -49.79 31.39
CA GLY D 244 15.65 -48.52 32.07
C GLY D 244 16.91 -47.78 32.52
N PHE D 245 16.79 -46.50 32.89
CA PHE D 245 17.97 -45.61 33.13
C PHE D 245 18.57 -45.95 34.49
N GLN D 246 17.78 -46.59 35.36
CA GLN D 246 18.27 -47.08 36.66
C GLN D 246 19.36 -48.13 36.42
N ALA D 247 19.41 -48.74 35.23
CA ALA D 247 20.40 -49.77 34.86
C ALA D 247 21.81 -49.20 35.02
N LEU D 248 22.02 -47.94 34.65
CA LEU D 248 23.38 -47.36 34.61
C LEU D 248 23.99 -47.34 36.01
N PRO D 249 23.34 -46.71 37.02
CA PRO D 249 23.81 -46.77 38.42
C PRO D 249 24.03 -48.19 38.98
N LEU D 250 23.07 -49.08 38.75
CA LEU D 250 23.11 -50.45 39.29
C LEU D 250 24.34 -51.15 38.70
N THR D 251 24.46 -51.20 37.38
CA THR D 251 25.60 -51.84 36.65
C THR D 251 26.93 -51.33 37.21
N LEU D 252 27.04 -50.01 37.44
CA LEU D 252 28.23 -49.40 38.10
C LEU D 252 28.37 -50.00 39.49
N ALA D 253 27.30 -49.95 40.30
CA ALA D 253 27.28 -50.47 41.69
C ALA D 253 27.72 -51.94 41.66
N LYS D 254 27.07 -52.76 40.82
CA LYS D 254 27.46 -54.18 40.57
C LYS D 254 28.96 -54.19 40.30
N ARG D 255 29.38 -53.58 39.18
CA ARG D 255 30.80 -53.54 38.72
C ARG D 255 31.71 -53.10 39.89
N PHE D 256 31.36 -52.01 40.57
CA PHE D 256 32.11 -51.44 41.73
C PHE D 256 32.48 -52.55 42.71
N ALA D 257 31.53 -53.31 43.17
CA ALA D 257 31.87 -54.31 44.15
C ALA D 257 32.55 -55.51 43.55
N GLU D 258 32.15 -55.87 42.35
CA GLU D 258 32.67 -57.12 41.74
C GLU D 258 34.16 -57.00 41.42
N VAL D 259 34.69 -55.79 41.19
CA VAL D 259 36.12 -55.64 40.76
C VAL D 259 36.96 -56.55 41.66
N PRO D 260 37.75 -57.47 41.06
CA PRO D 260 38.59 -58.38 41.83
C PRO D 260 39.69 -57.67 42.65
N GLY D 261 39.89 -58.14 43.89
CA GLY D 261 41.01 -57.77 44.75
C GLY D 261 40.57 -56.87 45.88
N GLY D 262 41.28 -55.76 46.05
CA GLY D 262 40.87 -54.64 46.93
C GLY D 262 41.32 -54.83 48.36
N LEU D 263 41.33 -53.73 49.12
CA LEU D 263 41.59 -53.72 50.59
C LEU D 263 40.24 -53.84 51.33
N ILE D 264 39.15 -53.57 50.63
CA ILE D 264 37.85 -53.80 51.19
C ILE D 264 37.25 -54.84 50.27
N ALA D 265 36.35 -55.67 50.79
CA ALA D 265 35.76 -56.72 49.98
C ALA D 265 34.45 -56.26 49.41
N GLY D 266 34.15 -56.69 48.21
CA GLY D 266 32.94 -56.23 47.56
C GLY D 266 31.78 -56.15 48.50
N GLU D 267 31.45 -57.26 49.13
CA GLU D 267 30.31 -57.31 50.01
C GLU D 267 30.27 -56.11 50.91
N GLN D 268 31.42 -55.67 51.38
CA GLN D 268 31.47 -54.57 52.30
C GLN D 268 32.00 -53.33 51.63
N ARG D 269 31.45 -53.02 50.47
CA ARG D 269 31.85 -51.82 49.78
C ARG D 269 30.63 -50.94 49.68
N ILE D 270 29.56 -51.45 49.10
CA ILE D 270 28.33 -50.69 49.05
C ILE D 270 27.63 -50.82 50.37
N ARG D 271 27.39 -49.70 51.03
CA ARG D 271 26.77 -49.74 52.39
C ARG D 271 25.43 -48.99 52.33
N MET D 272 24.32 -49.72 52.22
CA MET D 272 22.98 -49.12 52.02
C MET D 272 22.43 -48.69 53.38
N ASN D 273 21.23 -48.10 53.40
CA ASN D 273 20.52 -47.62 54.61
C ASN D 273 21.50 -46.96 55.59
N ARG D 274 22.22 -45.92 55.13
CA ARG D 274 23.21 -45.17 55.95
C ARG D 274 23.22 -43.69 55.55
N ARG D 275 22.45 -42.88 56.28
CA ARG D 275 22.29 -41.41 56.09
C ARG D 275 23.50 -40.71 56.70
N LEU D 276 24.31 -40.03 55.91
CA LEU D 276 25.31 -39.08 56.49
C LEU D 276 24.51 -37.98 57.20
N ALA D 277 24.92 -37.65 58.42
CA ALA D 277 24.26 -36.61 59.16
C ALA D 277 25.26 -35.62 59.68
N SER D 278 26.54 -35.92 59.53
CA SER D 278 27.54 -34.96 59.94
C SER D 278 28.93 -35.33 59.53
N VAL D 279 29.69 -34.37 59.07
CA VAL D 279 31.06 -34.62 58.71
C VAL D 279 31.92 -33.76 59.59
N GLN D 280 32.65 -34.38 60.50
CA GLN D 280 33.48 -33.62 61.40
C GLN D 280 34.94 -33.96 61.20
N PHE D 281 35.80 -33.01 61.48
CA PHE D 281 37.25 -33.20 61.28
C PHE D 281 37.82 -33.78 62.58
N SER D 282 39.12 -34.10 62.56
CA SER D 282 39.77 -34.68 63.73
C SER D 282 41.29 -34.56 63.85
N ASP D 283 41.79 -34.56 65.07
CA ASP D 283 43.24 -34.53 65.41
C ASP D 283 44.00 -35.49 64.49
N ASP D 284 43.30 -36.49 63.96
CA ASP D 284 43.92 -37.47 63.09
C ASP D 284 44.59 -36.83 61.92
N THR D 285 45.75 -37.34 61.60
CA THR D 285 46.53 -36.85 60.44
C THR D 285 46.27 -37.77 59.25
N GLU D 286 46.25 -39.10 59.48
CA GLU D 286 46.09 -40.14 58.43
C GLU D 286 44.64 -40.19 57.95
N TYR D 287 43.67 -40.06 58.84
CA TYR D 287 42.26 -40.09 58.48
C TYR D 287 41.59 -38.92 59.14
N PRO D 288 41.63 -37.75 58.51
CA PRO D 288 41.14 -36.56 59.20
C PRO D 288 39.69 -36.19 59.03
N TYR D 289 38.79 -37.14 58.96
CA TYR D 289 37.38 -36.80 58.91
C TYR D 289 36.57 -37.87 59.58
N ARG D 290 35.74 -37.48 60.52
CA ARG D 290 34.93 -38.45 61.26
C ARG D 290 33.53 -38.35 60.78
N LEU D 291 33.05 -39.38 60.12
CA LEU D 291 31.74 -39.31 59.52
C LEU D 291 30.65 -39.82 60.43
N HIS D 292 29.67 -38.98 60.70
CA HIS D 292 28.62 -39.36 61.61
C HIS D 292 27.40 -39.80 60.84
N PHE D 293 27.24 -41.09 60.70
CA PHE D 293 26.07 -41.68 60.02
C PHE D 293 24.95 -41.94 61.04
N GLN D 294 23.79 -42.38 60.57
CA GLN D 294 22.59 -42.75 61.39
C GLN D 294 21.70 -43.67 60.56
N ALA D 295 21.89 -44.98 60.67
CA ALA D 295 21.26 -46.03 59.82
C ALA D 295 19.75 -45.78 59.70
N THR D 296 19.19 -46.15 58.54
CA THR D 296 17.80 -45.89 58.12
C THR D 296 17.15 -47.21 57.69
N ARG D 297 15.83 -47.21 57.50
CA ARG D 297 15.01 -48.41 57.14
C ARG D 297 13.94 -48.03 56.11
N THR D 298 14.17 -48.38 54.83
CA THR D 298 13.29 -48.09 53.66
C THR D 298 12.14 -49.12 53.60
N VAL D 299 10.98 -48.82 54.21
CA VAL D 299 9.79 -49.73 54.30
C VAL D 299 8.76 -49.37 53.23
N ASP D 300 8.74 -50.09 52.11
CA ASP D 300 7.83 -49.81 50.97
C ASP D 300 8.13 -48.41 50.45
N GLY D 301 9.40 -48.06 50.30
CA GLY D 301 9.84 -46.77 49.71
C GLY D 301 10.09 -45.68 50.74
N LYS D 302 9.21 -45.52 51.74
CA LYS D 302 9.41 -44.53 52.83
C LYS D 302 10.65 -44.95 53.66
N THR D 303 11.77 -44.25 53.48
CA THR D 303 13.03 -44.40 54.28
C THR D 303 12.93 -43.53 55.54
N SER D 304 13.35 -44.05 56.68
CA SER D 304 13.21 -43.41 58.01
C SER D 304 14.40 -43.80 58.91
N ASP D 305 15.01 -42.81 59.57
CA ASP D 305 16.15 -42.99 60.49
C ASP D 305 15.83 -44.11 61.49
N VAL D 306 16.73 -45.07 61.69
CA VAL D 306 16.61 -46.10 62.78
C VAL D 306 17.06 -45.48 64.09
N PRO D 307 16.20 -45.39 65.13
CA PRO D 307 16.52 -44.61 66.34
C PRO D 307 17.62 -45.23 67.20
N GLY D 308 18.70 -44.47 67.45
CA GLY D 308 19.85 -44.90 68.26
C GLY D 308 20.90 -45.60 67.43
N ALA D 309 20.64 -45.82 66.15
CA ALA D 309 21.54 -46.52 65.22
C ALA D 309 22.65 -45.55 64.82
N GLU D 310 23.55 -45.24 65.75
CA GLU D 310 24.72 -44.38 65.44
C GLU D 310 25.74 -45.26 64.71
N GLU D 311 26.54 -44.62 63.88
CA GLU D 311 27.74 -45.20 63.22
C GLU D 311 28.69 -44.06 62.88
N ILE D 312 29.93 -44.12 63.34
CA ILE D 312 30.91 -43.12 62.98
C ILE D 312 31.93 -43.81 62.10
N ILE D 313 32.50 -43.09 61.14
CA ILE D 313 33.42 -43.71 60.20
C ILE D 313 34.60 -42.79 59.90
N HIS D 314 35.77 -43.37 59.72
CA HIS D 314 36.97 -42.58 59.50
C HIS D 314 37.28 -42.37 58.04
N ALA D 315 37.89 -41.23 57.72
CA ALA D 315 38.13 -40.94 56.33
C ALA D 315 39.22 -39.95 56.00
N ARG D 316 39.99 -40.24 54.97
CA ARG D 316 41.06 -39.35 54.47
C ARG D 316 40.47 -38.33 53.50
N GLN D 317 39.71 -38.83 52.51
CA GLN D 317 39.02 -38.03 51.46
C GLN D 317 37.52 -38.37 51.50
N VAL D 318 36.67 -37.39 51.19
CA VAL D 318 35.19 -37.54 51.16
C VAL D 318 34.66 -36.93 49.86
N ILE D 319 34.05 -37.74 48.99
CA ILE D 319 33.28 -37.30 47.80
C ILE D 319 31.80 -37.32 48.17
N LEU D 320 31.11 -36.17 48.06
CA LEU D 320 29.65 -36.05 48.32
C LEU D 320 28.90 -35.96 46.99
N ALA D 321 28.53 -37.10 46.38
CA ALA D 321 27.69 -37.17 45.16
C ALA D 321 26.24 -36.87 45.54
N LEU D 322 25.98 -35.65 46.02
CA LEU D 322 24.66 -35.19 46.53
C LEU D 322 24.19 -33.95 45.76
N PRO D 323 22.86 -33.79 45.55
CA PRO D 323 22.29 -32.52 45.11
C PRO D 323 22.27 -31.51 46.27
N ARG D 324 21.86 -30.28 45.99
CA ARG D 324 21.92 -29.15 46.95
C ARG D 324 21.18 -29.50 48.24
N ARG D 325 19.88 -29.84 48.15
CA ARG D 325 19.01 -30.14 49.32
C ARG D 325 19.68 -31.19 50.20
N SER D 326 20.41 -32.12 49.57
CA SER D 326 21.11 -33.24 50.27
C SER D 326 22.30 -32.70 51.08
N LEU D 327 23.05 -31.74 50.53
CA LEU D 327 24.21 -31.05 51.16
C LEU D 327 23.71 -30.05 52.21
N GLU D 328 22.56 -29.43 51.99
CA GLU D 328 21.91 -28.50 52.95
C GLU D 328 21.61 -29.25 54.28
N LEU D 329 21.57 -30.58 54.27
CA LEU D 329 21.13 -31.38 55.42
C LEU D 329 22.29 -32.04 56.19
N ILE D 330 23.52 -31.58 56.05
CA ILE D 330 24.67 -32.25 56.75
C ILE D 330 25.25 -31.28 57.78
N GLN D 331 25.28 -31.69 59.06
CA GLN D 331 25.90 -30.95 60.19
C GLN D 331 27.43 -31.04 60.01
N SER D 332 28.01 -30.06 59.32
CA SER D 332 29.47 -29.99 59.07
C SER D 332 29.92 -28.53 59.04
N PRO D 333 31.13 -28.22 59.55
CA PRO D 333 31.62 -26.84 59.59
C PRO D 333 32.32 -26.44 58.28
N LEU D 334 32.68 -27.42 57.46
CA LEU D 334 33.17 -27.16 56.08
C LEU D 334 32.16 -26.25 55.39
N PHE D 335 30.88 -26.37 55.76
CA PHE D 335 29.78 -25.46 55.32
C PHE D 335 29.83 -24.12 56.07
N ASP D 336 30.98 -23.74 56.63
CA ASP D 336 31.19 -22.36 57.16
C ASP D 336 32.05 -21.54 56.19
N ASP D 337 32.98 -22.18 55.47
CA ASP D 337 33.78 -21.48 54.44
C ASP D 337 32.83 -20.53 53.72
N PRO D 338 33.08 -19.21 53.69
CA PRO D 338 32.09 -18.26 53.16
C PRO D 338 31.65 -18.58 51.71
N TRP D 339 32.55 -19.14 50.90
CA TRP D 339 32.27 -19.42 49.46
C TRP D 339 31.13 -20.41 49.39
N LEU D 340 31.35 -21.62 49.86
CA LEU D 340 30.32 -22.63 49.85
C LEU D 340 29.06 -21.98 50.28
N LYS D 341 29.09 -21.40 51.45
CA LYS D 341 27.90 -20.80 52.00
C LYS D 341 27.01 -20.20 50.96
N GLU D 342 27.39 -19.06 50.44
CA GLU D 342 26.51 -18.37 49.51
C GLU D 342 26.47 -19.00 48.16
N ASN D 343 27.48 -19.80 47.84
CA ASN D 343 27.53 -20.33 46.45
C ASN D 343 26.88 -21.72 46.37
N ILE D 344 26.30 -22.22 47.48
CA ILE D 344 25.43 -23.42 47.48
C ILE D 344 24.06 -23.00 46.91
N ASP D 345 23.65 -21.74 47.15
CA ASP D 345 22.39 -21.12 46.69
C ASP D 345 22.46 -20.70 45.21
N SER D 346 23.60 -20.90 44.54
CA SER D 346 23.81 -20.59 43.10
C SER D 346 22.70 -21.23 42.24
N VAL D 347 22.17 -22.39 42.64
CA VAL D 347 21.13 -23.15 41.88
C VAL D 347 19.79 -23.06 42.59
N LEU D 348 18.71 -23.04 41.80
CA LEU D 348 17.31 -23.21 42.26
C LEU D 348 16.98 -24.72 42.21
N VAL D 349 16.21 -25.21 43.19
CA VAL D 349 15.74 -26.62 43.25
C VAL D 349 14.41 -26.65 42.51
N GLN D 350 14.20 -27.61 41.60
CA GLN D 350 12.94 -27.78 40.82
C GLN D 350 12.23 -29.07 41.27
N SER D 351 11.29 -28.96 42.20
CA SER D 351 10.37 -30.07 42.59
C SER D 351 9.71 -30.58 41.31
N ALA D 352 9.84 -31.87 41.02
CA ALA D 352 9.25 -32.50 39.82
C ALA D 352 8.27 -33.61 40.26
N PHE D 353 7.22 -33.80 39.48
CA PHE D 353 6.23 -34.79 39.82
C PHE D 353 6.11 -35.73 38.66
N LYS D 354 5.54 -36.91 38.87
CA LYS D 354 5.36 -37.85 37.78
C LYS D 354 4.27 -38.86 38.08
N LEU D 355 3.51 -39.25 37.07
CA LEU D 355 2.43 -40.18 37.25
C LEU D 355 2.32 -41.10 36.07
N PHE D 356 2.06 -42.36 36.34
CA PHE D 356 1.90 -43.37 35.25
C PHE D 356 0.51 -44.01 35.38
N LEU D 357 -0.12 -44.28 34.23
CA LEU D 357 -1.43 -44.95 34.06
C LEU D 357 -1.29 -46.01 32.98
N ALA D 358 -1.37 -47.28 33.37
CA ALA D 358 -1.30 -48.46 32.49
C ALA D 358 -2.72 -48.85 32.08
N TYR D 359 -2.96 -48.95 30.78
CA TYR D 359 -4.26 -49.39 30.21
C TYR D 359 -4.07 -50.79 29.62
N GLU D 360 -5.19 -51.47 29.34
CA GLU D 360 -5.22 -52.76 28.60
C GLU D 360 -5.14 -52.46 27.10
N GLN D 361 -5.24 -51.19 26.71
CA GLN D 361 -5.43 -50.75 25.31
C GLN D 361 -4.74 -49.39 25.11
N PRO D 362 -3.92 -49.19 24.03
CA PRO D 362 -3.41 -47.87 23.66
C PRO D 362 -4.42 -47.14 22.77
N TRP D 363 -5.51 -46.70 23.39
CA TRP D 363 -6.65 -45.99 22.74
C TRP D 363 -6.12 -44.81 21.92
N TRP D 364 -5.02 -44.22 22.36
CA TRP D 364 -4.42 -43.01 21.74
C TRP D 364 -4.04 -43.30 20.29
N ARG D 365 -3.63 -44.55 20.00
CA ARG D 365 -3.25 -45.01 18.63
C ARG D 365 -4.40 -44.75 17.65
N SER D 366 -5.63 -45.06 18.06
CA SER D 366 -6.89 -44.82 17.29
C SER D 366 -7.08 -43.33 17.02
N GLN D 367 -6.39 -42.46 17.75
CA GLN D 367 -6.48 -40.98 17.63
C GLN D 367 -5.26 -40.45 16.87
N GLY D 368 -4.43 -41.34 16.34
CA GLY D 368 -3.27 -41.02 15.48
C GLY D 368 -2.00 -40.74 16.27
N LEU D 369 -2.05 -40.89 17.59
CA LEU D 369 -0.93 -40.61 18.53
C LEU D 369 -0.15 -41.89 18.80
N VAL D 370 1.17 -41.88 18.56
CA VAL D 370 2.06 -43.06 18.74
C VAL D 370 2.99 -42.87 19.93
N ALA D 371 3.78 -41.79 19.93
CA ALA D 371 4.75 -41.45 21.00
C ALA D 371 5.19 -39.97 20.87
N GLY D 372 5.84 -39.43 21.91
CA GLY D 372 6.08 -37.98 22.07
C GLY D 372 5.19 -37.37 23.15
N ARG D 373 5.14 -36.04 23.25
CA ARG D 373 4.39 -35.27 24.29
C ARG D 373 3.16 -34.60 23.68
N SER D 374 2.16 -34.31 24.50
CA SER D 374 1.00 -33.43 24.18
C SER D 374 0.79 -32.46 25.35
N VAL D 375 0.43 -31.21 25.07
CA VAL D 375 0.39 -30.12 26.09
C VAL D 375 -1.07 -29.70 26.32
N THR D 376 -1.33 -29.00 27.42
CA THR D 376 -2.64 -28.42 27.76
C THR D 376 -2.45 -27.43 28.91
N ASP D 377 -3.41 -26.53 29.12
CA ASP D 377 -3.45 -25.61 30.30
C ASP D 377 -4.23 -26.31 31.44
N LEU D 378 -4.77 -27.51 31.18
CA LEU D 378 -5.30 -28.43 32.23
C LEU D 378 -4.21 -28.68 33.27
N PRO D 379 -4.56 -28.94 34.55
CA PRO D 379 -3.54 -29.22 35.55
C PRO D 379 -2.56 -30.33 35.13
N ILE D 380 -2.95 -31.38 34.45
CA ILE D 380 -1.96 -32.40 34.09
C ILE D 380 -0.82 -31.72 33.38
N ARG D 381 -1.13 -30.74 32.56
CA ARG D 381 -0.16 -29.91 31.79
C ARG D 381 0.47 -30.74 30.66
N GLN D 382 1.23 -31.76 30.98
CA GLN D 382 1.79 -32.55 29.90
C GLN D 382 1.38 -33.98 29.94
N CYS D 383 1.69 -34.72 28.88
CA CYS D 383 1.35 -36.13 28.82
C CYS D 383 2.18 -36.82 27.76
N TYR D 384 2.61 -38.04 28.03
CA TYR D 384 3.48 -38.74 27.11
C TYR D 384 3.00 -40.16 26.77
N TYR D 385 2.91 -40.47 25.49
CA TYR D 385 2.46 -41.82 25.04
C TYR D 385 3.70 -42.72 24.96
N MET D 386 3.81 -43.62 25.93
CA MET D 386 5.04 -44.42 26.14
C MET D 386 5.00 -45.68 25.26
N GLY D 387 4.70 -46.86 25.82
CA GLY D 387 4.81 -48.13 25.07
C GLY D 387 3.60 -49.02 25.24
N THR D 388 3.44 -49.99 24.34
CA THR D 388 2.50 -51.13 24.46
C THR D 388 3.34 -52.41 24.52
N GLU D 389 3.13 -53.25 25.54
CA GLU D 389 3.94 -54.46 25.83
C GLU D 389 4.06 -55.33 24.56
N CYS D 390 2.93 -55.63 23.91
CA CYS D 390 2.88 -56.44 22.67
C CYS D 390 4.07 -56.10 21.77
N GLU D 391 4.20 -54.83 21.37
CA GLU D 391 5.10 -54.35 20.28
C GLU D 391 6.57 -54.54 20.67
N GLN D 392 6.89 -54.49 21.97
CA GLN D 392 8.29 -54.46 22.48
C GLN D 392 9.00 -55.76 22.09
N ASP D 393 10.19 -55.65 21.50
CA ASP D 393 10.96 -56.80 20.93
C ASP D 393 11.16 -57.86 22.01
N GLY D 394 10.41 -58.96 21.95
CA GLY D 394 10.38 -60.02 22.98
C GLY D 394 9.42 -59.67 24.10
N GLY D 395 8.37 -58.91 23.80
CA GLY D 395 7.31 -58.53 24.74
C GLY D 395 6.21 -59.59 24.77
N GLU D 396 5.29 -59.50 25.74
CA GLU D 396 4.14 -60.43 25.92
C GLU D 396 3.03 -60.10 24.93
N LYS D 397 2.12 -61.05 24.69
CA LYS D 397 1.06 -60.96 23.64
C LYS D 397 -0.11 -60.12 24.15
N THR D 398 0.19 -59.01 24.85
CA THR D 398 -0.77 -58.12 25.53
C THR D 398 -0.75 -56.74 24.85
N LEU D 399 -1.89 -56.04 24.84
CA LEU D 399 -2.01 -54.61 24.45
C LEU D 399 -1.98 -53.72 25.71
N ASN D 400 -1.60 -54.29 26.85
CA ASN D 400 -1.18 -53.53 28.05
C ASN D 400 -0.20 -52.46 27.57
N SER D 401 -0.54 -51.20 27.78
CA SER D 401 0.22 -50.03 27.28
C SER D 401 0.31 -48.98 28.39
N LEU D 402 1.28 -48.07 28.28
CA LEU D 402 1.65 -47.12 29.35
C LEU D 402 1.47 -45.68 28.85
N LEU D 403 0.96 -44.82 29.72
CA LEU D 403 0.83 -43.42 29.42
C LEU D 403 1.42 -42.68 30.59
N MET D 404 2.49 -41.93 30.38
CA MET D 404 3.10 -41.15 31.46
C MET D 404 2.70 -39.73 31.34
N ALA D 405 2.68 -39.02 32.46
CA ALA D 405 2.27 -37.64 32.44
C ALA D 405 2.80 -36.80 33.59
N SER D 406 1.93 -35.98 34.15
CA SER D 406 2.31 -35.05 35.23
C SER D 406 3.79 -34.75 35.20
N TYR D 407 4.33 -34.46 34.04
CA TYR D 407 5.71 -34.08 33.98
C TYR D 407 5.92 -32.70 34.59
N ASN D 408 4.86 -32.01 35.00
CA ASN D 408 5.01 -30.65 35.52
C ASN D 408 6.04 -30.55 36.64
N ASP D 409 6.54 -29.34 36.94
CA ASP D 409 7.46 -29.22 38.06
C ASP D 409 7.35 -27.80 38.68
N ILE D 410 8.21 -27.42 39.63
CA ILE D 410 8.19 -26.11 40.36
C ILE D 410 6.87 -25.99 41.13
N GLY D 411 6.72 -24.92 41.90
CA GLY D 411 5.47 -24.56 42.62
C GLY D 411 5.50 -24.99 44.07
N THR D 412 4.53 -24.48 44.83
CA THR D 412 4.19 -24.88 46.23
C THR D 412 3.31 -26.13 46.19
N VAL D 413 2.05 -25.98 45.77
CA VAL D 413 1.02 -27.06 45.83
C VAL D 413 0.11 -26.93 44.59
N PRO D 414 0.57 -27.40 43.41
CA PRO D 414 -0.20 -27.23 42.16
C PRO D 414 -1.62 -27.85 42.15
N PHE D 415 -1.79 -29.01 41.50
CA PHE D 415 -2.96 -29.94 41.64
C PHE D 415 -2.50 -31.38 41.47
N TRP D 416 -1.25 -31.65 41.80
CA TRP D 416 -0.69 -32.98 41.76
C TRP D 416 -0.10 -33.19 43.14
N LYS D 417 0.28 -32.12 43.83
CA LYS D 417 0.72 -32.21 45.24
C LYS D 417 -0.49 -31.85 46.12
N GLY D 418 -1.70 -32.18 45.65
CA GLY D 418 -2.96 -31.86 46.34
C GLY D 418 -3.86 -33.08 46.48
N LEU D 419 -3.81 -34.00 45.53
CA LEU D 419 -4.73 -35.16 45.49
C LEU D 419 -4.07 -36.37 46.16
N GLU D 420 -3.53 -36.18 47.36
CA GLU D 420 -2.84 -37.24 48.14
C GLU D 420 -3.64 -37.53 49.42
N ASP D 421 -4.91 -37.14 49.43
CA ASP D 421 -5.83 -37.52 50.53
C ASP D 421 -7.01 -38.28 49.93
N GLY D 422 -7.46 -39.28 50.67
CA GLY D 422 -8.42 -40.31 50.21
C GLY D 422 -7.81 -41.70 50.27
N ALA D 423 -8.59 -42.70 49.86
CA ALA D 423 -8.21 -44.12 49.84
C ALA D 423 -6.99 -44.28 48.95
N PRO D 424 -6.26 -45.40 49.07
CA PRO D 424 -5.32 -45.83 48.05
C PRO D 424 -6.11 -46.35 46.84
N PHE D 425 -5.48 -46.31 45.66
CA PHE D 425 -6.01 -46.87 44.40
C PHE D 425 -5.58 -48.34 44.33
N GLU D 426 -6.53 -49.28 44.42
CA GLU D 426 -6.29 -50.75 44.34
C GLU D 426 -6.49 -51.19 42.87
N GLY D 427 -7.37 -50.49 42.14
CA GLY D 427 -7.47 -50.58 40.67
C GLY D 427 -8.35 -51.73 40.21
N TYR D 428 -7.83 -52.58 39.31
CA TYR D 428 -8.50 -53.81 38.83
C TYR D 428 -7.45 -54.68 38.13
N GLN D 429 -7.59 -56.01 38.22
CA GLN D 429 -6.66 -57.01 37.62
C GLN D 429 -7.01 -57.17 36.15
N PRO D 430 -6.02 -57.02 35.26
CA PRO D 430 -6.36 -57.25 33.88
C PRO D 430 -6.22 -58.70 33.53
N LYS D 431 -7.02 -59.15 32.57
CA LYS D 431 -6.91 -60.52 32.13
C LYS D 431 -5.49 -60.80 31.84
N SER D 432 -4.86 -59.91 31.12
CA SER D 432 -3.48 -60.09 30.79
C SER D 432 -2.78 -60.65 31.98
N LEU D 433 -3.02 -60.04 33.12
CA LEU D 433 -2.34 -60.49 34.36
C LEU D 433 -3.27 -61.41 35.17
N GLN D 434 -4.14 -62.18 34.50
CA GLN D 434 -5.04 -63.19 35.14
C GLN D 434 -4.17 -64.29 35.75
N GLY D 435 -4.21 -64.47 37.08
CA GLY D 435 -3.61 -65.60 37.82
C GLY D 435 -2.12 -65.41 38.13
N ARG D 436 -1.40 -64.56 37.39
CA ARG D 436 0.09 -64.39 37.46
C ARG D 436 0.49 -63.26 38.43
N ILE D 437 -0.48 -62.50 38.96
CA ILE D 437 -0.31 -61.50 40.05
C ILE D 437 -1.57 -61.53 40.92
N ASP D 438 -1.67 -60.69 41.96
CA ASP D 438 -2.86 -60.64 42.85
C ASP D 438 -3.45 -59.24 42.80
N ALA D 439 -4.70 -59.09 43.26
CA ALA D 439 -5.50 -57.84 43.18
C ALA D 439 -5.04 -56.84 44.24
N ASN D 440 -3.86 -57.09 44.83
CA ASN D 440 -3.24 -56.29 45.92
C ASN D 440 -1.91 -55.70 45.41
N GLU D 441 -1.31 -56.34 44.40
CA GLU D 441 0.05 -56.07 43.89
C GLU D 441 -0.05 -55.45 42.48
N VAL D 442 -1.27 -55.34 41.95
CA VAL D 442 -1.58 -54.71 40.64
C VAL D 442 -1.06 -53.27 40.69
N VAL D 443 -1.56 -52.49 41.66
CA VAL D 443 -1.07 -51.12 41.96
C VAL D 443 0.11 -51.25 42.91
N PRO D 444 1.36 -51.05 42.45
CA PRO D 444 2.53 -51.25 43.29
C PRO D 444 2.49 -50.28 44.47
N LYS D 445 2.70 -50.83 45.68
CA LYS D 445 3.12 -50.10 46.90
C LYS D 445 4.35 -49.26 46.52
N MET D 446 4.30 -47.94 46.74
CA MET D 446 5.36 -46.99 46.39
C MET D 446 5.57 -46.02 47.57
N GLN D 447 6.77 -45.42 47.65
CA GLN D 447 7.14 -44.35 48.62
C GLN D 447 6.12 -43.22 48.53
N TYR D 448 5.50 -43.05 47.36
CA TYR D 448 4.30 -42.21 47.18
C TYR D 448 3.17 -43.10 46.66
N GLN D 449 2.09 -43.25 47.45
CA GLN D 449 0.96 -44.15 47.12
C GLN D 449 -0.21 -43.35 46.54
N ILE D 450 -0.41 -43.48 45.23
CA ILE D 450 -1.42 -42.76 44.42
C ILE D 450 -2.80 -42.93 45.06
N SER D 451 -3.56 -41.84 45.20
CA SER D 451 -4.90 -41.81 45.83
C SER D 451 -5.94 -42.17 44.78
N GLU D 452 -7.04 -42.83 45.18
CA GLU D 452 -8.24 -43.03 44.32
C GLU D 452 -8.56 -41.70 43.62
N GLU D 453 -8.56 -40.60 44.37
CA GLU D 453 -8.94 -39.28 43.84
C GLU D 453 -8.04 -38.94 42.65
N MET D 454 -6.74 -38.89 42.80
CA MET D 454 -5.93 -38.49 41.68
C MET D 454 -6.38 -39.18 40.41
N VAL D 455 -6.39 -40.49 40.41
CA VAL D 455 -6.69 -41.30 39.19
C VAL D 455 -7.96 -40.76 38.54
N ARG D 456 -9.08 -40.70 39.28
CA ARG D 456 -10.37 -40.22 38.75
C ARG D 456 -10.15 -38.90 38.01
N ILE D 457 -9.46 -37.98 38.68
CA ILE D 457 -9.27 -36.59 38.22
C ILE D 457 -8.27 -36.58 37.06
N ALA D 458 -7.27 -37.41 37.11
CA ALA D 458 -6.37 -37.50 36.01
C ALA D 458 -7.15 -37.89 34.80
N GLN D 459 -7.76 -39.06 34.83
CA GLN D 459 -8.45 -39.54 33.66
C GLN D 459 -9.39 -38.49 33.13
N ARG D 460 -10.27 -38.00 33.98
CA ARG D 460 -11.22 -36.98 33.57
C ARG D 460 -10.51 -35.91 32.77
N GLN D 461 -9.25 -35.71 33.05
CA GLN D 461 -8.44 -34.70 32.33
C GLN D 461 -7.83 -35.31 31.08
N VAL D 462 -7.09 -36.41 31.25
CA VAL D 462 -6.51 -37.21 30.12
C VAL D 462 -7.57 -37.38 29.02
N THR D 463 -8.76 -37.84 29.43
CA THR D 463 -9.98 -37.92 28.58
C THR D 463 -10.16 -36.53 27.93
N SER D 464 -10.17 -35.45 28.72
CA SER D 464 -10.46 -34.07 28.26
C SER D 464 -9.50 -33.67 27.13
N LEU D 465 -8.20 -33.86 27.34
CA LEU D 465 -7.12 -33.44 26.40
C LEU D 465 -7.35 -34.10 25.04
N HIS D 466 -7.65 -35.41 25.03
CA HIS D 466 -7.81 -36.27 23.82
C HIS D 466 -9.23 -36.17 23.25
N ASP D 467 -10.01 -35.18 23.68
CA ASP D 467 -11.41 -34.88 23.24
C ASP D 467 -12.19 -36.18 23.07
N GLN D 468 -12.08 -37.10 24.04
CA GLN D 468 -12.94 -38.30 24.16
C GLN D 468 -14.01 -38.00 25.20
N ILE D 469 -14.99 -38.90 25.35
CA ILE D 469 -16.14 -38.75 26.30
C ILE D 469 -15.85 -39.67 27.50
N GLU D 470 -15.44 -40.91 27.21
CA GLU D 470 -15.08 -41.92 28.24
C GLU D 470 -13.94 -42.78 27.71
N LEU D 471 -12.91 -42.96 28.54
CA LEU D 471 -11.72 -43.78 28.20
C LEU D 471 -11.71 -45.02 29.09
N PRO D 472 -11.06 -46.11 28.64
CA PRO D 472 -10.92 -47.30 29.48
C PRO D 472 -10.27 -46.91 30.82
N ALA D 473 -10.75 -47.48 31.92
CA ALA D 473 -10.15 -47.35 33.27
C ALA D 473 -8.73 -47.92 33.27
N PRO D 474 -7.72 -47.22 33.83
CA PRO D 474 -6.40 -47.83 34.00
C PRO D 474 -6.44 -48.90 35.10
N TYR D 475 -5.70 -50.00 34.93
CA TYR D 475 -5.74 -51.19 35.82
C TYR D 475 -4.78 -51.03 37.00
N SER D 476 -3.58 -50.48 36.74
CA SER D 476 -2.53 -50.10 37.72
C SER D 476 -2.13 -48.64 37.49
N ALA D 477 -1.57 -47.97 38.50
CA ALA D 477 -1.03 -46.60 38.37
C ALA D 477 0.05 -46.37 39.43
N VAL D 478 1.03 -45.53 39.14
CA VAL D 478 2.07 -45.12 40.14
C VAL D 478 2.26 -43.61 40.04
N TYR D 479 2.19 -42.95 41.19
CA TYR D 479 2.59 -41.53 41.35
C TYR D 479 3.93 -41.47 42.07
N HIS D 480 4.70 -40.43 41.74
CA HIS D 480 5.97 -40.13 42.43
C HIS D 480 6.12 -38.62 42.53
N ALA D 481 6.99 -38.19 43.45
CA ALA D 481 7.44 -36.79 43.59
C ALA D 481 8.88 -36.80 44.09
N TRP D 482 9.74 -36.12 43.34
CA TRP D 482 11.07 -35.64 43.79
C TRP D 482 10.85 -34.27 44.45
N ASP D 483 10.05 -34.26 45.52
CA ASP D 483 9.41 -33.07 46.13
C ASP D 483 10.04 -32.76 47.49
N ALA D 484 10.66 -33.74 48.15
CA ALA D 484 10.86 -33.75 49.61
C ALA D 484 12.22 -34.36 49.97
N ASP D 485 12.67 -34.09 51.21
CA ASP D 485 13.91 -34.64 51.82
C ASP D 485 14.03 -36.10 51.41
N PRO D 486 15.21 -36.56 50.92
CA PRO D 486 16.46 -35.81 50.97
C PRO D 486 16.82 -35.03 49.70
N PHE D 487 16.02 -35.11 48.63
CA PHE D 487 16.33 -34.58 47.27
C PHE D 487 15.86 -33.13 47.05
N GLY D 488 14.75 -32.76 47.69
CA GLY D 488 14.11 -31.42 47.60
C GLY D 488 13.47 -31.19 46.23
N GLY D 489 14.29 -31.16 45.18
CA GLY D 489 13.83 -31.02 43.78
C GLY D 489 14.22 -32.24 42.96
N GLY D 490 13.78 -32.25 41.70
CA GLY D 490 14.13 -33.29 40.70
C GLY D 490 15.37 -32.90 39.92
N TRP D 491 15.47 -31.60 39.65
CA TRP D 491 16.63 -31.08 38.97
C TRP D 491 16.96 -29.69 39.50
N HIS D 492 18.09 -29.15 39.09
CA HIS D 492 18.61 -27.85 39.58
C HIS D 492 18.70 -26.90 38.38
N GLU D 493 18.70 -25.60 38.68
CA GLU D 493 18.69 -24.48 37.70
C GLU D 493 19.40 -23.29 38.35
N TRP D 494 20.65 -23.02 37.89
CA TRP D 494 21.48 -21.80 38.14
C TRP D 494 20.58 -20.56 38.24
N LYS D 495 20.65 -19.83 39.34
CA LYS D 495 19.98 -18.52 39.42
C LYS D 495 20.76 -17.58 38.50
N ALA D 496 20.14 -16.47 38.08
CA ALA D 496 20.83 -15.39 37.31
C ALA D 496 21.69 -14.57 38.27
N ASN D 497 22.62 -13.78 37.71
CA ASN D 497 23.51 -12.84 38.44
C ASN D 497 24.56 -13.64 39.24
N TYR D 498 24.62 -14.95 39.04
CA TYR D 498 25.65 -15.85 39.64
C TYR D 498 26.57 -16.33 38.51
N ARG D 499 27.88 -16.35 38.77
CA ARG D 499 28.94 -16.75 37.81
C ARG D 499 29.09 -18.28 37.80
N LEU D 500 28.04 -18.99 37.37
CA LEU D 500 28.05 -20.47 37.23
C LEU D 500 29.38 -20.95 36.64
N ASP D 501 29.91 -20.21 35.66
CA ASP D 501 31.15 -20.57 34.90
C ASP D 501 32.26 -20.98 35.89
N LEU D 502 32.48 -20.15 36.91
CA LEU D 502 33.52 -20.33 37.96
C LEU D 502 33.01 -21.37 38.97
N ILE D 503 31.76 -21.22 39.41
CA ILE D 503 31.12 -22.06 40.47
C ILE D 503 31.14 -23.52 40.04
N ILE D 504 31.01 -23.81 38.75
CA ILE D 504 31.15 -25.19 38.21
C ILE D 504 32.53 -25.72 38.59
N GLN D 505 33.57 -24.89 38.44
CA GLN D 505 35.00 -25.29 38.62
C GLN D 505 35.35 -25.36 40.11
N ARG D 506 34.78 -24.48 40.94
CA ARG D 506 35.18 -24.39 42.37
C ARG D 506 34.43 -25.42 43.20
N MET D 507 33.14 -25.63 42.92
CA MET D 507 32.23 -26.41 43.78
C MET D 507 32.70 -27.87 43.87
N ARG D 508 33.51 -28.33 42.92
CA ARG D 508 34.08 -29.71 42.92
C ARG D 508 35.03 -29.86 44.12
N HIS D 509 35.68 -28.77 44.57
CA HIS D 509 36.61 -28.73 45.72
C HIS D 509 36.47 -27.38 46.43
N PRO D 510 35.38 -27.15 47.19
CA PRO D 510 35.00 -25.81 47.65
C PRO D 510 36.03 -25.14 48.58
N VAL D 511 36.57 -25.92 49.50
CA VAL D 511 37.64 -25.49 50.45
C VAL D 511 38.91 -26.27 50.09
N GLN D 512 39.96 -25.55 49.67
CA GLN D 512 41.18 -26.14 49.08
C GLN D 512 42.06 -26.74 50.20
N GLU D 513 41.82 -26.35 51.46
CA GLU D 513 42.50 -26.91 52.67
C GLU D 513 42.01 -28.33 52.94
N GLN D 514 40.69 -28.52 52.88
CA GLN D 514 40.01 -29.81 53.16
C GLN D 514 40.23 -30.78 52.00
N GLU D 515 39.73 -32.00 52.19
CA GLU D 515 39.75 -33.11 51.19
C GLU D 515 38.30 -33.56 50.95
N VAL D 516 37.33 -32.65 51.01
CA VAL D 516 35.90 -32.97 50.74
C VAL D 516 35.57 -32.44 49.34
N TYR D 517 35.01 -33.30 48.49
CA TYR D 517 34.75 -33.05 47.05
C TYR D 517 33.26 -33.21 46.78
N ILE D 518 32.67 -32.30 46.00
CA ILE D 518 31.21 -32.29 45.64
C ILE D 518 31.07 -32.56 44.15
N VAL D 519 30.29 -33.58 43.81
CA VAL D 519 29.96 -34.02 42.41
C VAL D 519 28.43 -34.20 42.29
N GLY D 520 27.88 -33.99 41.11
CA GLY D 520 26.45 -34.08 40.92
C GLY D 520 25.97 -33.38 39.68
N GLU D 521 24.66 -33.33 39.48
CA GLU D 521 24.11 -32.64 38.33
C GLU D 521 23.80 -31.22 38.71
N ALA D 522 23.67 -30.96 40.00
CA ALA D 522 23.27 -29.64 40.44
C ALA D 522 24.21 -28.51 40.07
N TYR D 523 25.51 -28.72 40.17
CA TYR D 523 26.49 -27.62 39.94
C TYR D 523 27.30 -27.90 38.68
N SER D 524 26.58 -28.27 37.61
CA SER D 524 27.10 -28.71 36.30
C SER D 524 26.45 -27.87 35.19
N TYR D 525 27.10 -27.77 34.03
CA TYR D 525 26.51 -27.16 32.82
C TYR D 525 25.43 -28.11 32.29
N GLY D 526 25.43 -29.36 32.78
CA GLY D 526 24.47 -30.42 32.41
C GLY D 526 23.35 -30.59 33.42
N GLN D 527 22.83 -29.48 33.97
CA GLN D 527 21.71 -29.49 34.94
C GLN D 527 20.50 -30.20 34.31
N GLY D 528 19.76 -30.99 35.10
CA GLY D 528 18.59 -31.74 34.65
C GLY D 528 18.94 -32.95 33.80
N TRP D 529 20.22 -33.14 33.46
CA TRP D 529 20.73 -34.34 32.75
C TRP D 529 21.63 -35.18 33.66
N VAL D 530 21.79 -36.46 33.31
CA VAL D 530 22.81 -37.38 33.87
C VAL D 530 24.20 -36.85 33.49
N GLU D 531 24.44 -36.62 32.19
CA GLU D 531 25.78 -36.23 31.66
C GLU D 531 26.46 -35.27 32.65
N GLY D 532 25.70 -34.30 33.18
CA GLY D 532 26.14 -33.40 34.27
C GLY D 532 26.88 -34.15 35.37
N ALA D 533 26.18 -35.09 36.03
CA ALA D 533 26.72 -35.96 37.11
C ALA D 533 28.03 -36.60 36.63
N LEU D 534 28.03 -37.20 35.45
CA LEU D 534 29.19 -37.99 34.95
C LEU D 534 30.37 -37.06 34.67
N THR D 535 30.12 -35.86 34.12
CA THR D 535 31.15 -34.87 33.71
C THR D 535 31.83 -34.25 34.94
N THR D 536 31.04 -33.76 35.90
CA THR D 536 31.53 -33.21 37.20
C THR D 536 32.50 -34.23 37.80
N ALA D 537 31.97 -35.40 38.20
CA ALA D 537 32.71 -36.55 38.78
C ALA D 537 34.02 -36.75 38.03
N GLU D 538 33.99 -36.97 36.74
CA GLU D 538 35.22 -37.28 36.04
C GLU D 538 36.23 -36.19 36.27
N SER D 539 35.87 -34.94 35.99
CA SER D 539 36.90 -33.87 36.11
C SER D 539 37.40 -33.83 37.56
N THR D 540 36.49 -33.92 38.54
CA THR D 540 36.84 -34.03 39.98
C THR D 540 37.84 -35.18 40.15
N LEU D 541 37.72 -36.26 39.41
CA LEU D 541 38.66 -37.34 39.58
C LEU D 541 39.91 -37.07 38.79
N GLN D 542 39.74 -36.68 37.55
CA GLN D 542 40.93 -36.46 36.66
C GLN D 542 41.84 -35.43 37.33
N ASP D 543 41.26 -34.46 38.06
CA ASP D 543 42.00 -33.28 38.60
C ASP D 543 42.49 -33.51 40.04
N PHE D 544 41.65 -34.03 40.92
CA PHE D 544 41.95 -34.11 42.37
C PHE D 544 42.15 -35.56 42.84
N PHE D 545 41.79 -36.56 42.05
CA PHE D 545 41.95 -37.99 42.46
C PHE D 545 42.95 -38.69 41.55
N GLY D 546 43.63 -37.92 40.69
CA GLY D 546 44.80 -38.33 39.88
C GLY D 546 44.48 -39.46 38.92
N LEU D 547 43.22 -39.63 38.58
CA LEU D 547 42.83 -40.70 37.69
C LEU D 547 43.09 -40.30 36.25
N PRO D 548 43.23 -41.29 35.38
CA PRO D 548 43.44 -41.01 33.97
C PRO D 548 42.11 -40.81 33.30
N ARG D 549 42.12 -40.74 31.99
CA ARG D 549 40.89 -40.54 31.26
C ARG D 549 40.55 -41.84 30.60
N PRO D 550 39.38 -42.37 30.91
CA PRO D 550 39.00 -43.65 30.37
C PRO D 550 39.32 -43.76 28.88
N ALA D 551 39.96 -44.85 28.46
CA ALA D 551 40.27 -45.05 27.03
C ALA D 551 39.00 -44.92 26.19
N TRP D 552 37.82 -45.08 26.81
CA TRP D 552 36.49 -44.91 26.13
C TRP D 552 36.05 -43.45 26.07
N LEU D 553 36.60 -42.56 26.89
CA LEU D 553 36.15 -41.13 26.94
C LEU D 553 37.04 -40.28 26.05
N PRO D 554 36.54 -39.80 24.89
CA PRO D 554 37.40 -39.21 23.88
C PRO D 554 38.03 -37.87 24.32
N GLU D 555 39.29 -37.63 23.91
CA GLU D 555 40.07 -36.41 24.24
C GLU D 555 39.28 -35.18 23.80
N ALA D 556 38.55 -35.24 22.70
CA ALA D 556 37.87 -34.07 22.21
C ALA D 556 36.84 -33.53 23.16
N TYR D 557 35.95 -34.39 23.61
CA TYR D 557 34.89 -33.96 24.48
C TYR D 557 35.41 -33.22 25.67
N GLN D 558 35.13 -31.93 25.76
CA GLN D 558 35.51 -31.18 26.93
C GLN D 558 34.45 -31.41 27.94
N LEU D 559 34.82 -31.92 29.09
CA LEU D 559 33.84 -32.23 30.09
C LEU D 559 33.12 -30.98 30.52
N LEU D 560 33.68 -30.30 31.51
CA LEU D 560 33.03 -29.11 32.00
C LEU D 560 33.55 -27.91 31.25
N PRO D 561 32.67 -26.98 30.92
CA PRO D 561 33.08 -25.82 30.14
C PRO D 561 34.05 -24.95 30.88
N ALA D 562 34.79 -24.11 30.18
CA ALA D 562 35.79 -23.29 30.83
C ALA D 562 35.20 -21.96 31.17
N PRO D 563 35.68 -21.36 32.26
CA PRO D 563 35.01 -20.13 32.67
C PRO D 563 35.57 -18.91 31.92
N ALA D 564 34.90 -17.78 32.08
CA ALA D 564 35.38 -16.46 31.63
C ALA D 564 36.37 -15.94 32.68
N PRO D 565 37.31 -15.05 32.30
CA PRO D 565 38.11 -14.31 33.29
C PRO D 565 37.20 -13.68 34.36
N VAL D 566 37.73 -13.46 35.56
CA VAL D 566 36.94 -13.01 36.76
C VAL D 566 36.74 -11.49 36.71
N ASP D 567 37.44 -10.81 35.78
CA ASP D 567 37.19 -9.41 35.35
C ASP D 567 36.66 -9.43 33.91
N ILE D 568 35.36 -9.23 33.72
CA ILE D 568 34.72 -8.99 32.39
C ILE D 568 34.14 -7.56 32.36
N ASP D 569 34.58 -6.69 33.28
CA ASP D 569 34.07 -5.30 33.47
C ASP D 569 34.20 -4.52 32.15
N ASN D 570 35.29 -4.75 31.41
CA ASN D 570 35.53 -4.24 30.04
C ASN D 570 36.04 -5.39 29.20
N PRO D 571 35.17 -6.22 28.59
CA PRO D 571 35.61 -7.44 27.92
C PRO D 571 36.10 -7.12 26.51
N PRO D 572 37.22 -7.73 26.04
CA PRO D 572 37.64 -7.58 24.65
C PRO D 572 36.55 -8.09 23.68
N ALA D 573 36.17 -7.26 22.70
CA ALA D 573 35.11 -7.55 21.69
C ALA D 573 35.30 -8.95 21.10
N LEU D 574 34.26 -9.75 21.07
CA LEU D 574 34.36 -11.07 20.47
C LEU D 574 34.72 -10.94 19.02
N ALA D 575 35.63 -11.78 18.56
CA ALA D 575 35.99 -11.76 17.17
C ALA D 575 34.88 -12.35 16.35
N CYS D 576 34.12 -11.51 15.67
CA CYS D 576 33.10 -12.03 14.81
C CYS D 576 33.81 -12.77 13.71
N THR D 577 34.15 -14.02 13.96
CA THR D 577 34.87 -14.81 12.98
C THR D 577 34.07 -14.90 11.70
N ASP D 578 33.01 -15.70 11.73
CA ASP D 578 32.25 -15.88 10.50
C ASP D 578 30.82 -15.38 10.54
N CYS D 579 30.60 -14.19 10.00
CA CYS D 579 29.22 -13.64 9.89
C CYS D 579 28.64 -14.02 8.52
N LYS D 580 29.49 -14.01 7.49
CA LYS D 580 29.16 -14.44 6.11
C LYS D 580 28.26 -15.69 6.18
N LYS D 581 28.53 -16.59 7.13
CA LYS D 581 27.77 -17.85 7.35
C LYS D 581 26.59 -17.58 8.28
N THR D 582 26.88 -17.08 9.49
CA THR D 582 25.92 -16.94 10.61
C THR D 582 24.70 -16.12 10.20
N LEU D 583 24.91 -14.93 9.63
CA LEU D 583 23.82 -13.95 9.29
C LEU D 583 22.92 -14.53 8.19
N THR D 584 23.47 -15.40 7.33
CA THR D 584 22.73 -16.11 6.25
C THR D 584 21.66 -17.01 6.87
N GLU D 585 22.06 -17.87 7.80
CA GLU D 585 21.23 -18.89 8.47
C GLU D 585 20.18 -18.19 9.34
N VAL D 586 20.61 -17.25 10.18
CA VAL D 586 19.76 -16.41 11.07
C VAL D 586 18.61 -15.84 10.22
N THR D 587 18.95 -15.34 9.04
CA THR D 587 18.01 -14.80 8.02
C THR D 587 17.14 -15.95 7.52
N GLU D 588 17.76 -16.98 6.94
CA GLU D 588 17.06 -18.16 6.38
C GLU D 588 16.13 -18.77 7.44
N PHE D 589 16.55 -18.78 8.71
CA PHE D 589 15.72 -19.24 9.84
C PHE D 589 14.45 -18.40 9.93
N ALA D 590 14.55 -17.09 9.74
CA ALA D 590 13.42 -16.14 9.76
C ALA D 590 12.43 -16.49 8.63
N TYR D 591 12.92 -16.63 7.38
CA TYR D 591 12.10 -16.91 6.17
C TYR D 591 11.17 -18.11 6.41
N THR D 592 11.51 -18.93 7.38
CA THR D 592 10.63 -20.04 7.69
C THR D 592 9.32 -19.51 8.26
N GLY D 593 9.41 -18.63 9.23
CA GLY D 593 8.21 -18.10 9.92
C GLY D 593 7.57 -16.95 9.18
N ILE D 594 7.39 -17.06 7.85
CA ILE D 594 6.75 -16.03 6.98
C ILE D 594 5.64 -16.72 6.17
PA FAD E . 26.15 19.67 -6.82
O1A FAD E . 24.99 19.98 -5.94
O2A FAD E . 26.77 18.31 -6.74
O5B FAD E . 27.30 20.78 -6.63
C5B FAD E . 27.01 22.18 -6.31
C4B FAD E . 28.26 22.83 -5.79
O4B FAD E . 28.13 24.27 -5.89
C3B FAD E . 28.60 22.55 -4.32
O3B FAD E . 29.93 22.02 -4.23
C2B FAD E . 28.45 23.91 -3.63
O2B FAD E . 29.34 24.15 -2.55
C1B FAD E . 28.81 24.84 -4.80
N9A FAD E . 28.37 26.19 -4.64
C8A FAD E . 27.17 26.64 -4.17
N7A FAD E . 27.09 27.95 -4.15
C5A FAD E . 28.31 28.38 -4.64
C6A FAD E . 28.84 29.67 -4.85
N6A FAD E . 28.19 30.80 -4.60
N1A FAD E . 30.11 29.74 -5.35
C2A FAD E . 30.77 28.60 -5.59
N3A FAD E . 30.36 27.34 -5.43
C4A FAD E . 29.12 27.31 -4.94
N1 FAD E . 22.33 10.48 -7.91
C2 FAD E . 22.53 9.19 -8.29
O2 FAD E . 22.99 8.92 -9.41
N3 FAD E . 22.22 8.15 -7.46
C4 FAD E . 21.71 8.35 -6.20
O4 FAD E . 21.44 7.39 -5.49
C4X FAD E . 21.50 9.66 -5.78
N5 FAD E . 21.01 9.86 -4.58
C5X FAD E . 20.81 11.15 -4.19
C6 FAD E . 20.30 11.37 -2.89
C7 FAD E . 20.09 12.64 -2.42
C7M FAD E . 19.54 12.83 -1.04
C8 FAD E . 20.38 13.75 -3.25
C8M FAD E . 20.14 15.16 -2.77
C9 FAD E . 20.88 13.55 -4.52
C9A FAD E . 21.11 12.25 -5.01
N10 FAD E . 21.63 12.00 -6.29
C10 FAD E . 21.84 10.70 -6.71
C1' FAD E . 21.95 13.11 -7.20
C2' FAD E . 23.36 13.67 -7.01
O2' FAD E . 23.53 14.22 -5.70
C3' FAD E . 23.61 14.74 -8.09
O3' FAD E . 23.68 14.06 -9.33
C4' FAD E . 24.86 15.62 -7.96
O4' FAD E . 25.34 15.64 -6.62
C5' FAD E . 24.59 17.05 -8.37
O5' FAD E . 25.76 17.59 -9.08
P FAD E . 25.70 19.08 -9.68
O1P FAD E . 26.99 19.35 -10.38
O2P FAD E . 24.40 19.26 -10.40
O3P FAD E . 25.68 19.95 -8.34
PA FAD F . -3.38 42.70 5.69
O1A FAD F . -2.67 41.63 4.93
O2A FAD F . -4.87 42.81 5.54
O5B FAD F . -2.71 44.12 5.42
C5B FAD F . -1.58 44.25 4.52
C4B FAD F . -1.89 45.31 3.48
O4B FAD F . -0.66 45.97 3.09
C3B FAD F . -2.53 44.81 2.19
O3B FAD F . -3.53 45.70 1.73
C2B FAD F . -1.33 44.72 1.24
O2B FAD F . -1.76 44.78 -0.12
C1B FAD F . -0.53 45.93 1.68
N9A FAD F . 0.90 45.90 1.35
C8A FAD F . 1.74 44.82 1.31
N7A FAD F . 2.96 45.13 0.97
C5A FAD F . 2.93 46.50 0.77
C6A FAD F . 3.92 47.43 0.38
N6A FAD F . 5.18 47.09 0.11
N1A FAD F . 3.54 48.72 0.25
C2A FAD F . 2.27 49.05 0.52
N3A FAD F . 1.26 48.27 0.90
C4A FAD F . 1.67 46.99 1.00
N1 FAD F . -9.94 36.45 10.25
C2 FAD F . -11.06 36.44 11.00
O2 FAD F . -11.18 37.18 11.98
N3 FAD F . -12.09 35.60 10.74
C4 FAD F . -12.06 34.73 9.69
O4 FAD F . -13.01 33.98 9.48
C4X FAD F . -10.94 34.73 8.88
N5 FAD F . -10.93 33.91 7.87
C5X FAD F . -9.83 33.93 7.06
C6 FAD F . -9.82 33.04 5.96
C7 FAD F . -8.77 33.00 5.09
C7M FAD F . -8.84 32.03 3.92
C8 FAD F . -7.66 33.86 5.29
C8M FAD F . -6.48 33.83 4.35
C9 FAD F . -7.64 34.72 6.38
C9A FAD F . -8.72 34.78 7.28
N10 FAD F . -8.77 35.65 8.38
C10 FAD F . -9.88 35.65 9.21
C1' FAD F . -7.63 36.54 8.68
C2' FAD F . -7.76 37.95 8.11
O2' FAD F . -8.31 37.94 6.79
C3' FAD F . -6.40 38.66 8.07
O3' FAD F . -5.57 38.16 9.11
C4' FAD F . -6.47 40.18 8.22
O4' FAD F . -7.30 40.71 7.17
C5' FAD F . -5.10 40.82 8.15
O5' FAD F . -5.15 42.25 8.44
P FAD F . -3.79 43.10 8.52
O1P FAD F . -4.11 44.54 8.34
O2P FAD F . -2.98 42.66 9.69
O3P FAD F . -3.02 42.54 7.22
PA FAD G . -33.26 -7.90 -45.38
O1A FAD G . -33.83 -6.99 -44.33
O2A FAD G . -31.78 -8.06 -45.51
O5B FAD G . -33.87 -7.48 -46.80
C5B FAD G . -35.03 -6.61 -46.88
C4B FAD G . -34.89 -5.71 -48.08
O4B FAD G . -36.19 -5.35 -48.59
C3B FAD G . -34.16 -4.37 -47.84
O3B FAD G . -33.33 -4.08 -48.95
C2B FAD G . -35.33 -3.38 -47.73
O2B FAD G . -34.93 -2.05 -47.99
C1B FAD G . -36.22 -3.96 -48.80
N9A FAD G . -37.62 -3.56 -48.81
C8A FAD G . -38.52 -3.59 -47.78
N7A FAD G . -39.71 -3.16 -48.14
C5A FAD G . -39.58 -2.85 -49.49
C6A FAD G . -40.48 -2.36 -50.46
N6A FAD G . -41.76 -2.09 -50.20
N1A FAD G . -40.00 -2.18 -51.71
C2A FAD G . -38.72 -2.45 -51.97
N3A FAD G . -37.79 -2.92 -51.14
C4A FAD G . -38.29 -3.10 -49.91
N1 FAD G . -26.98 -12.78 -39.22
C2 FAD G . -25.83 -13.47 -39.14
O2 FAD G . -25.65 -14.51 -39.81
N3 FAD G . -24.84 -13.09 -38.29
C4 FAD G . -24.96 -11.98 -37.48
O4 FAD G . -24.04 -11.65 -36.74
C4X FAD G . -26.12 -11.23 -37.56
N5 FAD G . -26.22 -10.18 -36.81
C5X FAD G . -27.37 -9.43 -36.92
C6 FAD G . -27.47 -8.27 -36.14
C7 FAD G . -28.58 -7.45 -36.22
C7M FAD G . -28.64 -6.20 -35.38
C8 FAD G . -29.64 -7.81 -37.09
C8M FAD G . -30.87 -6.94 -37.17
C9 FAD G . -29.57 -8.97 -37.83
C9A FAD G . -28.43 -9.79 -37.79
N10 FAD G . -28.28 -10.95 -38.55
C10 FAD G . -27.13 -11.70 -38.48
C1' FAD G . -29.36 -11.38 -39.46
C2' FAD G . -29.18 -10.91 -40.90
O2' FAD G . -28.84 -9.54 -40.94
C3' FAD G . -30.47 -11.15 -41.67
O3' FAD G . -30.84 -12.52 -41.54
C4' FAD G . -30.43 -10.80 -43.15
O4' FAD G . -29.56 -9.70 -43.40
C5' FAD G . -31.82 -10.45 -43.65
O5' FAD G . -31.98 -10.76 -45.07
P FAD G . -33.48 -10.77 -45.66
O1P FAD G . -33.34 -10.82 -47.15
O2P FAD G . -34.31 -11.79 -44.93
O3P FAD G . -33.96 -9.33 -45.18
PA FAD H . 21.18 -38.21 42.58
O1A FAD H . 20.21 -37.39 43.36
O2A FAD H . 20.67 -39.11 41.49
O5B FAD H . 22.10 -39.06 43.56
C5B FAD H . 22.23 -38.72 44.95
C4B FAD H . 22.23 -40.00 45.76
O4B FAD H . 22.68 -39.72 47.11
C3B FAD H . 20.86 -40.67 45.90
O3B FAD H . 21.02 -42.09 45.87
C2B FAD H . 20.38 -40.15 47.26
O2B FAD H . 19.39 -40.93 47.89
C1B FAD H . 21.71 -40.19 48.01
N9A FAD H . 21.75 -39.35 49.19
C8A FAD H . 21.23 -38.08 49.35
N7A FAD H . 21.45 -37.59 50.55
C5A FAD H . 22.13 -38.60 51.22
C6A FAD H . 22.62 -38.70 52.54
N6A FAD H . 22.50 -37.73 53.44
N1A FAD H . 23.24 -39.86 52.88
C2A FAD H . 23.35 -40.83 51.96
N3A FAD H . 22.92 -40.84 50.71
C4A FAD H . 22.31 -39.69 50.40
N1 FAD H . 18.60 -36.93 33.25
C2 FAD H . 18.84 -37.34 31.98
O2 FAD H . 19.99 -37.48 31.53
N3 FAD H . 17.81 -37.57 31.12
C4 FAD H . 16.50 -37.41 31.48
O4 FAD H . 15.62 -37.64 30.67
C4X FAD H . 16.23 -37.03 32.80
N5 FAD H . 14.98 -36.90 33.16
C5X FAD H . 14.74 -36.58 34.46
C6 FAD H . 13.39 -36.49 34.86
C7 FAD H . 13.06 -36.19 36.16
C7M FAD H . 11.60 -36.11 36.56
C8 FAD H . 14.09 -35.95 37.11
C8M FAD H . 13.76 -35.61 38.53
C9 FAD H . 15.42 -36.00 36.71
C9A FAD H . 15.77 -36.33 35.39
N10 FAD H . 17.09 -36.44 34.96
C10 FAD H . 17.36 -36.81 33.65
C1' FAD H . 18.20 -36.17 35.89
C2' FAD H . 18.97 -37.41 36.30
O2' FAD H . 18.09 -38.44 36.77
C3' FAD H . 19.97 -37.01 37.39
O3' FAD H . 20.79 -35.98 36.83
C4' FAD H . 20.91 -38.09 37.95
O4' FAD H . 20.20 -39.02 38.77
C5' FAD H . 22.02 -37.46 38.75
O5' FAD H . 22.58 -38.32 39.78
P FAD H . 23.43 -37.60 40.93
O1P FAD H . 24.34 -38.62 41.53
O2P FAD H . 23.95 -36.30 40.40
O3P FAD H . 22.29 -37.23 41.98
#